data_4WYH
# 
_entry.id   4WYH 
# 
_audit_conform.dict_name       mmcif_pdbx.dic 
_audit_conform.dict_version    5.387 
_audit_conform.dict_location   http://mmcif.pdb.org/dictionaries/ascii/mmcif_pdbx.dic 
# 
loop_
_database_2.database_id 
_database_2.database_code 
_database_2.pdbx_database_accession 
_database_2.pdbx_DOI 
PDB   4WYH         pdb_00004wyh 10.2210/pdb4wyh/pdb 
WWPDB D_1000204773 ?            ?                   
# 
loop_
_pdbx_audit_revision_history.ordinal 
_pdbx_audit_revision_history.data_content_type 
_pdbx_audit_revision_history.major_revision 
_pdbx_audit_revision_history.minor_revision 
_pdbx_audit_revision_history.revision_date 
1 'Structure model' 1 0 2015-06-24 
2 'Structure model' 1 1 2015-07-01 
3 'Structure model' 1 2 2024-03-20 
# 
_pdbx_audit_revision_details.ordinal             1 
_pdbx_audit_revision_details.revision_ordinal    1 
_pdbx_audit_revision_details.data_content_type   'Structure model' 
_pdbx_audit_revision_details.provider            repository 
_pdbx_audit_revision_details.type                'Initial release' 
_pdbx_audit_revision_details.description         ? 
_pdbx_audit_revision_details.details             ? 
# 
loop_
_pdbx_audit_revision_group.ordinal 
_pdbx_audit_revision_group.revision_ordinal 
_pdbx_audit_revision_group.data_content_type 
_pdbx_audit_revision_group.group 
1 2 'Structure model' 'Database references'  
2 3 'Structure model' 'Data collection'      
3 3 'Structure model' 'Database references'  
4 3 'Structure model' 'Derived calculations' 
5 3 'Structure model' 'Source and taxonomy'  
# 
loop_
_pdbx_audit_revision_category.ordinal 
_pdbx_audit_revision_category.revision_ordinal 
_pdbx_audit_revision_category.data_content_type 
_pdbx_audit_revision_category.category 
1 3 'Structure model' chem_comp_atom        
2 3 'Structure model' chem_comp_bond        
3 3 'Structure model' database_2            
4 3 'Structure model' entity_src_gen        
5 3 'Structure model' pdbx_struct_oper_list 
# 
loop_
_pdbx_audit_revision_item.ordinal 
_pdbx_audit_revision_item.revision_ordinal 
_pdbx_audit_revision_item.data_content_type 
_pdbx_audit_revision_item.item 
1 3 'Structure model' '_database_2.pdbx_DOI'                      
2 3 'Structure model' '_database_2.pdbx_database_accession'       
3 3 'Structure model' '_entity_src_gen.pdbx_alt_source_flag'      
4 3 'Structure model' '_pdbx_struct_oper_list.symmetry_operation' 
# 
_pdbx_database_status.status_code                     REL 
_pdbx_database_status.status_code_sf                  REL 
_pdbx_database_status.status_code_mr                  ? 
_pdbx_database_status.entry_id                        4WYH 
_pdbx_database_status.recvd_initial_deposition_date   2014-11-17 
_pdbx_database_status.SG_entry                        N 
_pdbx_database_status.deposit_site                    RCSB 
_pdbx_database_status.process_site                    PDBJ 
_pdbx_database_status.status_code_cs                  ? 
_pdbx_database_status.methods_development_category    ? 
_pdbx_database_status.pdb_format_compatible           Y 
_pdbx_database_status.status_code_nmr_data            ? 
# 
_audit_author.name           'Ouyang, S.' 
_audit_author.pdbx_ordinal   1 
# 
_citation.abstract                  ? 
_citation.abstract_id_CAS           ? 
_citation.book_id_ISBN              ? 
_citation.book_publisher            ? 
_citation.book_publisher_city       ? 
_citation.book_title                ? 
_citation.coordinate_linkage        ? 
_citation.country                   UK 
_citation.database_id_Medline       ? 
_citation.details                   ? 
_citation.id                        primary 
_citation.journal_abbrev            'Nat Commun' 
_citation.journal_id_ASTM           ? 
_citation.journal_id_CSD            ? 
_citation.journal_id_ISSN           2041-1723 
_citation.journal_full              ? 
_citation.journal_issue             ? 
_citation.journal_volume            6 
_citation.language                  ? 
_citation.page_first                7300 
_citation.page_last                 7300 
_citation.title                     
'A primase subunit essential for efficient primer synthesis by an archaeal eukaryotic-type primase.' 
_citation.year                      2015 
_citation.database_id_CSD           ? 
_citation.pdbx_database_id_DOI      10.1038/ncomms8300 
_citation.pdbx_database_id_PubMed   26095544 
_citation.unpublished_flag          ? 
# 
loop_
_citation_author.citation_id 
_citation_author.name 
_citation_author.ordinal 
_citation_author.identifier_ORCID 
primary 'Liu, B.'        1  ? 
primary 'Ouyang, S.'     2  ? 
primary 'Makarova, K.S.' 3  ? 
primary 'Xia, Q.'        4  ? 
primary 'Zhu, Y.'        5  ? 
primary 'Li, Z.'         6  ? 
primary 'Guo, L.'        7  ? 
primary 'Koonin, E.V.'   8  ? 
primary 'Liu, Z.J.'      9  ? 
primary 'Huang, L.'      10 ? 
# 
loop_
_entity.id 
_entity.type 
_entity.src_method 
_entity.pdbx_description 
_entity.formula_weight 
_entity.pdbx_number_of_molecules 
_entity.pdbx_ec 
_entity.pdbx_mutation 
_entity.pdbx_fragment 
_entity.details 
1 polymer     man 'Uncharacterized protein' 15130.359 1  ? ? 'UNP RESIDUES 26-154' ? 
2 non-polymer syn 'IODIDE ION'              126.904   5  ? ? ?                     ? 
3 water       nat water                     18.015    87 ? ? ?                     ? 
# 
_entity_poly.entity_id                      1 
_entity_poly.type                           'polypeptide(L)' 
_entity_poly.nstd_linkage                   no 
_entity_poly.nstd_monomer                   no 
_entity_poly.pdbx_seq_one_letter_code       
;AEGSSSIYDNEGNFLFKVEGKFPPQPKKSSDYSWIEKVLEMGLQDSRKRFILYVASRYLVNVKGVNEDEALQTLKEFYYK
LQSGKVYESWLKSVINGVKKKGLLPWSLKRIEERDKEMYNEIIRVLKNS
;
_entity_poly.pdbx_seq_one_letter_code_can   
;AEGSSSIYDNEGNFLFKVEGKFPPQPKKSSDYSWIEKVLEMGLQDSRKRFILYVASRYLVNVKGVNEDEALQTLKEFYYK
LQSGKVYESWLKSVINGVKKKGLLPWSLKRIEERDKEMYNEIIRVLKNS
;
_entity_poly.pdbx_strand_id                 A 
_entity_poly.pdbx_target_identifier         ? 
# 
loop_
_pdbx_entity_nonpoly.entity_id 
_pdbx_entity_nonpoly.name 
_pdbx_entity_nonpoly.comp_id 
2 'IODIDE ION' IOD 
3 water        HOH 
# 
loop_
_entity_poly_seq.entity_id 
_entity_poly_seq.num 
_entity_poly_seq.mon_id 
_entity_poly_seq.hetero 
1 1   ALA n 
1 2   GLU n 
1 3   GLY n 
1 4   SER n 
1 5   SER n 
1 6   SER n 
1 7   ILE n 
1 8   TYR n 
1 9   ASP n 
1 10  ASN n 
1 11  GLU n 
1 12  GLY n 
1 13  ASN n 
1 14  PHE n 
1 15  LEU n 
1 16  PHE n 
1 17  LYS n 
1 18  VAL n 
1 19  GLU n 
1 20  GLY n 
1 21  LYS n 
1 22  PHE n 
1 23  PRO n 
1 24  PRO n 
1 25  GLN n 
1 26  PRO n 
1 27  LYS n 
1 28  LYS n 
1 29  SER n 
1 30  SER n 
1 31  ASP n 
1 32  TYR n 
1 33  SER n 
1 34  TRP n 
1 35  ILE n 
1 36  GLU n 
1 37  LYS n 
1 38  VAL n 
1 39  LEU n 
1 40  GLU n 
1 41  MET n 
1 42  GLY n 
1 43  LEU n 
1 44  GLN n 
1 45  ASP n 
1 46  SER n 
1 47  ARG n 
1 48  LYS n 
1 49  ARG n 
1 50  PHE n 
1 51  ILE n 
1 52  LEU n 
1 53  TYR n 
1 54  VAL n 
1 55  ALA n 
1 56  SER n 
1 57  ARG n 
1 58  TYR n 
1 59  LEU n 
1 60  VAL n 
1 61  ASN n 
1 62  VAL n 
1 63  LYS n 
1 64  GLY n 
1 65  VAL n 
1 66  ASN n 
1 67  GLU n 
1 68  ASP n 
1 69  GLU n 
1 70  ALA n 
1 71  LEU n 
1 72  GLN n 
1 73  THR n 
1 74  LEU n 
1 75  LYS n 
1 76  GLU n 
1 77  PHE n 
1 78  TYR n 
1 79  TYR n 
1 80  LYS n 
1 81  LEU n 
1 82  GLN n 
1 83  SER n 
1 84  GLY n 
1 85  LYS n 
1 86  VAL n 
1 87  TYR n 
1 88  GLU n 
1 89  SER n 
1 90  TRP n 
1 91  LEU n 
1 92  LYS n 
1 93  SER n 
1 94  VAL n 
1 95  ILE n 
1 96  ASN n 
1 97  GLY n 
1 98  VAL n 
1 99  LYS n 
1 100 LYS n 
1 101 LYS n 
1 102 GLY n 
1 103 LEU n 
1 104 LEU n 
1 105 PRO n 
1 106 TRP n 
1 107 SER n 
1 108 LEU n 
1 109 LYS n 
1 110 ARG n 
1 111 ILE n 
1 112 GLU n 
1 113 GLU n 
1 114 ARG n 
1 115 ASP n 
1 116 LYS n 
1 117 GLU n 
1 118 MET n 
1 119 TYR n 
1 120 ASN n 
1 121 GLU n 
1 122 ILE n 
1 123 ILE n 
1 124 ARG n 
1 125 VAL n 
1 126 LEU n 
1 127 LYS n 
1 128 ASN n 
1 129 SER n 
# 
_entity_src_gen.entity_id                          1 
_entity_src_gen.pdbx_src_id                        1 
_entity_src_gen.pdbx_alt_source_flag               sample 
_entity_src_gen.pdbx_seq_type                      'Biological sequence' 
_entity_src_gen.pdbx_beg_seq_num                   1 
_entity_src_gen.pdbx_end_seq_num                   129 
_entity_src_gen.gene_src_common_name               ? 
_entity_src_gen.gene_src_genus                     ? 
_entity_src_gen.pdbx_gene_src_gene                 SSO0502 
_entity_src_gen.gene_src_species                   ? 
_entity_src_gen.gene_src_strain                    'ATCC 35092 / DSM 1617 / JCM 11322 / P2' 
_entity_src_gen.gene_src_tissue                    ? 
_entity_src_gen.gene_src_tissue_fraction           ? 
_entity_src_gen.gene_src_details                   ? 
_entity_src_gen.pdbx_gene_src_fragment             ? 
_entity_src_gen.pdbx_gene_src_scientific_name      'Sulfolobus solfataricus (strain ATCC 35092 / DSM 1617 / JCM 11322 / P2)' 
_entity_src_gen.pdbx_gene_src_ncbi_taxonomy_id     273057 
_entity_src_gen.pdbx_gene_src_variant              ? 
_entity_src_gen.pdbx_gene_src_cell_line            ? 
_entity_src_gen.pdbx_gene_src_atcc                 ? 
_entity_src_gen.pdbx_gene_src_organ                ? 
_entity_src_gen.pdbx_gene_src_organelle            ? 
_entity_src_gen.pdbx_gene_src_cell                 ? 
_entity_src_gen.pdbx_gene_src_cellular_location    ? 
_entity_src_gen.host_org_common_name               ? 
_entity_src_gen.pdbx_host_org_scientific_name      'Escherichia coli' 
_entity_src_gen.pdbx_host_org_ncbi_taxonomy_id     562 
_entity_src_gen.host_org_genus                     ? 
_entity_src_gen.pdbx_host_org_gene                 ? 
_entity_src_gen.pdbx_host_org_organ                ? 
_entity_src_gen.host_org_species                   ? 
_entity_src_gen.pdbx_host_org_tissue               ? 
_entity_src_gen.pdbx_host_org_tissue_fraction      ? 
_entity_src_gen.pdbx_host_org_strain               ? 
_entity_src_gen.pdbx_host_org_variant              ? 
_entity_src_gen.pdbx_host_org_cell_line            ? 
_entity_src_gen.pdbx_host_org_atcc                 ? 
_entity_src_gen.pdbx_host_org_culture_collection   ? 
_entity_src_gen.pdbx_host_org_cell                 ? 
_entity_src_gen.pdbx_host_org_organelle            ? 
_entity_src_gen.pdbx_host_org_cellular_location    ? 
_entity_src_gen.pdbx_host_org_vector_type          ? 
_entity_src_gen.pdbx_host_org_vector               ? 
_entity_src_gen.host_org_details                   ? 
_entity_src_gen.expression_system_id               ? 
_entity_src_gen.plasmid_name                       ? 
_entity_src_gen.plasmid_details                    ? 
_entity_src_gen.pdbx_description                   ? 
# 
loop_
_chem_comp.id 
_chem_comp.type 
_chem_comp.mon_nstd_flag 
_chem_comp.name 
_chem_comp.pdbx_synonyms 
_chem_comp.formula 
_chem_comp.formula_weight 
ALA 'L-peptide linking' y ALANINE         ? 'C3 H7 N O2'     89.093  
ARG 'L-peptide linking' y ARGININE        ? 'C6 H15 N4 O2 1' 175.209 
ASN 'L-peptide linking' y ASPARAGINE      ? 'C4 H8 N2 O3'    132.118 
ASP 'L-peptide linking' y 'ASPARTIC ACID' ? 'C4 H7 N O4'     133.103 
GLN 'L-peptide linking' y GLUTAMINE       ? 'C5 H10 N2 O3'   146.144 
GLU 'L-peptide linking' y 'GLUTAMIC ACID' ? 'C5 H9 N O4'     147.129 
GLY 'peptide linking'   y GLYCINE         ? 'C2 H5 N O2'     75.067  
HOH non-polymer         . WATER           ? 'H2 O'           18.015  
ILE 'L-peptide linking' y ISOLEUCINE      ? 'C6 H13 N O2'    131.173 
IOD non-polymer         . 'IODIDE ION'    ? 'I -1'           126.904 
LEU 'L-peptide linking' y LEUCINE         ? 'C6 H13 N O2'    131.173 
LYS 'L-peptide linking' y LYSINE          ? 'C6 H15 N2 O2 1' 147.195 
MET 'L-peptide linking' y METHIONINE      ? 'C5 H11 N O2 S'  149.211 
PHE 'L-peptide linking' y PHENYLALANINE   ? 'C9 H11 N O2'    165.189 
PRO 'L-peptide linking' y PROLINE         ? 'C5 H9 N O2'     115.130 
SER 'L-peptide linking' y SERINE          ? 'C3 H7 N O3'     105.093 
THR 'L-peptide linking' y THREONINE       ? 'C4 H9 N O3'     119.119 
TRP 'L-peptide linking' y TRYPTOPHAN      ? 'C11 H12 N2 O2'  204.225 
TYR 'L-peptide linking' y TYROSINE        ? 'C9 H11 N O3'    181.189 
VAL 'L-peptide linking' y VALINE          ? 'C5 H11 N O2'    117.146 
# 
loop_
_pdbx_poly_seq_scheme.asym_id 
_pdbx_poly_seq_scheme.entity_id 
_pdbx_poly_seq_scheme.seq_id 
_pdbx_poly_seq_scheme.mon_id 
_pdbx_poly_seq_scheme.ndb_seq_num 
_pdbx_poly_seq_scheme.pdb_seq_num 
_pdbx_poly_seq_scheme.auth_seq_num 
_pdbx_poly_seq_scheme.pdb_mon_id 
_pdbx_poly_seq_scheme.auth_mon_id 
_pdbx_poly_seq_scheme.pdb_strand_id 
_pdbx_poly_seq_scheme.pdb_ins_code 
_pdbx_poly_seq_scheme.hetero 
A 1 1   ALA 1   26  ?   ?   ?   A . n 
A 1 2   GLU 2   27  ?   ?   ?   A . n 
A 1 3   GLY 3   28  ?   ?   ?   A . n 
A 1 4   SER 4   29  ?   ?   ?   A . n 
A 1 5   SER 5   30  ?   ?   ?   A . n 
A 1 6   SER 6   31  ?   ?   ?   A . n 
A 1 7   ILE 7   32  ?   ?   ?   A . n 
A 1 8   TYR 8   33  ?   ?   ?   A . n 
A 1 9   ASP 9   34  ?   ?   ?   A . n 
A 1 10  ASN 10  35  ?   ?   ?   A . n 
A 1 11  GLU 11  36  ?   ?   ?   A . n 
A 1 12  GLY 12  37  ?   ?   ?   A . n 
A 1 13  ASN 13  38  ?   ?   ?   A . n 
A 1 14  PHE 14  39  ?   ?   ?   A . n 
A 1 15  LEU 15  40  ?   ?   ?   A . n 
A 1 16  PHE 16  41  ?   ?   ?   A . n 
A 1 17  LYS 17  42  ?   ?   ?   A . n 
A 1 18  VAL 18  43  ?   ?   ?   A . n 
A 1 19  GLU 19  44  ?   ?   ?   A . n 
A 1 20  GLY 20  45  ?   ?   ?   A . n 
A 1 21  LYS 21  46  ?   ?   ?   A . n 
A 1 22  PHE 22  47  ?   ?   ?   A . n 
A 1 23  PRO 23  48  ?   ?   ?   A . n 
A 1 24  PRO 24  49  ?   ?   ?   A . n 
A 1 25  GLN 25  50  ?   ?   ?   A . n 
A 1 26  PRO 26  51  ?   ?   ?   A . n 
A 1 27  LYS 27  52  ?   ?   ?   A . n 
A 1 28  LYS 28  53  ?   ?   ?   A . n 
A 1 29  SER 29  54  ?   ?   ?   A . n 
A 1 30  SER 30  55  ?   ?   ?   A . n 
A 1 31  ASP 31  56  56  ASP ASP A . n 
A 1 32  TYR 32  57  57  TYR TYR A . n 
A 1 33  SER 33  58  58  SER SER A . n 
A 1 34  TRP 34  59  59  TRP TRP A . n 
A 1 35  ILE 35  60  60  ILE ILE A . n 
A 1 36  GLU 36  61  61  GLU GLU A . n 
A 1 37  LYS 37  62  62  LYS LYS A . n 
A 1 38  VAL 38  63  63  VAL VAL A . n 
A 1 39  LEU 39  64  64  LEU LEU A . n 
A 1 40  GLU 40  65  65  GLU GLU A . n 
A 1 41  MET 41  66  66  MET MET A . n 
A 1 42  GLY 42  67  67  GLY GLY A . n 
A 1 43  LEU 43  68  68  LEU LEU A . n 
A 1 44  GLN 44  69  69  GLN GLN A . n 
A 1 45  ASP 45  70  70  ASP ASP A . n 
A 1 46  SER 46  71  71  SER SER A . n 
A 1 47  ARG 47  72  72  ARG ARG A . n 
A 1 48  LYS 48  73  73  LYS LYS A . n 
A 1 49  ARG 49  74  74  ARG ARG A . n 
A 1 50  PHE 50  75  75  PHE PHE A . n 
A 1 51  ILE 51  76  76  ILE ILE A . n 
A 1 52  LEU 52  77  77  LEU LEU A . n 
A 1 53  TYR 53  78  78  TYR TYR A . n 
A 1 54  VAL 54  79  79  VAL VAL A . n 
A 1 55  ALA 55  80  80  ALA ALA A . n 
A 1 56  SER 56  81  81  SER SER A . n 
A 1 57  ARG 57  82  82  ARG ARG A . n 
A 1 58  TYR 58  83  83  TYR TYR A . n 
A 1 59  LEU 59  84  84  LEU LEU A . n 
A 1 60  VAL 60  85  85  VAL VAL A . n 
A 1 61  ASN 61  86  86  ASN ASN A . n 
A 1 62  VAL 62  87  87  VAL VAL A . n 
A 1 63  LYS 63  88  88  LYS LYS A . n 
A 1 64  GLY 64  89  89  GLY GLY A . n 
A 1 65  VAL 65  90  90  VAL VAL A . n 
A 1 66  ASN 66  91  91  ASN ASN A . n 
A 1 67  GLU 67  92  92  GLU GLU A . n 
A 1 68  ASP 68  93  93  ASP ASP A . n 
A 1 69  GLU 69  94  94  GLU GLU A . n 
A 1 70  ALA 70  95  95  ALA ALA A . n 
A 1 71  LEU 71  96  96  LEU LEU A . n 
A 1 72  GLN 72  97  97  GLN GLN A . n 
A 1 73  THR 73  98  98  THR THR A . n 
A 1 74  LEU 74  99  99  LEU LEU A . n 
A 1 75  LYS 75  100 100 LYS LYS A . n 
A 1 76  GLU 76  101 101 GLU GLU A . n 
A 1 77  PHE 77  102 102 PHE PHE A . n 
A 1 78  TYR 78  103 103 TYR TYR A . n 
A 1 79  TYR 79  104 104 TYR TYR A . n 
A 1 80  LYS 80  105 105 LYS LYS A . n 
A 1 81  LEU 81  106 106 LEU LEU A . n 
A 1 82  GLN 82  107 107 GLN GLN A . n 
A 1 83  SER 83  108 108 SER SER A . n 
A 1 84  GLY 84  109 109 GLY GLY A . n 
A 1 85  LYS 85  110 110 LYS LYS A . n 
A 1 86  VAL 86  111 111 VAL VAL A . n 
A 1 87  TYR 87  112 112 TYR TYR A . n 
A 1 88  GLU 88  113 113 GLU GLU A . n 
A 1 89  SER 89  114 114 SER SER A . n 
A 1 90  TRP 90  115 115 TRP TRP A . n 
A 1 91  LEU 91  116 116 LEU LEU A . n 
A 1 92  LYS 92  117 117 LYS LYS A . n 
A 1 93  SER 93  118 118 SER SER A . n 
A 1 94  VAL 94  119 119 VAL VAL A . n 
A 1 95  ILE 95  120 120 ILE ILE A . n 
A 1 96  ASN 96  121 121 ASN ASN A . n 
A 1 97  GLY 97  122 122 GLY GLY A . n 
A 1 98  VAL 98  123 123 VAL VAL A . n 
A 1 99  LYS 99  124 124 LYS LYS A . n 
A 1 100 LYS 100 125 125 LYS LYS A . n 
A 1 101 LYS 101 126 126 LYS LYS A . n 
A 1 102 GLY 102 127 127 GLY GLY A . n 
A 1 103 LEU 103 128 128 LEU LEU A . n 
A 1 104 LEU 104 129 129 LEU LEU A . n 
A 1 105 PRO 105 130 130 PRO PRO A . n 
A 1 106 TRP 106 131 131 TRP TRP A . n 
A 1 107 SER 107 132 132 SER SER A . n 
A 1 108 LEU 108 133 133 LEU LEU A . n 
A 1 109 LYS 109 134 134 LYS LYS A . n 
A 1 110 ARG 110 135 135 ARG ARG A . n 
A 1 111 ILE 111 136 136 ILE ILE A . n 
A 1 112 GLU 112 137 137 GLU GLU A . n 
A 1 113 GLU 113 138 138 GLU GLU A . n 
A 1 114 ARG 114 139 139 ARG ARG A . n 
A 1 115 ASP 115 140 140 ASP ASP A . n 
A 1 116 LYS 116 141 141 LYS LYS A . n 
A 1 117 GLU 117 142 142 GLU GLU A . n 
A 1 118 MET 118 143 143 MET MET A . n 
A 1 119 TYR 119 144 144 TYR TYR A . n 
A 1 120 ASN 120 145 145 ASN ASN A . n 
A 1 121 GLU 121 146 146 GLU GLU A . n 
A 1 122 ILE 122 147 147 ILE ILE A . n 
A 1 123 ILE 123 148 148 ILE ILE A . n 
A 1 124 ARG 124 149 149 ARG ARG A . n 
A 1 125 VAL 125 150 150 VAL VAL A . n 
A 1 126 LEU 126 151 151 LEU LEU A . n 
A 1 127 LYS 127 152 152 LYS LYS A . n 
A 1 128 ASN 128 153 153 ASN ASN A . n 
A 1 129 SER 129 154 154 SER SER A . n 
# 
loop_
_pdbx_nonpoly_scheme.asym_id 
_pdbx_nonpoly_scheme.entity_id 
_pdbx_nonpoly_scheme.mon_id 
_pdbx_nonpoly_scheme.ndb_seq_num 
_pdbx_nonpoly_scheme.pdb_seq_num 
_pdbx_nonpoly_scheme.auth_seq_num 
_pdbx_nonpoly_scheme.pdb_mon_id 
_pdbx_nonpoly_scheme.auth_mon_id 
_pdbx_nonpoly_scheme.pdb_strand_id 
_pdbx_nonpoly_scheme.pdb_ins_code 
B 2 IOD 1  201 1  IOD IOD A . 
C 2 IOD 1  202 2  IOD IOD A . 
D 2 IOD 1  203 3  IOD IOD A . 
E 2 IOD 1  204 4  IOD IOD A . 
F 2 IOD 1  205 5  IOD IOD A . 
G 3 HOH 1  301 67 HOH HOH A . 
G 3 HOH 2  302 70 HOH HOH A . 
G 3 HOH 3  303 75 HOH HOH A . 
G 3 HOH 4  304 61 HOH HOH A . 
G 3 HOH 5  305 74 HOH HOH A . 
G 3 HOH 6  306 38 HOH HOH A . 
G 3 HOH 7  307 59 HOH HOH A . 
G 3 HOH 8  308 65 HOH HOH A . 
G 3 HOH 9  309 57 HOH HOH A . 
G 3 HOH 10 310 9  HOH HOH A . 
G 3 HOH 11 311 86 HOH HOH A . 
G 3 HOH 12 312 78 HOH HOH A . 
G 3 HOH 13 313 7  HOH HOH A . 
G 3 HOH 14 314 35 HOH HOH A . 
G 3 HOH 15 315 43 HOH HOH A . 
G 3 HOH 16 316 22 HOH HOH A . 
G 3 HOH 17 317 28 HOH HOH A . 
G 3 HOH 18 318 2  HOH HOH A . 
G 3 HOH 19 319 15 HOH HOH A . 
G 3 HOH 20 320 83 HOH HOH A . 
G 3 HOH 21 321 3  HOH HOH A . 
G 3 HOH 22 322 19 HOH HOH A . 
G 3 HOH 23 323 42 HOH HOH A . 
G 3 HOH 24 324 18 HOH HOH A . 
G 3 HOH 25 325 10 HOH HOH A . 
G 3 HOH 26 326 31 HOH HOH A . 
G 3 HOH 27 327 17 HOH HOH A . 
G 3 HOH 28 328 32 HOH HOH A . 
G 3 HOH 29 329 51 HOH HOH A . 
G 3 HOH 30 330 20 HOH HOH A . 
G 3 HOH 31 331 29 HOH HOH A . 
G 3 HOH 32 332 36 HOH HOH A . 
G 3 HOH 33 333 79 HOH HOH A . 
G 3 HOH 34 334 62 HOH HOH A . 
G 3 HOH 35 335 55 HOH HOH A . 
G 3 HOH 36 336 24 HOH HOH A . 
G 3 HOH 37 337 34 HOH HOH A . 
G 3 HOH 38 338 14 HOH HOH A . 
G 3 HOH 39 339 25 HOH HOH A . 
G 3 HOH 40 340 26 HOH HOH A . 
G 3 HOH 41 341 49 HOH HOH A . 
G 3 HOH 42 342 39 HOH HOH A . 
G 3 HOH 43 343 45 HOH HOH A . 
G 3 HOH 44 344 77 HOH HOH A . 
G 3 HOH 45 345 64 HOH HOH A . 
G 3 HOH 46 346 12 HOH HOH A . 
G 3 HOH 47 347 8  HOH HOH A . 
G 3 HOH 48 348 56 HOH HOH A . 
G 3 HOH 49 349 76 HOH HOH A . 
G 3 HOH 50 350 4  HOH HOH A . 
G 3 HOH 51 351 13 HOH HOH A . 
G 3 HOH 52 352 27 HOH HOH A . 
G 3 HOH 53 353 1  HOH HOH A . 
G 3 HOH 54 354 53 HOH HOH A . 
G 3 HOH 55 355 11 HOH HOH A . 
G 3 HOH 56 356 23 HOH HOH A . 
G 3 HOH 57 357 16 HOH HOH A . 
G 3 HOH 58 358 60 HOH HOH A . 
G 3 HOH 59 359 68 HOH HOH A . 
G 3 HOH 60 360 84 HOH HOH A . 
G 3 HOH 61 361 6  HOH HOH A . 
G 3 HOH 62 362 44 HOH HOH A . 
G 3 HOH 63 363 69 HOH HOH A . 
G 3 HOH 64 364 37 HOH HOH A . 
G 3 HOH 65 365 46 HOH HOH A . 
G 3 HOH 66 366 41 HOH HOH A . 
G 3 HOH 67 367 66 HOH HOH A . 
G 3 HOH 68 368 71 HOH HOH A . 
G 3 HOH 69 369 63 HOH HOH A . 
G 3 HOH 70 370 5  HOH HOH A . 
G 3 HOH 71 371 72 HOH HOH A . 
G 3 HOH 72 372 47 HOH HOH A . 
G 3 HOH 73 373 80 HOH HOH A . 
G 3 HOH 74 374 81 HOH HOH A . 
G 3 HOH 75 375 52 HOH HOH A . 
G 3 HOH 76 376 73 HOH HOH A . 
G 3 HOH 77 377 54 HOH HOH A . 
G 3 HOH 78 378 33 HOH HOH A . 
G 3 HOH 79 379 48 HOH HOH A . 
G 3 HOH 80 380 58 HOH HOH A . 
G 3 HOH 81 381 88 HOH HOH A . 
G 3 HOH 82 382 50 HOH HOH A . 
G 3 HOH 83 383 85 HOH HOH A . 
G 3 HOH 84 384 21 HOH HOH A . 
G 3 HOH 85 385 30 HOH HOH A . 
G 3 HOH 86 386 82 HOH HOH A . 
G 3 HOH 87 387 40 HOH HOH A . 
# 
loop_
_software.citation_id 
_software.classification 
_software.compiler_name 
_software.compiler_version 
_software.contact_author 
_software.contact_author_email 
_software.date 
_software.description 
_software.dependencies 
_software.hardware 
_software.language 
_software.location 
_software.mods 
_software.name 
_software.os 
_software.os_version 
_software.type 
_software.version 
_software.pdbx_ordinal 
? refinement       ? ? ? ? ? ? ? ? ? ? ? PHENIX   ? ? ? 1.9_1692 1 
? 'data reduction' ? ? ? ? ? ? ? ? ? ? ? HKL-2000 ? ? ? .        2 
? 'data scaling'   ? ? ? ? ? ? ? ? ? ? ? HKL-2000 ? ? ? .        3 
? phasing          ? ? ? ? ? ? ? ? ? ? ? HKL-2000 ? ? ? .        4 
# 
_cell.entry_id           4WYH 
_cell.length_a           28.258 
_cell.length_b           36.232 
_cell.length_c           83.758 
_cell.angle_alpha        90.00 
_cell.angle_beta         90.00 
_cell.angle_gamma        90.00 
_cell.Z_PDB              4 
_cell.pdbx_unique_axis   ? 
# 
_symmetry.entry_id                         4WYH 
_symmetry.space_group_name_H-M             'P 21 21 21' 
_symmetry.pdbx_full_space_group_name_H-M   ? 
_symmetry.cell_setting                     ? 
_symmetry.Int_Tables_number                19 
# 
_exptl.absorpt_coefficient_mu     ? 
_exptl.absorpt_correction_T_max   ? 
_exptl.absorpt_correction_T_min   ? 
_exptl.absorpt_correction_type    ? 
_exptl.absorpt_process_details    ? 
_exptl.entry_id                   4WYH 
_exptl.crystals_number            ? 
_exptl.details                    ? 
_exptl.method                     'X-RAY DIFFRACTION' 
_exptl.method_details             ? 
# 
_exptl_crystal.colour                      ? 
_exptl_crystal.density_diffrn              ? 
_exptl_crystal.density_Matthews            1.82 
_exptl_crystal.density_method              ? 
_exptl_crystal.density_percent_sol         32.28 
_exptl_crystal.description                 ? 
_exptl_crystal.F_000                       ? 
_exptl_crystal.id                          1 
_exptl_crystal.preparation                 ? 
_exptl_crystal.size_max                    ? 
_exptl_crystal.size_mid                    ? 
_exptl_crystal.size_min                    ? 
_exptl_crystal.size_rad                    ? 
_exptl_crystal.colour_lustre               ? 
_exptl_crystal.colour_modifier             ? 
_exptl_crystal.colour_primary              ? 
_exptl_crystal.density_meas                ? 
_exptl_crystal.density_meas_esd            ? 
_exptl_crystal.density_meas_gt             ? 
_exptl_crystal.density_meas_lt             ? 
_exptl_crystal.density_meas_temp           ? 
_exptl_crystal.density_meas_temp_esd       ? 
_exptl_crystal.density_meas_temp_gt        ? 
_exptl_crystal.density_meas_temp_lt        ? 
_exptl_crystal.pdbx_crystal_image_url      ? 
_exptl_crystal.pdbx_crystal_image_format   ? 
_exptl_crystal.pdbx_mosaicity              ? 
_exptl_crystal.pdbx_mosaicity_esd          ? 
# 
_exptl_crystal_grow.apparatus       ? 
_exptl_crystal_grow.atmosphere      ? 
_exptl_crystal_grow.crystal_id      1 
_exptl_crystal_grow.details         ? 
_exptl_crystal_grow.method          'VAPOR DIFFUSION, HANGING DROP' 
_exptl_crystal_grow.method_ref      ? 
_exptl_crystal_grow.pH              7.0 
_exptl_crystal_grow.pressure        ? 
_exptl_crystal_grow.pressure_esd    ? 
_exptl_crystal_grow.seeding         ? 
_exptl_crystal_grow.seeding_ref     ? 
_exptl_crystal_grow.temp            289 
_exptl_crystal_grow.temp_details    ? 
_exptl_crystal_grow.temp_esd        ? 
_exptl_crystal_grow.time            ? 
_exptl_crystal_grow.pdbx_details    '0.2 M potassium iodide, 20% (w/v) polyethylene glycol 3,350, pH 7.0' 
_exptl_crystal_grow.pdbx_pH_range   ? 
# 
_diffrn.ambient_environment    ? 
_diffrn.ambient_temp           100 
_diffrn.ambient_temp_details   ? 
_diffrn.ambient_temp_esd       ? 
_diffrn.crystal_id             1 
_diffrn.crystal_support        ? 
_diffrn.crystal_treatment      ? 
_diffrn.details                ? 
_diffrn.id                     1 
_diffrn.ambient_pressure       ? 
_diffrn.ambient_pressure_esd   ? 
_diffrn.ambient_pressure_gt    ? 
_diffrn.ambient_pressure_lt    ? 
_diffrn.ambient_temp_gt        ? 
_diffrn.ambient_temp_lt        ? 
# 
_diffrn_detector.details                      ? 
_diffrn_detector.detector                     CCD 
_diffrn_detector.diffrn_id                    1 
_diffrn_detector.type                         'RIGAKU SATURN 944+' 
_diffrn_detector.area_resol_mean              ? 
_diffrn_detector.dtime                        ? 
_diffrn_detector.pdbx_frames_total            ? 
_diffrn_detector.pdbx_collection_time_total   ? 
_diffrn_detector.pdbx_collection_date         2014-03-20 
# 
_diffrn_radiation.collimation                      ? 
_diffrn_radiation.diffrn_id                        1 
_diffrn_radiation.filter_edge                      ? 
_diffrn_radiation.inhomogeneity                    ? 
_diffrn_radiation.monochromator                    ? 
_diffrn_radiation.polarisn_norm                    ? 
_diffrn_radiation.polarisn_ratio                   ? 
_diffrn_radiation.probe                            ? 
_diffrn_radiation.type                             ? 
_diffrn_radiation.xray_symbol                      ? 
_diffrn_radiation.wavelength_id                    1 
_diffrn_radiation.pdbx_monochromatic_or_laue_m_l   M 
_diffrn_radiation.pdbx_wavelength_list             ? 
_diffrn_radiation.pdbx_wavelength                  ? 
_diffrn_radiation.pdbx_diffrn_protocol             'SINGLE WAVELENGTH' 
_diffrn_radiation.pdbx_analyzer                    ? 
_diffrn_radiation.pdbx_scattering_type             x-ray 
# 
_diffrn_radiation_wavelength.id           1 
_diffrn_radiation_wavelength.wavelength   1.5418 
_diffrn_radiation_wavelength.wt           1.0 
# 
_diffrn_source.current                     ? 
_diffrn_source.details                     ? 
_diffrn_source.diffrn_id                   1 
_diffrn_source.power                       ? 
_diffrn_source.size                        ? 
_diffrn_source.source                      'ELECTRON MICROSCOPE' 
_diffrn_source.target                      ? 
_diffrn_source.type                        RIGAKU 
_diffrn_source.voltage                     ? 
_diffrn_source.take-off_angle              ? 
_diffrn_source.pdbx_wavelength_list        1.5418 
_diffrn_source.pdbx_wavelength             ? 
_diffrn_source.pdbx_synchrotron_beamline   ? 
_diffrn_source.pdbx_synchrotron_site       ? 
# 
_reflns.B_iso_Wilson_estimate            ? 
_reflns.entry_id                         4WYH 
_reflns.data_reduction_details           ? 
_reflns.data_reduction_method            ? 
_reflns.d_resolution_high                1.950 
_reflns.d_resolution_low                 23.424 
_reflns.details                          ? 
_reflns.limit_h_max                      ? 
_reflns.limit_h_min                      ? 
_reflns.limit_k_max                      ? 
_reflns.limit_k_min                      ? 
_reflns.limit_l_max                      ? 
_reflns.limit_l_min                      ? 
_reflns.number_all                       ? 
_reflns.number_obs                       6218 
_reflns.observed_criterion               ? 
_reflns.observed_criterion_F_max         ? 
_reflns.observed_criterion_F_min         ? 
_reflns.observed_criterion_I_max         ? 
_reflns.observed_criterion_I_min         ? 
_reflns.observed_criterion_sigma_F       ? 
_reflns.observed_criterion_sigma_I       ? 
_reflns.percent_possible_obs             92.81 
_reflns.R_free_details                   ? 
_reflns.Rmerge_F_all                     ? 
_reflns.Rmerge_F_obs                     ? 
_reflns.Friedel_coverage                 ? 
_reflns.number_gt                        ? 
_reflns.threshold_expression             ? 
_reflns.pdbx_redundancy                  11.8 
_reflns.pdbx_Rmerge_I_obs                ? 
_reflns.pdbx_Rmerge_I_all                ? 
_reflns.pdbx_Rsym_value                  ? 
_reflns.pdbx_netI_over_av_sigmaI         ? 
_reflns.pdbx_netI_over_sigmaI            105.56 
_reflns.pdbx_res_netI_over_av_sigmaI_2   ? 
_reflns.pdbx_res_netI_over_sigmaI_2      ? 
_reflns.pdbx_chi_squared                 ? 
_reflns.pdbx_scaling_rejects             ? 
_reflns.pdbx_d_res_high_opt              ? 
_reflns.pdbx_d_res_low_opt               ? 
_reflns.pdbx_d_res_opt_method            ? 
_reflns.phase_calculation_details        ? 
_reflns.pdbx_Rrim_I_all                  ? 
_reflns.pdbx_Rpim_I_all                  ? 
_reflns.pdbx_d_opt                       ? 
_reflns.pdbx_number_measured_all         ? 
_reflns.pdbx_diffrn_id                   1 
_reflns.pdbx_ordinal                     1 
_reflns.pdbx_CC_half                     ? 
_reflns.pdbx_R_split                     ? 
# 
_refine.pdbx_refine_id                           'X-RAY DIFFRACTION' 
_refine.entry_id                                 4WYH 
_refine.pdbx_diffrn_id                           1 
_refine.pdbx_TLS_residual_ADP_flag               ? 
_refine.ls_number_reflns_obs                     6218 
_refine.ls_number_reflns_all                     ? 
_refine.pdbx_ls_sigma_I                          ? 
_refine.pdbx_ls_sigma_F                          1.37 
_refine.pdbx_data_cutoff_high_absF               ? 
_refine.pdbx_data_cutoff_low_absF                ? 
_refine.pdbx_data_cutoff_high_rms_absF           ? 
_refine.ls_d_res_low                             23.424 
_refine.ls_d_res_high                            1.950 
_refine.ls_percent_reflns_obs                    92.81 
_refine.ls_R_factor_obs                          0.1598 
_refine.ls_R_factor_all                          ? 
_refine.ls_R_factor_R_work                       0.1577 
_refine.ls_R_factor_R_free                       0.1801 
_refine.ls_R_factor_R_free_error                 ? 
_refine.ls_R_factor_R_free_error_details         ? 
_refine.ls_percent_reflns_R_free                 9.89 
_refine.ls_number_reflns_R_free                  615 
_refine.ls_number_parameters                     ? 
_refine.ls_number_restraints                     ? 
_refine.occupancy_min                            ? 
_refine.occupancy_max                            ? 
_refine.correlation_coeff_Fo_to_Fc               ? 
_refine.correlation_coeff_Fo_to_Fc_free          ? 
_refine.B_iso_mean                               ? 
_refine.aniso_B[1][1]                            ? 
_refine.aniso_B[2][2]                            ? 
_refine.aniso_B[3][3]                            ? 
_refine.aniso_B[1][2]                            ? 
_refine.aniso_B[1][3]                            ? 
_refine.aniso_B[2][3]                            ? 
_refine.solvent_model_details                    'FLAT BULK SOLVENT MODEL' 
_refine.solvent_model_param_ksol                 ? 
_refine.solvent_model_param_bsol                 ? 
_refine.pdbx_solvent_vdw_probe_radii             1.11 
_refine.pdbx_solvent_ion_probe_radii             ? 
_refine.pdbx_solvent_shrinkage_radii             0.90 
_refine.pdbx_ls_cross_valid_method               THROUGHOUT 
_refine.details                                  ? 
_refine.pdbx_starting_model                      ? 
_refine.pdbx_method_to_determine_struct          SAD 
_refine.pdbx_isotropic_thermal_model             ? 
_refine.pdbx_stereochemistry_target_values       ML 
_refine.pdbx_stereochem_target_val_spec_case     ? 
_refine.pdbx_R_Free_selection_details            Random 
_refine.pdbx_overall_ESU_R                       ? 
_refine.pdbx_overall_ESU_R_Free                  ? 
_refine.overall_SU_ML                            0.15 
_refine.pdbx_overall_phase_error                 14.22 
_refine.overall_SU_B                             ? 
_refine.overall_SU_R_Cruickshank_DPI             ? 
_refine.pdbx_overall_SU_R_free_Cruickshank_DPI   ? 
_refine.pdbx_overall_SU_R_Blow_DPI               ? 
_refine.pdbx_overall_SU_R_free_Blow_DPI          ? 
# 
_refine_hist.pdbx_refine_id                   'X-RAY DIFFRACTION' 
_refine_hist.cycle_id                         LAST 
_refine_hist.pdbx_number_atoms_protein        835 
_refine_hist.pdbx_number_atoms_nucleic_acid   0 
_refine_hist.pdbx_number_atoms_ligand         5 
_refine_hist.number_atoms_solvent             87 
_refine_hist.number_atoms_total               927 
_refine_hist.d_res_high                       1.950 
_refine_hist.d_res_low                        23.424 
# 
loop_
_refine_ls_restr.type 
_refine_ls_restr.dev_ideal 
_refine_ls_restr.dev_ideal_target 
_refine_ls_restr.weight 
_refine_ls_restr.number 
_refine_ls_restr.pdbx_refine_id 
_refine_ls_restr.pdbx_restraint_function 
f_bond_d           0.019  ? ? 850  'X-RAY DIFFRACTION' ? 
f_angle_d          1.733  ? ? 1139 'X-RAY DIFFRACTION' ? 
f_dihedral_angle_d 14.317 ? ? 331  'X-RAY DIFFRACTION' ? 
f_chiral_restr     0.118  ? ? 122  'X-RAY DIFFRACTION' ? 
f_plane_restr      0.009  ? ? 139  'X-RAY DIFFRACTION' ? 
# 
loop_
_refine_ls_shell.pdbx_refine_id 
_refine_ls_shell.pdbx_total_number_of_bins_used 
_refine_ls_shell.d_res_high 
_refine_ls_shell.d_res_low 
_refine_ls_shell.number_reflns_R_work 
_refine_ls_shell.R_factor_R_work 
_refine_ls_shell.percent_reflns_obs 
_refine_ls_shell.R_factor_R_free 
_refine_ls_shell.R_factor_R_free_error 
_refine_ls_shell.percent_reflns_R_free 
_refine_ls_shell.number_reflns_R_free 
_refine_ls_shell.number_reflns_all 
_refine_ls_shell.R_factor_all 
'X-RAY DIFFRACTION' . 1.9503 2.1464  1107 0.1490 75.00 0.1996 . . 123 . . 
'X-RAY DIFFRACTION' . 2.1464 2.4567  1429 0.1549 98.00 0.1655 . . 164 . . 
'X-RAY DIFFRACTION' . 2.4567 3.0941  1503 0.1624 99.00 0.1814 . . 164 . . 
'X-RAY DIFFRACTION' . 3.0941 23.4260 1564 0.1586 98.00 0.1813 . . 164 . . 
# 
_struct.entry_id                     4WYH 
_struct.title                        'Crystal structure of PriX from the hyperthermophilic archaeon Sulfolobus solfataricus' 
_struct.pdbx_model_details           ? 
_struct.pdbx_formula_weight          ? 
_struct.pdbx_formula_weight_method   ? 
_struct.pdbx_model_type_details      ? 
_struct.pdbx_CASP_flag               ? 
# 
_struct_keywords.entry_id        4WYH 
_struct_keywords.text            'A novel noncatalytic subunit archaeal eukaryal-type primase, REPLICATION' 
_struct_keywords.pdbx_keywords   REPLICATION 
# 
loop_
_struct_asym.id 
_struct_asym.pdbx_blank_PDB_chainid_flag 
_struct_asym.pdbx_modified 
_struct_asym.entity_id 
_struct_asym.details 
A N N 1 ? 
B N N 2 ? 
C N N 2 ? 
D N N 2 ? 
E N N 2 ? 
F N N 2 ? 
G N N 3 ? 
# 
_struct_ref.id                         1 
_struct_ref.db_name                    UNP 
_struct_ref.db_code                    Q97ZS7_SULSO 
_struct_ref.pdbx_db_accession          Q97ZS7 
_struct_ref.pdbx_db_isoform            ? 
_struct_ref.entity_id                  1 
_struct_ref.pdbx_seq_one_letter_code   
;AEGSSSIYDNEGNFLFKVEGKFPPQPKKSSDYSWIEKVLEMGLQDSRKRFILYVASRYLVNVKGVNEDEALQTLKEFYYK
LQSGKVYESWLKSVINGVKKKGLLPWSLKRIEERDKEMYNEIIRVLKNS
;
_struct_ref.pdbx_align_begin           26 
# 
_struct_ref_seq.align_id                      1 
_struct_ref_seq.ref_id                        1 
_struct_ref_seq.pdbx_PDB_id_code              4WYH 
_struct_ref_seq.pdbx_strand_id                A 
_struct_ref_seq.seq_align_beg                 1 
_struct_ref_seq.pdbx_seq_align_beg_ins_code   ? 
_struct_ref_seq.seq_align_end                 129 
_struct_ref_seq.pdbx_seq_align_end_ins_code   ? 
_struct_ref_seq.pdbx_db_accession             Q97ZS7 
_struct_ref_seq.db_align_beg                  26 
_struct_ref_seq.pdbx_db_align_beg_ins_code    ? 
_struct_ref_seq.db_align_end                  154 
_struct_ref_seq.pdbx_db_align_end_ins_code    ? 
_struct_ref_seq.pdbx_auth_seq_align_beg       26 
_struct_ref_seq.pdbx_auth_seq_align_end       154 
# 
_pdbx_struct_assembly.id                   1 
_pdbx_struct_assembly.details              author_defined_assembly 
_pdbx_struct_assembly.method_details       ? 
_pdbx_struct_assembly.oligomeric_details   monomeric 
_pdbx_struct_assembly.oligomeric_count     1 
# 
_pdbx_struct_assembly_gen.assembly_id       1 
_pdbx_struct_assembly_gen.oper_expression   1 
_pdbx_struct_assembly_gen.asym_id_list      A,B,C,D,E,F,G 
# 
_pdbx_struct_oper_list.id                   1 
_pdbx_struct_oper_list.type                 'identity operation' 
_pdbx_struct_oper_list.name                 1_555 
_pdbx_struct_oper_list.symmetry_operation   x,y,z 
_pdbx_struct_oper_list.matrix[1][1]         1.0000000000 
_pdbx_struct_oper_list.matrix[1][2]         0.0000000000 
_pdbx_struct_oper_list.matrix[1][3]         0.0000000000 
_pdbx_struct_oper_list.vector[1]            0.0000000000 
_pdbx_struct_oper_list.matrix[2][1]         0.0000000000 
_pdbx_struct_oper_list.matrix[2][2]         1.0000000000 
_pdbx_struct_oper_list.matrix[2][3]         0.0000000000 
_pdbx_struct_oper_list.vector[2]            0.0000000000 
_pdbx_struct_oper_list.matrix[3][1]         0.0000000000 
_pdbx_struct_oper_list.matrix[3][2]         0.0000000000 
_pdbx_struct_oper_list.matrix[3][3]         1.0000000000 
_pdbx_struct_oper_list.vector[3]            0.0000000000 
# 
loop_
_struct_conf.conf_type_id 
_struct_conf.id 
_struct_conf.pdbx_PDB_helix_id 
_struct_conf.beg_label_comp_id 
_struct_conf.beg_label_asym_id 
_struct_conf.beg_label_seq_id 
_struct_conf.pdbx_beg_PDB_ins_code 
_struct_conf.end_label_comp_id 
_struct_conf.end_label_asym_id 
_struct_conf.end_label_seq_id 
_struct_conf.pdbx_end_PDB_ins_code 
_struct_conf.beg_auth_comp_id 
_struct_conf.beg_auth_asym_id 
_struct_conf.beg_auth_seq_id 
_struct_conf.end_auth_comp_id 
_struct_conf.end_auth_asym_id 
_struct_conf.end_auth_seq_id 
_struct_conf.pdbx_PDB_helix_class 
_struct_conf.details 
_struct_conf.pdbx_PDB_helix_length 
HELX_P HELX_P1 AA1 TYR A 32  ? GLY A 42  ? TYR A 57  GLY A 67  1 ? 11 
HELX_P HELX_P2 AA2 SER A 46  ? VAL A 54  ? SER A 71  VAL A 79  1 ? 9  
HELX_P HELX_P3 AA3 VAL A 54  ? VAL A 62  ? VAL A 79  VAL A 87  1 ? 9  
HELX_P HELX_P4 AA4 ASN A 66  ? TYR A 79  ? ASN A 91  TYR A 104 1 ? 14 
HELX_P HELX_P5 AA5 TYR A 87  ? GLY A 102 ? TYR A 112 GLY A 127 1 ? 16 
HELX_P HELX_P6 AA6 SER A 107 ? ASP A 115 ? SER A 132 ASP A 140 1 ? 9  
HELX_P HELX_P7 AA7 ASP A 115 ? SER A 129 ? ASP A 140 SER A 154 1 ? 15 
# 
_struct_conf_type.id          HELX_P 
_struct_conf_type.criteria    ? 
_struct_conf_type.reference   ? 
# 
loop_
_struct_site.id 
_struct_site.pdbx_evidence_code 
_struct_site.pdbx_auth_asym_id 
_struct_site.pdbx_auth_comp_id 
_struct_site.pdbx_auth_seq_id 
_struct_site.pdbx_auth_ins_code 
_struct_site.pdbx_num_residues 
_struct_site.details 
AC1 Software A IOD 201 ? 2 'binding site for residue IOD A 201' 
AC2 Software A IOD 202 ? 1 'binding site for residue IOD A 202' 
AC3 Software A IOD 203 ? 4 'binding site for residue IOD A 203' 
AC4 Software A IOD 204 ? 2 'binding site for residue IOD A 204' 
AC5 Software A IOD 205 ? 1 'binding site for residue IOD A 205' 
# 
loop_
_struct_site_gen.id 
_struct_site_gen.site_id 
_struct_site_gen.pdbx_num_res 
_struct_site_gen.label_comp_id 
_struct_site_gen.label_asym_id 
_struct_site_gen.label_seq_id 
_struct_site_gen.pdbx_auth_ins_code 
_struct_site_gen.auth_comp_id 
_struct_site_gen.auth_asym_id 
_struct_site_gen.auth_seq_id 
_struct_site_gen.label_atom_id 
_struct_site_gen.label_alt_id 
_struct_site_gen.symmetry 
_struct_site_gen.details 
1  AC1 2 LYS A 101 ? LYS A 126 . ? 3_555 ? 
2  AC1 2 LYS A 116 ? LYS A 141 . ? 1_555 ? 
3  AC2 1 ASP A 31  ? ASP A 56  . ? 1_655 ? 
4  AC3 4 ASP A 45  ? ASP A 70  . ? 1_555 ? 
5  AC3 4 LYS A 48  ? LYS A 73  . ? 1_555 ? 
6  AC3 4 HOH G .   ? HOH A 315 . ? 1_555 ? 
7  AC3 4 HOH G .   ? HOH A 348 . ? 1_555 ? 
8  AC4 2 LYS A 48  ? LYS A 73  . ? 1_555 ? 
9  AC4 2 LYS A 63  ? LYS A 88  . ? 1_655 ? 
10 AC5 1 LYS A 101 ? LYS A 126 . ? 3_555 ? 
# 
_pdbx_validate_close_contact.id               1 
_pdbx_validate_close_contact.PDB_model_num    1 
_pdbx_validate_close_contact.auth_atom_id_1   O 
_pdbx_validate_close_contact.auth_asym_id_1   A 
_pdbx_validate_close_contact.auth_comp_id_1   HOH 
_pdbx_validate_close_contact.auth_seq_id_1    341 
_pdbx_validate_close_contact.PDB_ins_code_1   ? 
_pdbx_validate_close_contact.label_alt_id_1   ? 
_pdbx_validate_close_contact.auth_atom_id_2   O 
_pdbx_validate_close_contact.auth_asym_id_2   A 
_pdbx_validate_close_contact.auth_comp_id_2   HOH 
_pdbx_validate_close_contact.auth_seq_id_2    362 
_pdbx_validate_close_contact.PDB_ins_code_2   ? 
_pdbx_validate_close_contact.label_alt_id_2   ? 
_pdbx_validate_close_contact.dist             2.18 
# 
_pdbx_validate_rmsd_bond.id                        1 
_pdbx_validate_rmsd_bond.PDB_model_num             1 
_pdbx_validate_rmsd_bond.auth_atom_id_1            CD 
_pdbx_validate_rmsd_bond.auth_asym_id_1            A 
_pdbx_validate_rmsd_bond.auth_comp_id_1            GLU 
_pdbx_validate_rmsd_bond.auth_seq_id_1             101 
_pdbx_validate_rmsd_bond.PDB_ins_code_1            ? 
_pdbx_validate_rmsd_bond.label_alt_id_1            ? 
_pdbx_validate_rmsd_bond.auth_atom_id_2            OE2 
_pdbx_validate_rmsd_bond.auth_asym_id_2            A 
_pdbx_validate_rmsd_bond.auth_comp_id_2            GLU 
_pdbx_validate_rmsd_bond.auth_seq_id_2             101 
_pdbx_validate_rmsd_bond.PDB_ins_code_2            ? 
_pdbx_validate_rmsd_bond.label_alt_id_2            ? 
_pdbx_validate_rmsd_bond.bond_value                1.185 
_pdbx_validate_rmsd_bond.bond_target_value         1.252 
_pdbx_validate_rmsd_bond.bond_deviation            -0.067 
_pdbx_validate_rmsd_bond.bond_standard_deviation   0.011 
_pdbx_validate_rmsd_bond.linker_flag               N 
# 
_pdbx_validate_rmsd_angle.id                         1 
_pdbx_validate_rmsd_angle.PDB_model_num              1 
_pdbx_validate_rmsd_angle.auth_atom_id_1             CB 
_pdbx_validate_rmsd_angle.auth_asym_id_1             A 
_pdbx_validate_rmsd_angle.auth_comp_id_1             ASP 
_pdbx_validate_rmsd_angle.auth_seq_id_1              140 
_pdbx_validate_rmsd_angle.PDB_ins_code_1             ? 
_pdbx_validate_rmsd_angle.label_alt_id_1             ? 
_pdbx_validate_rmsd_angle.auth_atom_id_2             CG 
_pdbx_validate_rmsd_angle.auth_asym_id_2             A 
_pdbx_validate_rmsd_angle.auth_comp_id_2             ASP 
_pdbx_validate_rmsd_angle.auth_seq_id_2              140 
_pdbx_validate_rmsd_angle.PDB_ins_code_2             ? 
_pdbx_validate_rmsd_angle.label_alt_id_2             ? 
_pdbx_validate_rmsd_angle.auth_atom_id_3             OD1 
_pdbx_validate_rmsd_angle.auth_asym_id_3             A 
_pdbx_validate_rmsd_angle.auth_comp_id_3             ASP 
_pdbx_validate_rmsd_angle.auth_seq_id_3              140 
_pdbx_validate_rmsd_angle.PDB_ins_code_3             ? 
_pdbx_validate_rmsd_angle.label_alt_id_3             ? 
_pdbx_validate_rmsd_angle.angle_value                124.11 
_pdbx_validate_rmsd_angle.angle_target_value         118.30 
_pdbx_validate_rmsd_angle.angle_deviation            5.81 
_pdbx_validate_rmsd_angle.angle_standard_deviation   0.90 
_pdbx_validate_rmsd_angle.linker_flag                N 
# 
loop_
_pdbx_validate_torsion.id 
_pdbx_validate_torsion.PDB_model_num 
_pdbx_validate_torsion.auth_comp_id 
_pdbx_validate_torsion.auth_asym_id 
_pdbx_validate_torsion.auth_seq_id 
_pdbx_validate_torsion.PDB_ins_code 
_pdbx_validate_torsion.label_alt_id 
_pdbx_validate_torsion.phi 
_pdbx_validate_torsion.psi 
1 1 TYR A 57 ? ? 75.16   -5.93   
2 1 LEU A 68 ? ? -124.46 -163.31 
3 1 GLN A 69 ? ? -129.66 -97.51  
4 1 VAL A 79 ? ? -128.32 -67.27  
# 
loop_
_pdbx_unobs_or_zero_occ_residues.id 
_pdbx_unobs_or_zero_occ_residues.PDB_model_num 
_pdbx_unobs_or_zero_occ_residues.polymer_flag 
_pdbx_unobs_or_zero_occ_residues.occupancy_flag 
_pdbx_unobs_or_zero_occ_residues.auth_asym_id 
_pdbx_unobs_or_zero_occ_residues.auth_comp_id 
_pdbx_unobs_or_zero_occ_residues.auth_seq_id 
_pdbx_unobs_or_zero_occ_residues.PDB_ins_code 
_pdbx_unobs_or_zero_occ_residues.label_asym_id 
_pdbx_unobs_or_zero_occ_residues.label_comp_id 
_pdbx_unobs_or_zero_occ_residues.label_seq_id 
1  1 Y 1 A ALA 26 ? A ALA 1  
2  1 Y 1 A GLU 27 ? A GLU 2  
3  1 Y 1 A GLY 28 ? A GLY 3  
4  1 Y 1 A SER 29 ? A SER 4  
5  1 Y 1 A SER 30 ? A SER 5  
6  1 Y 1 A SER 31 ? A SER 6  
7  1 Y 1 A ILE 32 ? A ILE 7  
8  1 Y 1 A TYR 33 ? A TYR 8  
9  1 Y 1 A ASP 34 ? A ASP 9  
10 1 Y 1 A ASN 35 ? A ASN 10 
11 1 Y 1 A GLU 36 ? A GLU 11 
12 1 Y 1 A GLY 37 ? A GLY 12 
13 1 Y 1 A ASN 38 ? A ASN 13 
14 1 Y 1 A PHE 39 ? A PHE 14 
15 1 Y 1 A LEU 40 ? A LEU 15 
16 1 Y 1 A PHE 41 ? A PHE 16 
17 1 Y 1 A LYS 42 ? A LYS 17 
18 1 Y 1 A VAL 43 ? A VAL 18 
19 1 Y 1 A GLU 44 ? A GLU 19 
20 1 Y 1 A GLY 45 ? A GLY 20 
21 1 Y 1 A LYS 46 ? A LYS 21 
22 1 Y 1 A PHE 47 ? A PHE 22 
23 1 Y 1 A PRO 48 ? A PRO 23 
24 1 Y 1 A PRO 49 ? A PRO 24 
25 1 Y 1 A GLN 50 ? A GLN 25 
26 1 Y 1 A PRO 51 ? A PRO 26 
27 1 Y 1 A LYS 52 ? A LYS 27 
28 1 Y 1 A LYS 53 ? A LYS 28 
29 1 Y 1 A SER 54 ? A SER 29 
30 1 Y 1 A SER 55 ? A SER 30 
# 
loop_
_chem_comp_atom.comp_id 
_chem_comp_atom.atom_id 
_chem_comp_atom.type_symbol 
_chem_comp_atom.pdbx_aromatic_flag 
_chem_comp_atom.pdbx_stereo_config 
_chem_comp_atom.pdbx_ordinal 
ALA N    N N N 1   
ALA CA   C N S 2   
ALA C    C N N 3   
ALA O    O N N 4   
ALA CB   C N N 5   
ALA OXT  O N N 6   
ALA H    H N N 7   
ALA H2   H N N 8   
ALA HA   H N N 9   
ALA HB1  H N N 10  
ALA HB2  H N N 11  
ALA HB3  H N N 12  
ALA HXT  H N N 13  
ARG N    N N N 14  
ARG CA   C N S 15  
ARG C    C N N 16  
ARG O    O N N 17  
ARG CB   C N N 18  
ARG CG   C N N 19  
ARG CD   C N N 20  
ARG NE   N N N 21  
ARG CZ   C N N 22  
ARG NH1  N N N 23  
ARG NH2  N N N 24  
ARG OXT  O N N 25  
ARG H    H N N 26  
ARG H2   H N N 27  
ARG HA   H N N 28  
ARG HB2  H N N 29  
ARG HB3  H N N 30  
ARG HG2  H N N 31  
ARG HG3  H N N 32  
ARG HD2  H N N 33  
ARG HD3  H N N 34  
ARG HE   H N N 35  
ARG HH11 H N N 36  
ARG HH12 H N N 37  
ARG HH21 H N N 38  
ARG HH22 H N N 39  
ARG HXT  H N N 40  
ASN N    N N N 41  
ASN CA   C N S 42  
ASN C    C N N 43  
ASN O    O N N 44  
ASN CB   C N N 45  
ASN CG   C N N 46  
ASN OD1  O N N 47  
ASN ND2  N N N 48  
ASN OXT  O N N 49  
ASN H    H N N 50  
ASN H2   H N N 51  
ASN HA   H N N 52  
ASN HB2  H N N 53  
ASN HB3  H N N 54  
ASN HD21 H N N 55  
ASN HD22 H N N 56  
ASN HXT  H N N 57  
ASP N    N N N 58  
ASP CA   C N S 59  
ASP C    C N N 60  
ASP O    O N N 61  
ASP CB   C N N 62  
ASP CG   C N N 63  
ASP OD1  O N N 64  
ASP OD2  O N N 65  
ASP OXT  O N N 66  
ASP H    H N N 67  
ASP H2   H N N 68  
ASP HA   H N N 69  
ASP HB2  H N N 70  
ASP HB3  H N N 71  
ASP HD2  H N N 72  
ASP HXT  H N N 73  
GLN N    N N N 74  
GLN CA   C N S 75  
GLN C    C N N 76  
GLN O    O N N 77  
GLN CB   C N N 78  
GLN CG   C N N 79  
GLN CD   C N N 80  
GLN OE1  O N N 81  
GLN NE2  N N N 82  
GLN OXT  O N N 83  
GLN H    H N N 84  
GLN H2   H N N 85  
GLN HA   H N N 86  
GLN HB2  H N N 87  
GLN HB3  H N N 88  
GLN HG2  H N N 89  
GLN HG3  H N N 90  
GLN HE21 H N N 91  
GLN HE22 H N N 92  
GLN HXT  H N N 93  
GLU N    N N N 94  
GLU CA   C N S 95  
GLU C    C N N 96  
GLU O    O N N 97  
GLU CB   C N N 98  
GLU CG   C N N 99  
GLU CD   C N N 100 
GLU OE1  O N N 101 
GLU OE2  O N N 102 
GLU OXT  O N N 103 
GLU H    H N N 104 
GLU H2   H N N 105 
GLU HA   H N N 106 
GLU HB2  H N N 107 
GLU HB3  H N N 108 
GLU HG2  H N N 109 
GLU HG3  H N N 110 
GLU HE2  H N N 111 
GLU HXT  H N N 112 
GLY N    N N N 113 
GLY CA   C N N 114 
GLY C    C N N 115 
GLY O    O N N 116 
GLY OXT  O N N 117 
GLY H    H N N 118 
GLY H2   H N N 119 
GLY HA2  H N N 120 
GLY HA3  H N N 121 
GLY HXT  H N N 122 
HOH O    O N N 123 
HOH H1   H N N 124 
HOH H2   H N N 125 
ILE N    N N N 126 
ILE CA   C N S 127 
ILE C    C N N 128 
ILE O    O N N 129 
ILE CB   C N S 130 
ILE CG1  C N N 131 
ILE CG2  C N N 132 
ILE CD1  C N N 133 
ILE OXT  O N N 134 
ILE H    H N N 135 
ILE H2   H N N 136 
ILE HA   H N N 137 
ILE HB   H N N 138 
ILE HG12 H N N 139 
ILE HG13 H N N 140 
ILE HG21 H N N 141 
ILE HG22 H N N 142 
ILE HG23 H N N 143 
ILE HD11 H N N 144 
ILE HD12 H N N 145 
ILE HD13 H N N 146 
ILE HXT  H N N 147 
IOD I    I N N 148 
LEU N    N N N 149 
LEU CA   C N S 150 
LEU C    C N N 151 
LEU O    O N N 152 
LEU CB   C N N 153 
LEU CG   C N N 154 
LEU CD1  C N N 155 
LEU CD2  C N N 156 
LEU OXT  O N N 157 
LEU H    H N N 158 
LEU H2   H N N 159 
LEU HA   H N N 160 
LEU HB2  H N N 161 
LEU HB3  H N N 162 
LEU HG   H N N 163 
LEU HD11 H N N 164 
LEU HD12 H N N 165 
LEU HD13 H N N 166 
LEU HD21 H N N 167 
LEU HD22 H N N 168 
LEU HD23 H N N 169 
LEU HXT  H N N 170 
LYS N    N N N 171 
LYS CA   C N S 172 
LYS C    C N N 173 
LYS O    O N N 174 
LYS CB   C N N 175 
LYS CG   C N N 176 
LYS CD   C N N 177 
LYS CE   C N N 178 
LYS NZ   N N N 179 
LYS OXT  O N N 180 
LYS H    H N N 181 
LYS H2   H N N 182 
LYS HA   H N N 183 
LYS HB2  H N N 184 
LYS HB3  H N N 185 
LYS HG2  H N N 186 
LYS HG3  H N N 187 
LYS HD2  H N N 188 
LYS HD3  H N N 189 
LYS HE2  H N N 190 
LYS HE3  H N N 191 
LYS HZ1  H N N 192 
LYS HZ2  H N N 193 
LYS HZ3  H N N 194 
LYS HXT  H N N 195 
MET N    N N N 196 
MET CA   C N S 197 
MET C    C N N 198 
MET O    O N N 199 
MET CB   C N N 200 
MET CG   C N N 201 
MET SD   S N N 202 
MET CE   C N N 203 
MET OXT  O N N 204 
MET H    H N N 205 
MET H2   H N N 206 
MET HA   H N N 207 
MET HB2  H N N 208 
MET HB3  H N N 209 
MET HG2  H N N 210 
MET HG3  H N N 211 
MET HE1  H N N 212 
MET HE2  H N N 213 
MET HE3  H N N 214 
MET HXT  H N N 215 
PHE N    N N N 216 
PHE CA   C N S 217 
PHE C    C N N 218 
PHE O    O N N 219 
PHE CB   C N N 220 
PHE CG   C Y N 221 
PHE CD1  C Y N 222 
PHE CD2  C Y N 223 
PHE CE1  C Y N 224 
PHE CE2  C Y N 225 
PHE CZ   C Y N 226 
PHE OXT  O N N 227 
PHE H    H N N 228 
PHE H2   H N N 229 
PHE HA   H N N 230 
PHE HB2  H N N 231 
PHE HB3  H N N 232 
PHE HD1  H N N 233 
PHE HD2  H N N 234 
PHE HE1  H N N 235 
PHE HE2  H N N 236 
PHE HZ   H N N 237 
PHE HXT  H N N 238 
PRO N    N N N 239 
PRO CA   C N S 240 
PRO C    C N N 241 
PRO O    O N N 242 
PRO CB   C N N 243 
PRO CG   C N N 244 
PRO CD   C N N 245 
PRO OXT  O N N 246 
PRO H    H N N 247 
PRO HA   H N N 248 
PRO HB2  H N N 249 
PRO HB3  H N N 250 
PRO HG2  H N N 251 
PRO HG3  H N N 252 
PRO HD2  H N N 253 
PRO HD3  H N N 254 
PRO HXT  H N N 255 
SER N    N N N 256 
SER CA   C N S 257 
SER C    C N N 258 
SER O    O N N 259 
SER CB   C N N 260 
SER OG   O N N 261 
SER OXT  O N N 262 
SER H    H N N 263 
SER H2   H N N 264 
SER HA   H N N 265 
SER HB2  H N N 266 
SER HB3  H N N 267 
SER HG   H N N 268 
SER HXT  H N N 269 
THR N    N N N 270 
THR CA   C N S 271 
THR C    C N N 272 
THR O    O N N 273 
THR CB   C N R 274 
THR OG1  O N N 275 
THR CG2  C N N 276 
THR OXT  O N N 277 
THR H    H N N 278 
THR H2   H N N 279 
THR HA   H N N 280 
THR HB   H N N 281 
THR HG1  H N N 282 
THR HG21 H N N 283 
THR HG22 H N N 284 
THR HG23 H N N 285 
THR HXT  H N N 286 
TRP N    N N N 287 
TRP CA   C N S 288 
TRP C    C N N 289 
TRP O    O N N 290 
TRP CB   C N N 291 
TRP CG   C Y N 292 
TRP CD1  C Y N 293 
TRP CD2  C Y N 294 
TRP NE1  N Y N 295 
TRP CE2  C Y N 296 
TRP CE3  C Y N 297 
TRP CZ2  C Y N 298 
TRP CZ3  C Y N 299 
TRP CH2  C Y N 300 
TRP OXT  O N N 301 
TRP H    H N N 302 
TRP H2   H N N 303 
TRP HA   H N N 304 
TRP HB2  H N N 305 
TRP HB3  H N N 306 
TRP HD1  H N N 307 
TRP HE1  H N N 308 
TRP HE3  H N N 309 
TRP HZ2  H N N 310 
TRP HZ3  H N N 311 
TRP HH2  H N N 312 
TRP HXT  H N N 313 
TYR N    N N N 314 
TYR CA   C N S 315 
TYR C    C N N 316 
TYR O    O N N 317 
TYR CB   C N N 318 
TYR CG   C Y N 319 
TYR CD1  C Y N 320 
TYR CD2  C Y N 321 
TYR CE1  C Y N 322 
TYR CE2  C Y N 323 
TYR CZ   C Y N 324 
TYR OH   O N N 325 
TYR OXT  O N N 326 
TYR H    H N N 327 
TYR H2   H N N 328 
TYR HA   H N N 329 
TYR HB2  H N N 330 
TYR HB3  H N N 331 
TYR HD1  H N N 332 
TYR HD2  H N N 333 
TYR HE1  H N N 334 
TYR HE2  H N N 335 
TYR HH   H N N 336 
TYR HXT  H N N 337 
VAL N    N N N 338 
VAL CA   C N S 339 
VAL C    C N N 340 
VAL O    O N N 341 
VAL CB   C N N 342 
VAL CG1  C N N 343 
VAL CG2  C N N 344 
VAL OXT  O N N 345 
VAL H    H N N 346 
VAL H2   H N N 347 
VAL HA   H N N 348 
VAL HB   H N N 349 
VAL HG11 H N N 350 
VAL HG12 H N N 351 
VAL HG13 H N N 352 
VAL HG21 H N N 353 
VAL HG22 H N N 354 
VAL HG23 H N N 355 
VAL HXT  H N N 356 
# 
loop_
_chem_comp_bond.comp_id 
_chem_comp_bond.atom_id_1 
_chem_comp_bond.atom_id_2 
_chem_comp_bond.value_order 
_chem_comp_bond.pdbx_aromatic_flag 
_chem_comp_bond.pdbx_stereo_config 
_chem_comp_bond.pdbx_ordinal 
ALA N   CA   sing N N 1   
ALA N   H    sing N N 2   
ALA N   H2   sing N N 3   
ALA CA  C    sing N N 4   
ALA CA  CB   sing N N 5   
ALA CA  HA   sing N N 6   
ALA C   O    doub N N 7   
ALA C   OXT  sing N N 8   
ALA CB  HB1  sing N N 9   
ALA CB  HB2  sing N N 10  
ALA CB  HB3  sing N N 11  
ALA OXT HXT  sing N N 12  
ARG N   CA   sing N N 13  
ARG N   H    sing N N 14  
ARG N   H2   sing N N 15  
ARG CA  C    sing N N 16  
ARG CA  CB   sing N N 17  
ARG CA  HA   sing N N 18  
ARG C   O    doub N N 19  
ARG C   OXT  sing N N 20  
ARG CB  CG   sing N N 21  
ARG CB  HB2  sing N N 22  
ARG CB  HB3  sing N N 23  
ARG CG  CD   sing N N 24  
ARG CG  HG2  sing N N 25  
ARG CG  HG3  sing N N 26  
ARG CD  NE   sing N N 27  
ARG CD  HD2  sing N N 28  
ARG CD  HD3  sing N N 29  
ARG NE  CZ   sing N N 30  
ARG NE  HE   sing N N 31  
ARG CZ  NH1  sing N N 32  
ARG CZ  NH2  doub N N 33  
ARG NH1 HH11 sing N N 34  
ARG NH1 HH12 sing N N 35  
ARG NH2 HH21 sing N N 36  
ARG NH2 HH22 sing N N 37  
ARG OXT HXT  sing N N 38  
ASN N   CA   sing N N 39  
ASN N   H    sing N N 40  
ASN N   H2   sing N N 41  
ASN CA  C    sing N N 42  
ASN CA  CB   sing N N 43  
ASN CA  HA   sing N N 44  
ASN C   O    doub N N 45  
ASN C   OXT  sing N N 46  
ASN CB  CG   sing N N 47  
ASN CB  HB2  sing N N 48  
ASN CB  HB3  sing N N 49  
ASN CG  OD1  doub N N 50  
ASN CG  ND2  sing N N 51  
ASN ND2 HD21 sing N N 52  
ASN ND2 HD22 sing N N 53  
ASN OXT HXT  sing N N 54  
ASP N   CA   sing N N 55  
ASP N   H    sing N N 56  
ASP N   H2   sing N N 57  
ASP CA  C    sing N N 58  
ASP CA  CB   sing N N 59  
ASP CA  HA   sing N N 60  
ASP C   O    doub N N 61  
ASP C   OXT  sing N N 62  
ASP CB  CG   sing N N 63  
ASP CB  HB2  sing N N 64  
ASP CB  HB3  sing N N 65  
ASP CG  OD1  doub N N 66  
ASP CG  OD2  sing N N 67  
ASP OD2 HD2  sing N N 68  
ASP OXT HXT  sing N N 69  
GLN N   CA   sing N N 70  
GLN N   H    sing N N 71  
GLN N   H2   sing N N 72  
GLN CA  C    sing N N 73  
GLN CA  CB   sing N N 74  
GLN CA  HA   sing N N 75  
GLN C   O    doub N N 76  
GLN C   OXT  sing N N 77  
GLN CB  CG   sing N N 78  
GLN CB  HB2  sing N N 79  
GLN CB  HB3  sing N N 80  
GLN CG  CD   sing N N 81  
GLN CG  HG2  sing N N 82  
GLN CG  HG3  sing N N 83  
GLN CD  OE1  doub N N 84  
GLN CD  NE2  sing N N 85  
GLN NE2 HE21 sing N N 86  
GLN NE2 HE22 sing N N 87  
GLN OXT HXT  sing N N 88  
GLU N   CA   sing N N 89  
GLU N   H    sing N N 90  
GLU N   H2   sing N N 91  
GLU CA  C    sing N N 92  
GLU CA  CB   sing N N 93  
GLU CA  HA   sing N N 94  
GLU C   O    doub N N 95  
GLU C   OXT  sing N N 96  
GLU CB  CG   sing N N 97  
GLU CB  HB2  sing N N 98  
GLU CB  HB3  sing N N 99  
GLU CG  CD   sing N N 100 
GLU CG  HG2  sing N N 101 
GLU CG  HG3  sing N N 102 
GLU CD  OE1  doub N N 103 
GLU CD  OE2  sing N N 104 
GLU OE2 HE2  sing N N 105 
GLU OXT HXT  sing N N 106 
GLY N   CA   sing N N 107 
GLY N   H    sing N N 108 
GLY N   H2   sing N N 109 
GLY CA  C    sing N N 110 
GLY CA  HA2  sing N N 111 
GLY CA  HA3  sing N N 112 
GLY C   O    doub N N 113 
GLY C   OXT  sing N N 114 
GLY OXT HXT  sing N N 115 
HOH O   H1   sing N N 116 
HOH O   H2   sing N N 117 
ILE N   CA   sing N N 118 
ILE N   H    sing N N 119 
ILE N   H2   sing N N 120 
ILE CA  C    sing N N 121 
ILE CA  CB   sing N N 122 
ILE CA  HA   sing N N 123 
ILE C   O    doub N N 124 
ILE C   OXT  sing N N 125 
ILE CB  CG1  sing N N 126 
ILE CB  CG2  sing N N 127 
ILE CB  HB   sing N N 128 
ILE CG1 CD1  sing N N 129 
ILE CG1 HG12 sing N N 130 
ILE CG1 HG13 sing N N 131 
ILE CG2 HG21 sing N N 132 
ILE CG2 HG22 sing N N 133 
ILE CG2 HG23 sing N N 134 
ILE CD1 HD11 sing N N 135 
ILE CD1 HD12 sing N N 136 
ILE CD1 HD13 sing N N 137 
ILE OXT HXT  sing N N 138 
LEU N   CA   sing N N 139 
LEU N   H    sing N N 140 
LEU N   H2   sing N N 141 
LEU CA  C    sing N N 142 
LEU CA  CB   sing N N 143 
LEU CA  HA   sing N N 144 
LEU C   O    doub N N 145 
LEU C   OXT  sing N N 146 
LEU CB  CG   sing N N 147 
LEU CB  HB2  sing N N 148 
LEU CB  HB3  sing N N 149 
LEU CG  CD1  sing N N 150 
LEU CG  CD2  sing N N 151 
LEU CG  HG   sing N N 152 
LEU CD1 HD11 sing N N 153 
LEU CD1 HD12 sing N N 154 
LEU CD1 HD13 sing N N 155 
LEU CD2 HD21 sing N N 156 
LEU CD2 HD22 sing N N 157 
LEU CD2 HD23 sing N N 158 
LEU OXT HXT  sing N N 159 
LYS N   CA   sing N N 160 
LYS N   H    sing N N 161 
LYS N   H2   sing N N 162 
LYS CA  C    sing N N 163 
LYS CA  CB   sing N N 164 
LYS CA  HA   sing N N 165 
LYS C   O    doub N N 166 
LYS C   OXT  sing N N 167 
LYS CB  CG   sing N N 168 
LYS CB  HB2  sing N N 169 
LYS CB  HB3  sing N N 170 
LYS CG  CD   sing N N 171 
LYS CG  HG2  sing N N 172 
LYS CG  HG3  sing N N 173 
LYS CD  CE   sing N N 174 
LYS CD  HD2  sing N N 175 
LYS CD  HD3  sing N N 176 
LYS CE  NZ   sing N N 177 
LYS CE  HE2  sing N N 178 
LYS CE  HE3  sing N N 179 
LYS NZ  HZ1  sing N N 180 
LYS NZ  HZ2  sing N N 181 
LYS NZ  HZ3  sing N N 182 
LYS OXT HXT  sing N N 183 
MET N   CA   sing N N 184 
MET N   H    sing N N 185 
MET N   H2   sing N N 186 
MET CA  C    sing N N 187 
MET CA  CB   sing N N 188 
MET CA  HA   sing N N 189 
MET C   O    doub N N 190 
MET C   OXT  sing N N 191 
MET CB  CG   sing N N 192 
MET CB  HB2  sing N N 193 
MET CB  HB3  sing N N 194 
MET CG  SD   sing N N 195 
MET CG  HG2  sing N N 196 
MET CG  HG3  sing N N 197 
MET SD  CE   sing N N 198 
MET CE  HE1  sing N N 199 
MET CE  HE2  sing N N 200 
MET CE  HE3  sing N N 201 
MET OXT HXT  sing N N 202 
PHE N   CA   sing N N 203 
PHE N   H    sing N N 204 
PHE N   H2   sing N N 205 
PHE CA  C    sing N N 206 
PHE CA  CB   sing N N 207 
PHE CA  HA   sing N N 208 
PHE C   O    doub N N 209 
PHE C   OXT  sing N N 210 
PHE CB  CG   sing N N 211 
PHE CB  HB2  sing N N 212 
PHE CB  HB3  sing N N 213 
PHE CG  CD1  doub Y N 214 
PHE CG  CD2  sing Y N 215 
PHE CD1 CE1  sing Y N 216 
PHE CD1 HD1  sing N N 217 
PHE CD2 CE2  doub Y N 218 
PHE CD2 HD2  sing N N 219 
PHE CE1 CZ   doub Y N 220 
PHE CE1 HE1  sing N N 221 
PHE CE2 CZ   sing Y N 222 
PHE CE2 HE2  sing N N 223 
PHE CZ  HZ   sing N N 224 
PHE OXT HXT  sing N N 225 
PRO N   CA   sing N N 226 
PRO N   CD   sing N N 227 
PRO N   H    sing N N 228 
PRO CA  C    sing N N 229 
PRO CA  CB   sing N N 230 
PRO CA  HA   sing N N 231 
PRO C   O    doub N N 232 
PRO C   OXT  sing N N 233 
PRO CB  CG   sing N N 234 
PRO CB  HB2  sing N N 235 
PRO CB  HB3  sing N N 236 
PRO CG  CD   sing N N 237 
PRO CG  HG2  sing N N 238 
PRO CG  HG3  sing N N 239 
PRO CD  HD2  sing N N 240 
PRO CD  HD3  sing N N 241 
PRO OXT HXT  sing N N 242 
SER N   CA   sing N N 243 
SER N   H    sing N N 244 
SER N   H2   sing N N 245 
SER CA  C    sing N N 246 
SER CA  CB   sing N N 247 
SER CA  HA   sing N N 248 
SER C   O    doub N N 249 
SER C   OXT  sing N N 250 
SER CB  OG   sing N N 251 
SER CB  HB2  sing N N 252 
SER CB  HB3  sing N N 253 
SER OG  HG   sing N N 254 
SER OXT HXT  sing N N 255 
THR N   CA   sing N N 256 
THR N   H    sing N N 257 
THR N   H2   sing N N 258 
THR CA  C    sing N N 259 
THR CA  CB   sing N N 260 
THR CA  HA   sing N N 261 
THR C   O    doub N N 262 
THR C   OXT  sing N N 263 
THR CB  OG1  sing N N 264 
THR CB  CG2  sing N N 265 
THR CB  HB   sing N N 266 
THR OG1 HG1  sing N N 267 
THR CG2 HG21 sing N N 268 
THR CG2 HG22 sing N N 269 
THR CG2 HG23 sing N N 270 
THR OXT HXT  sing N N 271 
TRP N   CA   sing N N 272 
TRP N   H    sing N N 273 
TRP N   H2   sing N N 274 
TRP CA  C    sing N N 275 
TRP CA  CB   sing N N 276 
TRP CA  HA   sing N N 277 
TRP C   O    doub N N 278 
TRP C   OXT  sing N N 279 
TRP CB  CG   sing N N 280 
TRP CB  HB2  sing N N 281 
TRP CB  HB3  sing N N 282 
TRP CG  CD1  doub Y N 283 
TRP CG  CD2  sing Y N 284 
TRP CD1 NE1  sing Y N 285 
TRP CD1 HD1  sing N N 286 
TRP CD2 CE2  doub Y N 287 
TRP CD2 CE3  sing Y N 288 
TRP NE1 CE2  sing Y N 289 
TRP NE1 HE1  sing N N 290 
TRP CE2 CZ2  sing Y N 291 
TRP CE3 CZ3  doub Y N 292 
TRP CE3 HE3  sing N N 293 
TRP CZ2 CH2  doub Y N 294 
TRP CZ2 HZ2  sing N N 295 
TRP CZ3 CH2  sing Y N 296 
TRP CZ3 HZ3  sing N N 297 
TRP CH2 HH2  sing N N 298 
TRP OXT HXT  sing N N 299 
TYR N   CA   sing N N 300 
TYR N   H    sing N N 301 
TYR N   H2   sing N N 302 
TYR CA  C    sing N N 303 
TYR CA  CB   sing N N 304 
TYR CA  HA   sing N N 305 
TYR C   O    doub N N 306 
TYR C   OXT  sing N N 307 
TYR CB  CG   sing N N 308 
TYR CB  HB2  sing N N 309 
TYR CB  HB3  sing N N 310 
TYR CG  CD1  doub Y N 311 
TYR CG  CD2  sing Y N 312 
TYR CD1 CE1  sing Y N 313 
TYR CD1 HD1  sing N N 314 
TYR CD2 CE2  doub Y N 315 
TYR CD2 HD2  sing N N 316 
TYR CE1 CZ   doub Y N 317 
TYR CE1 HE1  sing N N 318 
TYR CE2 CZ   sing Y N 319 
TYR CE2 HE2  sing N N 320 
TYR CZ  OH   sing N N 321 
TYR OH  HH   sing N N 322 
TYR OXT HXT  sing N N 323 
VAL N   CA   sing N N 324 
VAL N   H    sing N N 325 
VAL N   H2   sing N N 326 
VAL CA  C    sing N N 327 
VAL CA  CB   sing N N 328 
VAL CA  HA   sing N N 329 
VAL C   O    doub N N 330 
VAL C   OXT  sing N N 331 
VAL CB  CG1  sing N N 332 
VAL CB  CG2  sing N N 333 
VAL CB  HB   sing N N 334 
VAL CG1 HG11 sing N N 335 
VAL CG1 HG12 sing N N 336 
VAL CG1 HG13 sing N N 337 
VAL CG2 HG21 sing N N 338 
VAL CG2 HG22 sing N N 339 
VAL CG2 HG23 sing N N 340 
VAL OXT HXT  sing N N 341 
# 
_atom_sites.entry_id                    4WYH 
_atom_sites.fract_transf_matrix[1][1]   -0.00953382 
_atom_sites.fract_transf_matrix[1][2]   0.03112217 
_atom_sites.fract_transf_matrix[1][3]   0.01388624 
_atom_sites.fract_transf_matrix[2][1]   0.01626334 
_atom_sites.fract_transf_matrix[2][2]   0.01304999 
_atom_sites.fract_transf_matrix[2][3]   -0.01808208 
_atom_sites.fract_transf_matrix[3][1]   -0.00909405 
_atom_sites.fract_transf_matrix[3][2]   0.00065330 
_atom_sites.fract_transf_matrix[3][3]   -0.00770786 
_atom_sites.fract_transf_vector[1]      -0.215392 
_atom_sites.fract_transf_vector[2]      0.298778 
_atom_sites.fract_transf_vector[3]      0.145652 
# 
loop_
_atom_type.symbol 
C 
I 
N 
O 
S 
# 
loop_
_atom_site.group_PDB 
_atom_site.id 
_atom_site.type_symbol 
_atom_site.label_atom_id 
_atom_site.label_alt_id 
_atom_site.label_comp_id 
_atom_site.label_asym_id 
_atom_site.label_entity_id 
_atom_site.label_seq_id 
_atom_site.pdbx_PDB_ins_code 
_atom_site.Cartn_x 
_atom_site.Cartn_y 
_atom_site.Cartn_z 
_atom_site.occupancy 
_atom_site.B_iso_or_equiv 
_atom_site.pdbx_formal_charge 
_atom_site.auth_seq_id 
_atom_site.auth_comp_id 
_atom_site.auth_asym_id 
_atom_site.auth_atom_id 
_atom_site.pdbx_PDB_model_num 
ATOM   1   N N   . ASP A 1 31  ? 1.890   -13.666 -8.840  1.00 31.84 ? 56  ASP A N   1 
ATOM   2   C CA  . ASP A 1 31  ? 1.162   -12.367 -9.024  1.00 25.90 ? 56  ASP A CA  1 
ATOM   3   C C   . ASP A 1 31  ? 1.453   -11.580 -7.770  1.00 27.81 ? 56  ASP A C   1 
ATOM   4   O O   . ASP A 1 31  ? 2.099   -12.131 -6.820  1.00 32.34 ? 56  ASP A O   1 
ATOM   5   C CB  . ASP A 1 31  ? -0.348  -12.601 -9.182  1.00 28.76 ? 56  ASP A CB  1 
ATOM   6   C CG  . ASP A 1 31  ? -1.074  -11.390 -9.727  1.00 35.10 ? 56  ASP A CG  1 
ATOM   7   O OD1 . ASP A 1 31  ? -0.848  -10.216 -9.222  1.00 32.58 ? 56  ASP A OD1 1 
ATOM   8   O OD2 . ASP A 1 31  ? -1.904  -11.637 -10.638 1.00 38.01 ? 56  ASP A OD2 1 
ATOM   9   N N   . TYR A 1 32  ? 1.026   -10.311 -7.744  1.00 24.90 ? 57  TYR A N   1 
ATOM   10  C CA  . TYR A 1 32  ? 1.131   -9.450  -6.543  1.00 22.26 ? 57  TYR A CA  1 
ATOM   11  C C   . TYR A 1 32  ? 2.548   -8.997  -6.347  1.00 17.88 ? 57  TYR A C   1 
ATOM   12  O O   . TYR A 1 32  ? 2.833   -8.174  -5.498  1.00 20.69 ? 57  TYR A O   1 
ATOM   13  C CB  . TYR A 1 32  ? 0.612   -10.125 -5.242  1.00 18.55 ? 57  TYR A CB  1 
ATOM   14  C CG  . TYR A 1 32  ? -0.877  -10.302 -5.205  1.00 23.06 ? 57  TYR A CG  1 
ATOM   15  C CD1 . TYR A 1 32  ? -1.673  -9.213  -5.285  1.00 22.30 ? 57  TYR A CD1 1 
ATOM   16  C CD2 . TYR A 1 32  ? -1.497  -11.563 -5.123  1.00 26.27 ? 57  TYR A CD2 1 
ATOM   17  C CE1 . TYR A 1 32  ? -3.046  -9.316  -5.257  1.00 19.81 ? 57  TYR A CE1 1 
ATOM   18  C CE2 . TYR A 1 32  ? -2.909  -11.680 -5.086  1.00 18.66 ? 57  TYR A CE2 1 
ATOM   19  C CZ  . TYR A 1 32  ? -3.664  -10.533 -5.140  1.00 19.15 ? 57  TYR A CZ  1 
ATOM   20  O OH  . TYR A 1 32  ? -5.067  -10.470 -5.085  1.00 29.46 ? 57  TYR A OH  1 
ATOM   21  N N   . SER A 1 33  ? 3.443   -9.514  -7.159  1.00 25.49 ? 58  SER A N   1 
ATOM   22  C CA  . SER A 1 33  ? 4.819   -9.099  -7.098  1.00 17.19 ? 58  SER A CA  1 
ATOM   23  C C   . SER A 1 33  ? 4.905   -7.617  -7.146  1.00 13.74 ? 58  SER A C   1 
ATOM   24  O O   . SER A 1 33  ? 5.743   -7.059  -6.463  1.00 13.84 ? 58  SER A O   1 
ATOM   25  C CB  . SER A 1 33  ? 5.648   -9.697  -8.249  1.00 24.31 ? 58  SER A CB  1 
ATOM   26  O OG  . SER A 1 33  ? 5.995   -11.024 -7.861  1.00 33.00 ? 58  SER A OG  1 
ATOM   27  N N   . TRP A 1 34  ? 4.086   -6.991  -7.998  1.00 12.33 ? 59  TRP A N   1 
ATOM   28  C CA  . TRP A 1 34  ? 4.140   -5.527  -8.213  1.00 18.38 ? 59  TRP A CA  1 
ATOM   29  C C   . TRP A 1 34  ? 3.928   -4.728  -6.912  1.00 9.86  ? 59  TRP A C   1 
ATOM   30  O O   . TRP A 1 34  ? 4.516   -3.682  -6.738  1.00 8.61  ? 59  TRP A O   1 
ATOM   31  C CB  . TRP A 1 34  ? 3.151   -5.094  -9.315  1.00 10.60 ? 59  TRP A CB  1 
ATOM   32  C CG  . TRP A 1 34  ? 1.702   -5.195  -8.957  1.00 11.15 ? 59  TRP A CG  1 
ATOM   33  C CD1 . TRP A 1 34  ? 0.895   -6.285  -9.117  1.00 12.54 ? 59  TRP A CD1 1 
ATOM   34  C CD2 . TRP A 1 34  ? 0.872   -4.182  -8.342  1.00 12.11 ? 59  TRP A CD2 1 
ATOM   35  N NE1 . TRP A 1 34  ? -0.380  -6.005  -8.684  1.00 10.81 ? 59  TRP A NE1 1 
ATOM   36  C CE2 . TRP A 1 34  ? -0.415  -4.719  -8.211  1.00 11.36 ? 59  TRP A CE2 1 
ATOM   37  C CE3 . TRP A 1 34  ? 1.098   -2.879  -7.892  1.00 11.39 ? 59  TRP A CE3 1 
ATOM   38  C CZ2 . TRP A 1 34  ? -1.470  -4.013  -7.608  1.00 11.07 ? 59  TRP A CZ2 1 
ATOM   39  C CZ3 . TRP A 1 34  ? 0.038   -2.178  -7.318  1.00 9.50  ? 59  TRP A CZ3 1 
ATOM   40  C CH2 . TRP A 1 34  ? -1.232  -2.761  -7.206  1.00 8.32  ? 59  TRP A CH2 1 
ATOM   41  N N   . ILE A 1 35  ? 3.118   -5.250  -6.012  1.00 9.97  ? 60  ILE A N   1 
ATOM   42  C CA  . ILE A 1 35  ? 2.913   -4.628  -4.710  1.00 10.49 ? 60  ILE A CA  1 
ATOM   43  C C   . ILE A 1 35  ? 4.201   -4.589  -3.932  1.00 7.08  ? 60  ILE A C   1 
ATOM   44  O O   . ILE A 1 35  ? 4.558   -3.544  -3.383  1.00 11.15 ? 60  ILE A O   1 
ATOM   45  C CB  . ILE A 1 35  ? 1.815   -5.354  -3.926  1.00 9.30  ? 60  ILE A CB  1 
ATOM   46  C CG1 . ILE A 1 35  ? 0.525   -5.336  -4.774  1.00 12.25 ? 60  ILE A CG1 1 
ATOM   47  C CG2 . ILE A 1 35  ? 1.601   -4.714  -2.562  1.00 5.19  ? 60  ILE A CG2 1 
ATOM   48  C CD1 . ILE A 1 35  ? -0.738  -5.724  -4.068  1.00 10.05 ? 60  ILE A CD1 1 
ATOM   49  N N   . GLU A 1 36  ? 4.932   -5.694  -3.898  1.00 7.49  ? 61  GLU A N   1 
ATOM   50  C CA  . GLU A 1 36  ? 6.204   -5.740  -3.186  1.00 10.73 ? 61  GLU A CA  1 
ATOM   51  C C   . GLU A 1 36  ? 7.179   -4.710  -3.736  1.00 9.25  ? 61  GLU A C   1 
ATOM   52  O O   . GLU A 1 36  ? 7.857   -4.007  -2.993  1.00 8.72  ? 61  GLU A O   1 
ATOM   53  C CB  . GLU A 1 36  ? 6.825   -7.137  -3.254  1.00 12.57 ? 61  GLU A CB  1 
ATOM   54  C CG  . GLU A 1 36  ? 6.000   -8.230  -2.550  1.00 14.71 ? 61  GLU A CG  1 
ATOM   55  C CD  . GLU A 1 36  ? 6.063   -8.200  -1.034  1.00 19.48 ? 61  GLU A CD  1 
ATOM   56  O OE1 . GLU A 1 36  ? 6.699   -7.247  -0.510  1.00 23.77 ? 61  GLU A OE1 1 
ATOM   57  O OE2 . GLU A 1 36  ? 5.461   -9.103  -0.343  1.00 28.08 ? 61  GLU A OE2 1 
ATOM   58  N N   . LYS A 1 37  ? 7.218   -4.595  -5.048  1.00 10.59 ? 62  LYS A N   1 
ATOM   59  C CA  . LYS A 1 37  ? 8.068   -3.617  -5.690  1.00 8.07  ? 62  LYS A CA  1 
ATOM   60  C C   . LYS A 1 37  ? 7.749   -2.179  -5.306  1.00 9.42  ? 62  LYS A C   1 
ATOM   61  O O   . LYS A 1 37  ? 8.627   -1.396  -5.070  1.00 10.87 ? 62  LYS A O   1 
ATOM   62  C CB  . LYS A 1 37  ? 7.965   -3.763  -7.210  1.00 14.66 ? 62  LYS A CB  1 
ATOM   63  C CG  . LYS A 1 37  ? 9.262   -3.393  -7.895  1.00 25.04 ? 62  LYS A CG  1 
ATOM   64  C CD  . LYS A 1 37  ? 10.440  -4.074  -7.183  1.00 34.98 ? 62  LYS A CD  1 
ATOM   65  C CE  . LYS A 1 37  ? 11.802  -3.919  -7.854  1.00 26.77 ? 62  LYS A CE  1 
ATOM   66  N NZ  . LYS A 1 37  ? 12.783  -4.554  -6.899  1.00 34.70 ? 62  LYS A NZ  1 
ATOM   67  N N   . VAL A 1 38  ? 6.477   -1.824  -5.334  1.00 10.46 ? 63  VAL A N   1 
ATOM   68  C CA  . VAL A 1 38  ? 6.028   -0.512  -4.941  1.00 8.79  ? 63  VAL A CA  1 
ATOM   69  C C   . VAL A 1 38  ? 6.401   -0.287  -3.469  1.00 8.30  ? 63  VAL A C   1 
ATOM   70  O O   . VAL A 1 38  ? 6.922   0.794   -3.118  1.00 5.59  ? 63  VAL A O   1 
ATOM   71  C CB  . VAL A 1 38  ? 4.507   -0.304  -5.158  1.00 6.44  ? 63  VAL A CB  1 
ATOM   72  C CG1 . VAL A 1 38  ? 4.071   1.061   -4.666  1.00 5.70  ? 63  VAL A CG1 1 
ATOM   73  C CG2 . VAL A 1 38  ? 4.172   -0.377  -6.656  1.00 8.21  ? 63  VAL A CG2 1 
ATOM   74  N N   . LEU A 1 39  ? 6.165   -1.291  -2.626  1.00 5.74  ? 64  LEU A N   1 
ATOM   75  C CA  . LEU A 1 39  ? 6.486   -1.139  -1.250  1.00 10.58 ? 64  LEU A CA  1 
ATOM   76  C C   . LEU A 1 39  ? 7.961   -0.830  -1.049  1.00 9.61  ? 64  LEU A C   1 
ATOM   77  O O   . LEU A 1 39  ? 8.316   -0.062  -0.167  1.00 8.13  ? 64  LEU A O   1 
ATOM   78  C CB  . LEU A 1 39  ? 6.122   -2.355  -0.421  1.00 11.03 ? 64  LEU A CB  1 
ATOM   79  C CG  . LEU A 1 39  ? 4.690   -2.467  0.031   1.00 10.32 ? 64  LEU A CG  1 
ATOM   80  C CD1 . LEU A 1 39  ? 4.469   -3.901  0.455   1.00 7.02  ? 64  LEU A CD1 1 
ATOM   81  C CD2 . LEU A 1 39  ? 4.258   -1.539  1.145   1.00 9.51  ? 64  LEU A CD2 1 
ATOM   82  N N   . GLU A 1 40  ? 8.793   -1.449  -1.879  1.00 9.44  ? 65  GLU A N   1 
ATOM   83  C CA  . GLU A 1 40  ? 10.231  -1.241  -1.810  1.00 9.86  ? 65  GLU A CA  1 
ATOM   84  C C   . GLU A 1 40  ? 10.655  0.158   -2.241  1.00 12.18 ? 65  GLU A C   1 
ATOM   85  O O   . GLU A 1 40  ? 11.568  0.694   -1.657  1.00 12.36 ? 65  GLU A O   1 
ATOM   86  C CB  . GLU A 1 40  ? 10.930  -2.211  -2.718  1.00 10.44 ? 65  GLU A CB  1 
ATOM   87  C CG  . GLU A 1 40  ? 12.423  -2.028  -2.705  1.00 15.60 ? 65  GLU A CG  1 
ATOM   88  C CD  . GLU A 1 40  ? 13.103  -2.946  -3.657  1.00 27.57 ? 65  GLU A CD  1 
ATOM   89  O OE1 . GLU A 1 40  ? 12.398  -3.423  -4.584  1.00 33.89 ? 65  GLU A OE1 1 
ATOM   90  O OE2 . GLU A 1 40  ? 14.324  -3.181  -3.455  1.00 25.99 ? 65  GLU A OE2 1 
ATOM   91  N N   . MET A 1 41  ? 10.010  0.701   -3.278  1.00 10.82 ? 66  MET A N   1 
ATOM   92  C CA  . MET A 1 41  ? 10.468  1.919   -3.940  1.00 11.37 ? 66  MET A CA  1 
ATOM   93  C C   . MET A 1 41  ? 9.820   3.209   -3.457  1.00 9.25  ? 66  MET A C   1 
ATOM   94  O O   . MET A 1 41  ? 10.463  4.237   -3.393  1.00 12.57 ? 66  MET A O   1 
ATOM   95  C CB  . MET A 1 41  ? 10.328  1.760   -5.437  1.00 10.39 ? 66  MET A CB  1 
ATOM   96  C CG  . MET A 1 41  ? 11.064  0.550   -6.007  1.00 16.56 ? 66  MET A CG  1 
ATOM   97  S SD  . MET A 1 41  ? 12.867  0.661   -5.852  1.00 21.80 ? 66  MET A SD  1 
ATOM   98  C CE  . MET A 1 41  ? 13.193  2.399   -6.231  1.00 22.16 ? 66  MET A CE  1 
ATOM   99  N N   . GLY A 1 42  ? 8.534   3.133   -3.118  1.00 8.61  ? 67  GLY A N   1 
ATOM   100 C CA  . GLY A 1 42  ? 7.803   4.242   -2.596  1.00 6.40  ? 67  GLY A CA  1 
ATOM   101 C C   . GLY A 1 42  ? 6.975   4.932   -3.667  1.00 9.18  ? 67  GLY A C   1 
ATOM   102 O O   . GLY A 1 42  ? 7.162   4.709   -4.862  1.00 10.62 ? 67  GLY A O   1 
ATOM   103 N N   . LEU A 1 43  ? 6.002   5.696   -3.218  1.00 6.74  ? 68  LEU A N   1 
ATOM   104 C CA  . LEU A 1 43  ? 5.173   6.505   -4.090  1.00 7.08  ? 68  LEU A CA  1 
ATOM   105 C C   . LEU A 1 43  ? 5.240   7.978   -3.616  1.00 10.92 ? 68  LEU A C   1 
ATOM   106 O O   . LEU A 1 43  ? 6.127   8.368   -2.804  1.00 6.96  ? 68  LEU A O   1 
ATOM   107 C CB  . LEU A 1 43  ? 3.712   5.989   -4.116  1.00 5.05  ? 68  LEU A CB  1 
ATOM   108 C CG  . LEU A 1 43  ? 3.466   4.552   -4.635  1.00 7.45  ? 68  LEU A CG  1 
ATOM   109 C CD1 . LEU A 1 43  ? 1.979   4.153   -4.527  1.00 5.31  ? 68  LEU A CD1 1 
ATOM   110 C CD2 . LEU A 1 43  ? 3.975   4.350   -6.052  1.00 3.13  ? 68  LEU A CD2 1 
ATOM   111 N N   . GLN A 1 44  ? 4.277   8.759   -4.092  1.00 5.23  ? 69  GLN A N   1 
ATOM   112 C CA  . GLN A 1 44  ? 4.362   10.184  -3.938  1.00 10.42 ? 69  GLN A CA  1 
ATOM   113 C C   . GLN A 1 44  ? 3.076   10.802  -3.352  1.00 9.22  ? 69  GLN A C   1 
ATOM   114 O O   . GLN A 1 44  ? 2.994   10.895  -2.172  1.00 12.46 ? 69  GLN A O   1 
ATOM   115 C CB  . GLN A 1 44  ? 4.844   10.808  -5.237  1.00 8.51  ? 69  GLN A CB  1 
ATOM   116 C CG  . GLN A 1 44  ? 5.138   12.280  -5.136  1.00 18.84 ? 69  GLN A CG  1 
ATOM   117 C CD  . GLN A 1 44  ? 5.906   12.830  -6.329  1.00 20.64 ? 69  GLN A CD  1 
ATOM   118 O OE1 . GLN A 1 44  ? 6.739   13.709  -6.169  1.00 35.15 ? 69  GLN A OE1 1 
ATOM   119 N NE2 . GLN A 1 44  ? 5.655   12.314  -7.509  1.00 19.75 ? 69  GLN A NE2 1 
ATOM   120 N N   . ASP A 1 45  ? 2.182   11.337  -4.161  1.00 6.69  ? 70  ASP A N   1 
ATOM   121 C CA  . ASP A 1 45  ? 0.927   11.876  -3.677  1.00 8.40  ? 70  ASP A CA  1 
ATOM   122 C C   . ASP A 1 45  ? -0.118  10.822  -3.322  1.00 7.73  ? 70  ASP A C   1 
ATOM   123 O O   . ASP A 1 45  ? -1.079  11.127  -2.665  1.00 7.21  ? 70  ASP A O   1 
ATOM   124 C CB  . ASP A 1 45  ? 0.332   12.804  -4.716  1.00 14.65 ? 70  ASP A CB  1 
ATOM   125 C CG  . ASP A 1 45  ? 1.251   14.041  -5.020  1.00 12.01 ? 70  ASP A CG  1 
ATOM   126 O OD1 . ASP A 1 45  ? 2.151   14.379  -4.210  1.00 9.84  ? 70  ASP A OD1 1 
ATOM   127 O OD2 . ASP A 1 45  ? 1.039   14.601  -6.105  1.00 11.24 ? 70  ASP A OD2 1 
ATOM   128 N N   . SER A 1 46  ? 0.081   9.571   -3.749  1.00 7.85  ? 71  SER A N   1 
ATOM   129 C CA  . SER A 1 46  ? -0.900  8.552   -3.575  1.00 6.86  ? 71  SER A CA  1 
ATOM   130 C C   . SER A 1 46  ? -0.587  7.577   -2.448  1.00 5.34  ? 71  SER A C   1 
ATOM   131 O O   . SER A 1 46  ? -1.257  6.593   -2.342  1.00 6.36  ? 71  SER A O   1 
ATOM   132 C CB  . SER A 1 46  ? -1.121  7.817   -4.896  1.00 4.85  ? 71  SER A CB  1 
ATOM   133 O OG  . SER A 1 46  ? -0.049  6.975   -5.188  1.00 6.12  ? 71  SER A OG  1 
ATOM   134 N N   . ARG A 1 47  ? 0.451   7.839   -1.636  1.00 7.61  ? 72  ARG A N   1 
ATOM   135 C CA  . ARG A 1 47  ? 0.913   6.919   -0.564  1.00 6.96  ? 72  ARG A CA  1 
ATOM   136 C C   . ARG A 1 47  ? -0.135  6.455   0.376   1.00 7.51  ? 72  ARG A C   1 
ATOM   137 O O   . ARG A 1 47  ? -0.223  5.257   0.611   1.00 4.83  ? 72  ARG A O   1 
ATOM   138 C CB  . ARG A 1 47  ? 2.054   7.525   0.266   1.00 7.55  ? 72  ARG A CB  1 
ATOM   139 C CG  . ARG A 1 47  ? 3.372   7.499   -0.424  1.00 7.81  ? 72  ARG A CG  1 
ATOM   140 C CD  . ARG A 1 47  ? 4.408   8.341   0.331   1.00 10.33 ? 72  ARG A CD  1 
ATOM   141 N NE  . ARG A 1 47  ? 4.026   9.753   0.365   1.00 8.45  ? 72  ARG A NE  1 
ATOM   142 C CZ  . ARG A 1 47  ? 4.575   10.626  1.186   1.00 11.82 ? 72  ARG A CZ  1 
ATOM   143 N NH1 . ARG A 1 47  ? 5.538   10.264  2.068   1.00 10.64 ? 72  ARG A NH1 1 
ATOM   144 N NH2 . ARG A 1 47  ? 4.192   11.870  1.113   1.00 13.12 ? 72  ARG A NH2 1 
ATOM   145 N N   . LYS A 1 48  ? -0.966  7.377   0.894   1.00 6.11  ? 73  LYS A N   1 
ATOM   146 C CA  . LYS A 1 48  ? -1.950  6.984   1.871   1.00 7.88  ? 73  LYS A CA  1 
ATOM   147 C C   . LYS A 1 48  ? -3.052  6.132   1.245   1.00 6.62  ? 73  LYS A C   1 
ATOM   148 O O   . LYS A 1 48  ? -3.403  5.103   1.738   1.00 5.42  ? 73  LYS A O   1 
ATOM   149 C CB  . LYS A 1 48  ? -2.474  8.205   2.627   1.00 9.52  ? 73  LYS A CB  1 
ATOM   150 C CG  . LYS A 1 48  ? -1.487  8.661   3.688   1.00 12.29 ? 73  LYS A CG  1 
ATOM   151 C CD  . LYS A 1 48  ? -2.016  9.892   4.395   1.00 17.17 ? 73  LYS A CD  1 
ATOM   152 C CE  . LYS A 1 48  ? -0.926  10.450  5.273   1.00 23.39 ? 73  LYS A CE  1 
ATOM   153 N NZ  . LYS A 1 48  ? -1.397  11.686  5.957   1.00 33.21 ? 73  LYS A NZ  1 
ATOM   154 N N   . ARG A 1 49  ? -3.529  6.525   0.080   1.00 6.11  ? 74  ARG A N   1 
ATOM   155 C CA  . ARG A 1 49  ? -4.512  5.694   -0.626  1.00 6.70  ? 74  ARG A CA  1 
ATOM   156 C C   . ARG A 1 49  ? -3.958  4.305   -1.011  1.00 6.25  ? 74  ARG A C   1 
ATOM   157 O O   . ARG A 1 49  ? -4.666  3.319   -0.865  1.00 8.21  ? 74  ARG A O   1 
ATOM   158 C CB  . ARG A 1 49  ? -4.974  6.439   -1.893  1.00 6.43  ? 74  ARG A CB  1 
ATOM   159 C CG  . ARG A 1 49  ? -5.688  7.713   -1.539  1.00 7.43  ? 74  ARG A CG  1 
ATOM   160 C CD  . ARG A 1 49  ? -6.514  8.240   -2.724  1.00 8.25  ? 74  ARG A CD  1 
ATOM   161 N NE  . ARG A 1 49  ? -5.772  8.275   -3.988  1.00 6.60  ? 74  ARG A NE  1 
ATOM   162 C CZ  . ARG A 1 49  ? -5.112  9.323   -4.421  1.00 8.12  ? 74  ARG A CZ  1 
ATOM   163 N NH1 . ARG A 1 49  ? -5.016  10.367  -3.658  1.00 7.97  ? 74  ARG A NH1 1 
ATOM   164 N NH2 . ARG A 1 49  ? -4.499  9.313   -5.605  1.00 8.41  ? 74  ARG A NH2 1 
ATOM   165 N N   . PHE A 1 50  ? -2.695  4.221   -1.433  1.00 5.37  ? 75  PHE A N   1 
ATOM   166 C CA  . PHE A 1 50  ? -2.051  2.936   -1.772  1.00 2.96  ? 75  PHE A CA  1 
ATOM   167 C C   . PHE A 1 50  ? -2.041  2.091   -0.525  1.00 5.58  ? 75  PHE A C   1 
ATOM   168 O O   . PHE A 1 50  ? -2.368  0.947   -0.571  1.00 5.93  ? 75  PHE A O   1 
ATOM   169 C CB  . PHE A 1 50  ? -0.634  3.145   -2.268  1.00 4.89  ? 75  PHE A CB  1 
ATOM   170 C CG  . PHE A 1 50  ? 0.070   1.858   -2.655  1.00 8.69  ? 75  PHE A CG  1 
ATOM   171 C CD1 . PHE A 1 50  ? -0.338  1.176   -3.766  1.00 7.04  ? 75  PHE A CD1 1 
ATOM   172 C CD2 . PHE A 1 50  ? 1.038   1.309   -1.861  1.00 8.09  ? 75  PHE A CD2 1 
ATOM   173 C CE1 . PHE A 1 50  ? 0.271   0.012   -4.142  1.00 9.74  ? 75  PHE A CE1 1 
ATOM   174 C CE2 . PHE A 1 50  ? 1.657   0.110   -2.232  1.00 8.11  ? 75  PHE A CE2 1 
ATOM   175 C CZ  . PHE A 1 50  ? 1.249   -0.531  -3.367  1.00 8.77  ? 75  PHE A CZ  1 
ATOM   176 N N   . ILE A 1 51  ? -1.713  2.664   0.618   1.00 5.46  ? 76  ILE A N   1 
ATOM   177 C CA  . ILE A 1 51  ? -1.812  1.922   1.901   1.00 6.45  ? 76  ILE A CA  1 
ATOM   178 C C   . ILE A 1 51  ? -3.219  1.449   2.251   1.00 6.31  ? 76  ILE A C   1 
ATOM   179 O O   . ILE A 1 51  ? -3.417  0.277   2.568   1.00 6.07  ? 76  ILE A O   1 
ATOM   180 C CB  . ILE A 1 51  ? -1.229  2.745   3.107   1.00 4.73  ? 76  ILE A CB  1 
ATOM   181 C CG1 . ILE A 1 51  ? 0.284   2.959   2.950   1.00 4.04  ? 76  ILE A CG1 1 
ATOM   182 C CG2 . ILE A 1 51  ? -1.592  2.110   4.469   1.00 5.13  ? 76  ILE A CG2 1 
ATOM   183 C CD1 . ILE A 1 51  ? 0.828   3.990   3.953   1.00 8.97  ? 76  ILE A CD1 1 
ATOM   184 N N   . LEU A 1 52  ? -4.201  2.315   2.160   1.00 4.01  ? 77  LEU A N   1 
ATOM   185 C CA  . LEU A 1 52  ? -5.561  1.933   2.516   1.00 6.89  ? 77  LEU A CA  1 
ATOM   186 C C   . LEU A 1 52  ? -6.152  0.887   1.562   1.00 6.00  ? 77  LEU A C   1 
ATOM   187 O O   . LEU A 1 52  ? -6.768  -0.067  2.003   1.00 6.26  ? 77  LEU A O   1 
ATOM   188 C CB  . LEU A 1 52  ? -6.459  3.156   2.539   1.00 5.08  ? 77  LEU A CB  1 
ATOM   189 C CG  . LEU A 1 52  ? -7.932  2.983   2.879   1.00 8.25  ? 77  LEU A CG  1 
ATOM   190 C CD1 . LEU A 1 52  ? -8.063  2.280   4.226   1.00 4.69  ? 77  LEU A CD1 1 
ATOM   191 C CD2 . LEU A 1 52  ? -8.636  4.317   2.857   1.00 6.05  ? 77  LEU A CD2 1 
ATOM   192 N N   . TYR A 1 53  ? -5.937  1.058   0.254   1.00 5.03  ? 78  TYR A N   1 
ATOM   193 C CA  . TYR A 1 53  ? -6.693  0.288   -0.750  1.00 5.68  ? 78  TYR A CA  1 
ATOM   194 C C   . TYR A 1 53  ? -5.970  -0.909  -1.254  1.00 7.61  ? 78  TYR A C   1 
ATOM   195 O O   . TYR A 1 53  ? -6.616  -1.845  -1.776  1.00 6.52  ? 78  TYR A O   1 
ATOM   196 C CB  . TYR A 1 53  ? -7.244  1.213   -1.927  1.00 6.84  ? 78  TYR A CB  1 
ATOM   197 C CG  . TYR A 1 53  ? -8.225  2.276   -1.465  1.00 5.73  ? 78  TYR A CG  1 
ATOM   198 C CD1 . TYR A 1 53  ? -9.477  1.933   -1.059  1.00 7.57  ? 78  TYR A CD1 1 
ATOM   199 C CD2 . TYR A 1 53  ? -7.880  3.635   -1.417  1.00 8.02  ? 78  TYR A CD2 1 
ATOM   200 C CE1 . TYR A 1 53  ? -10.353 2.894   -0.593  1.00 8.88  ? 78  TYR A CE1 1 
ATOM   201 C CE2 . TYR A 1 53  ? -8.729  4.597   -0.929  1.00 9.47  ? 78  TYR A CE2 1 
ATOM   202 C CZ  . TYR A 1 53  ? -9.964  4.220   -0.494  1.00 10.30 ? 78  TYR A CZ  1 
ATOM   203 O OH  . TYR A 1 53  ? -10.868 5.137   -0.056  1.00 8.13  ? 78  TYR A OH  1 
ATOM   204 N N   . VAL A 1 54  ? -4.642  -0.925  -1.108  1.00 6.83  ? 79  VAL A N   1 
ATOM   205 C CA  . VAL A 1 54  ? -3.845  -1.939  -1.704  1.00 7.76  ? 79  VAL A CA  1 
ATOM   206 C C   . VAL A 1 54  ? -2.896  -2.619  -0.706  1.00 8.66  ? 79  VAL A C   1 
ATOM   207 O O   . VAL A 1 54  ? -3.054  -3.803  -0.417  1.00 6.57  ? 79  VAL A O   1 
ATOM   208 C CB  . VAL A 1 54  ? -3.079  -1.384  -2.940  1.00 8.26  ? 79  VAL A CB  1 
ATOM   209 C CG1 . VAL A 1 54  ? -2.284  -2.480  -3.588  1.00 5.70  ? 79  VAL A CG1 1 
ATOM   210 C CG2 . VAL A 1 54  ? -4.036  -0.678  -3.896  1.00 6.07  ? 79  VAL A CG2 1 
ATOM   211 N N   . ALA A 1 55  ? -1.909  -1.903  -0.198  1.00 5.53  ? 80  ALA A N   1 
ATOM   212 C CA  . ALA A 1 55  ? -0.817  -2.561  0.478   1.00 6.26  ? 80  ALA A CA  1 
ATOM   213 C C   . ALA A 1 55  ? -1.235  -3.215  1.780   1.00 6.45  ? 80  ALA A C   1 
ATOM   214 O O   . ALA A 1 55  ? -0.861  -4.353  2.045   1.00 6.04  ? 80  ALA A O   1 
ATOM   215 C CB  . ALA A 1 55  ? 0.302   -1.582  0.707   1.00 3.62  ? 80  ALA A CB  1 
ATOM   216 N N   . SER A 1 56  ? -2.014  -2.532  2.592   1.00 5.65  ? 81  SER A N   1 
ATOM   217 C CA  . SER A 1 56  ? -2.438  -3.112  3.870   1.00 6.82  ? 81  SER A CA  1 
ATOM   218 C C   . SER A 1 56  ? -3.213  -4.436  3.641   1.00 6.30  ? 81  SER A C   1 
ATOM   219 O O   . SER A 1 56  ? -2.930  -5.409  4.298   1.00 3.78  ? 81  SER A O   1 
ATOM   220 C CB  . SER A 1 56  ? -3.331  -2.149  4.696   1.00 4.46  ? 81  SER A CB  1 
ATOM   221 O OG  . SER A 1 56  ? -4.526  -1.849  4.015   1.00 3.83  ? 81  SER A OG  1 
ATOM   222 N N   . ARG A 1 57  ? -4.141  -4.424  2.683   1.00 4.90  ? 82  ARG A N   1 
ATOM   223 C CA  . ARG A 1 57  ? -4.950  -5.591  2.347   1.00 7.24  ? 82  ARG A CA  1 
ATOM   224 C C   . ARG A 1 57  ? -4.110  -6.730  1.785   1.00 5.91  ? 82  ARG A C   1 
ATOM   225 O O   . ARG A 1 57  ? -4.319  -7.859  2.121   1.00 5.28  ? 82  ARG A O   1 
ATOM   226 C CB  . ARG A 1 57  ? -5.960  -5.185  1.317   1.00 6.65  ? 82  ARG A CB  1 
ATOM   227 C CG  . ARG A 1 57  ? -6.805  -3.966  1.710   1.00 6.18  ? 82  ARG A CG  1 
ATOM   228 C CD  . ARG A 1 57  ? -7.871  -3.741  0.683   1.00 5.02  ? 82  ARG A CD  1 
ATOM   229 N NE  . ARG A 1 57  ? -8.689  -2.616  0.991   1.00 5.18  ? 82  ARG A NE  1 
ATOM   230 C CZ  . ARG A 1 57  ? -9.786  -2.304  0.338   1.00 9.34  ? 82  ARG A CZ  1 
ATOM   231 N NH1 . ARG A 1 57  ? -10.195 -3.059  -0.689  1.00 6.53  ? 82  ARG A NH1 1 
ATOM   232 N NH2 . ARG A 1 57  ? -10.460 -1.209  0.680   1.00 7.59  ? 82  ARG A NH2 1 
ATOM   233 N N   . TYR A 1 58  ? -3.146  -6.424  0.925   1.00 5.76  ? 83  TYR A N   1 
ATOM   234 C CA  . TYR A 1 58  ? -2.233  -7.447  0.457   1.00 6.25  ? 83  TYR A CA  1 
ATOM   235 C C   . TYR A 1 58  ? -1.460  -8.121  1.589   1.00 10.39 ? 83  TYR A C   1 
ATOM   236 O O   . TYR A 1 58  ? -1.411  -9.349  1.729   1.00 8.65  ? 83  TYR A O   1 
ATOM   237 C CB  . TYR A 1 58  ? -1.282  -6.821  -0.524  1.00 8.55  ? 83  TYR A CB  1 
ATOM   238 C CG  . TYR A 1 58  ? -0.097  -7.684  -0.901  1.00 7.46  ? 83  TYR A CG  1 
ATOM   239 C CD1 . TYR A 1 58  ? -0.277  -8.840  -1.610  1.00 13.05 ? 83  TYR A CD1 1 
ATOM   240 C CD2 . TYR A 1 58  ? 1.225   -7.343  -0.476  1.00 9.30  ? 83  TYR A CD2 1 
ATOM   241 C CE1 . TYR A 1 58  ? 0.823   -9.661  -1.936  1.00 16.53 ? 83  TYR A CE1 1 
ATOM   242 C CE2 . TYR A 1 58  ? 2.328   -8.155  -0.777  1.00 8.71  ? 83  TYR A CE2 1 
ATOM   243 C CZ  . TYR A 1 58  ? 2.116   -9.270  -1.536  1.00 18.08 ? 83  TYR A CZ  1 
ATOM   244 O OH  . TYR A 1 58  ? 3.107   -10.080 -1.918  1.00 22.23 ? 83  TYR A OH  1 
ATOM   245 N N   . LEU A 1 59  ? -0.811  -7.305  2.402   1.00 7.16  ? 84  LEU A N   1 
ATOM   246 C CA  . LEU A 1 59  ? -0.002  -7.797  3.477   1.00 7.77  ? 84  LEU A CA  1 
ATOM   247 C C   . LEU A 1 59  ? -0.803  -8.683  4.440   1.00 9.28  ? 84  LEU A C   1 
ATOM   248 O O   . LEU A 1 59  ? -0.415  -9.793  4.774   1.00 11.56 ? 84  LEU A O   1 
ATOM   249 C CB  . LEU A 1 59  ? 0.634   -6.607  4.222   1.00 8.55  ? 84  LEU A CB  1 
ATOM   250 C CG  . LEU A 1 59  ? 1.708   -5.823  3.465   1.00 9.27  ? 84  LEU A CG  1 
ATOM   251 C CD1 . LEU A 1 59  ? 2.138   -4.624  4.300   1.00 7.90  ? 84  LEU A CD1 1 
ATOM   252 C CD2 . LEU A 1 59  ? 2.840   -6.782  3.191   1.00 10.23 ? 84  LEU A CD2 1 
ATOM   253 N N   . VAL A 1 60  ? -1.939  -8.204  4.851   1.00 8.95  ? 85  VAL A N   1 
ATOM   254 C CA  . VAL A 1 60  ? -2.735  -8.877  5.853   1.00 6.17  ? 85  VAL A CA  1 
ATOM   255 C C   . VAL A 1 60  ? -3.519  -10.087 5.300   1.00 10.35 ? 85  VAL A C   1 
ATOM   256 O O   . VAL A 1 60  ? -3.530  -11.197 5.902   1.00 8.21  ? 85  VAL A O   1 
ATOM   257 C CB  . VAL A 1 60  ? -3.670  -7.843  6.514   1.00 7.44  ? 85  VAL A CB  1 
ATOM   258 C CG1 . VAL A 1 60  ? -4.681  -8.509  7.427   1.00 12.42 ? 85  VAL A CG1 1 
ATOM   259 C CG2 . VAL A 1 60  ? -2.821  -6.798  7.265   1.00 9.12  ? 85  VAL A CG2 1 
ATOM   260 N N   . ASN A 1 61  ? -4.163  -9.900  4.162   1.00 9.47  ? 86  ASN A N   1 
ATOM   261 C CA  . ASN A 1 61  ? -5.168  -10.862 3.717   1.00 9.51  ? 86  ASN A CA  1 
ATOM   262 C C   . ASN A 1 61  ? -4.698  -11.799 2.654   1.00 11.47 ? 86  ASN A C   1 
ATOM   263 O O   . ASN A 1 61  ? -5.255  -12.903 2.511   1.00 12.07 ? 86  ASN A O   1 
ATOM   264 C CB  . ASN A 1 61  ? -6.441  -10.125 3.289   1.00 7.48  ? 86  ASN A CB  1 
ATOM   265 C CG  . ASN A 1 61  ? -7.152  -9.508  4.475   1.00 9.02  ? 86  ASN A CG  1 
ATOM   266 O OD1 . ASN A 1 61  ? -7.039  -9.967  5.635   1.00 7.65  ? 86  ASN A OD1 1 
ATOM   267 N ND2 . ASN A 1 61  ? -7.833  -8.400  4.202   1.00 8.36  ? 86  ASN A ND2 1 
ATOM   268 N N   . VAL A 1 62  ? -3.653  -11.403 1.951   1.00 9.34  ? 87  VAL A N   1 
ATOM   269 C CA  . VAL A 1 62  ? -3.046  -12.248 0.907   1.00 12.81 ? 87  VAL A CA  1 
ATOM   270 C C   . VAL A 1 62  ? -1.734  -12.886 1.389   1.00 13.41 ? 87  VAL A C   1 
ATOM   271 O O   . VAL A 1 62  ? -1.582  -14.075 1.333   1.00 15.25 ? 87  VAL A O   1 
ATOM   272 C CB  . VAL A 1 62  ? -2.793  -11.484 -0.386  1.00 8.43  ? 87  VAL A CB  1 
ATOM   273 C CG1 . VAL A 1 62  ? -2.329  -12.456 -1.466  1.00 14.77 ? 87  VAL A CG1 1 
ATOM   274 C CG2 . VAL A 1 62  ? -4.055  -10.762 -0.859  1.00 8.83  ? 87  VAL A CG2 1 
ATOM   275 N N   . LYS A 1 63  ? -0.791  -12.074 1.837   1.00 10.77 ? 88  LYS A N   1 
ATOM   276 C CA  . LYS A 1 63  ? 0.449   -12.596 2.404   1.00 11.55 ? 88  LYS A CA  1 
ATOM   277 C C   . LYS A 1 63  ? 0.312   -13.175 3.792   1.00 13.36 ? 88  LYS A C   1 
ATOM   278 O O   . LYS A 1 63  ? 1.053   -14.052 4.190   1.00 15.70 ? 88  LYS A O   1 
ATOM   279 C CB  . LYS A 1 63  ? 1.488   -11.490 2.371   1.00 17.96 ? 88  LYS A CB  1 
ATOM   280 C CG  . LYS A 1 63  ? 2.486   -11.613 1.285   1.00 24.65 ? 88  LYS A CG  1 
ATOM   281 C CD  . LYS A 1 63  ? 1.950   -12.263 -0.020  1.00 24.13 ? 88  LYS A CD  1 
ATOM   282 C CE  . LYS A 1 63  ? 2.442   -13.715 -0.178  1.00 22.03 ? 88  LYS A CE  1 
ATOM   283 N NZ  . LYS A 1 63  ? 2.254   -14.166 -1.551  1.00 25.47 ? 88  LYS A NZ  1 
ATOM   284 N N   . GLY A 1 64  ? -0.675  -12.698 4.532   1.00 17.70 ? 89  GLY A N   1 
ATOM   285 C CA  . GLY A 1 64  ? -0.998  -13.208 5.842   1.00 15.75 ? 89  GLY A CA  1 
ATOM   286 C C   . GLY A 1 64  ? 0.053   -12.882 6.873   1.00 15.27 ? 89  GLY A C   1 
ATOM   287 O O   . GLY A 1 64  ? 0.239   -13.648 7.794   1.00 14.56 ? 89  GLY A O   1 
ATOM   288 N N   . VAL A 1 65  ? 0.711   -11.732 6.765   1.00 10.44 ? 90  VAL A N   1 
ATOM   289 C CA  . VAL A 1 65  ? 1.671   -11.328 7.784   1.00 11.70 ? 90  VAL A CA  1 
ATOM   290 C C   . VAL A 1 65  ? 0.841   -10.772 8.942   1.00 11.67 ? 90  VAL A C   1 
ATOM   291 O O   . VAL A 1 65  ? -0.316  -10.394 8.727   1.00 10.66 ? 90  VAL A O   1 
ATOM   292 C CB  . VAL A 1 65  ? 2.682   -10.259 7.271   1.00 11.08 ? 90  VAL A CB  1 
ATOM   293 C CG1 . VAL A 1 65  ? 3.417   -10.714 6.028   1.00 11.49 ? 90  VAL A CG1 1 
ATOM   294 C CG2 . VAL A 1 65  ? 1.988   -8.945  7.037   1.00 9.64  ? 90  VAL A CG2 1 
ATOM   295 N N   . ASN A 1 66  ? 1.448   -10.685 10.128  1.00 10.03 ? 91  ASN A N   1 
ATOM   296 C CA  . ASN A 1 66  ? 0.769   -10.191 11.315  1.00 11.28 ? 91  ASN A CA  1 
ATOM   297 C C   . ASN A 1 66  ? 0.892   -8.713  11.554  1.00 11.70 ? 91  ASN A C   1 
ATOM   298 O O   . ASN A 1 66  ? 1.577   -8.015  10.821  1.00 9.82  ? 91  ASN A O   1 
ATOM   299 C CB  . ASN A 1 66  ? 1.239   -11.018 12.509  1.00 18.80 ? 91  ASN A CB  1 
ATOM   300 C CG  . ASN A 1 66  ? 0.862   -12.491 12.364  1.00 23.51 ? 91  ASN A CG  1 
ATOM   301 O OD1 . ASN A 1 66  ? 1.733   -13.380 12.422  1.00 26.80 ? 91  ASN A OD1 1 
ATOM   302 N ND2 . ASN A 1 66  ? -0.418  -12.765 12.227  1.00 15.53 ? 91  ASN A ND2 1 
ATOM   303 N N   . GLU A 1 67  ? 0.155   -8.207  12.526  1.00 9.59  ? 92  GLU A N   1 
ATOM   304 C CA  . GLU A 1 67  ? -0.005  -6.775  12.674  1.00 16.12 ? 92  GLU A CA  1 
ATOM   305 C C   . GLU A 1 67  ? 1.319   -6.000  12.808  1.00 13.32 ? 92  GLU A C   1 
ATOM   306 O O   . GLU A 1 67  ? 1.490   -4.946  12.209  1.00 13.48 ? 92  GLU A O   1 
ATOM   307 C CB  . GLU A 1 67  ? -0.937  -6.458  13.867  1.00 17.67 ? 92  GLU A CB  1 
ATOM   308 C CG  . GLU A 1 67  ? -2.415  -6.814  13.596  1.00 23.68 ? 92  GLU A CG  1 
ATOM   309 C CD  . GLU A 1 67  ? -2.807  -8.299  13.813  1.00 31.88 ? 92  GLU A CD  1 
ATOM   310 O OE1 . GLU A 1 67  ? -1.936  -9.215  13.762  1.00 30.53 ? 92  GLU A OE1 1 
ATOM   311 O OE2 . GLU A 1 67  ? -4.016  -8.570  14.054  1.00 39.14 ? 92  GLU A OE2 1 
ATOM   312 N N   . ASP A 1 68  ? 2.240   -6.520  13.605  1.00 13.16 ? 93  ASP A N   1 
ATOM   313 C CA  . ASP A 1 68  ? 3.501   -5.819  13.828  1.00 15.33 ? 93  ASP A CA  1 
ATOM   314 C C   . ASP A 1 68  ? 4.300   -5.708  12.521  1.00 11.08 ? 93  ASP A C   1 
ATOM   315 O O   . ASP A 1 68  ? 4.719   -4.624  12.177  1.00 9.38  ? 93  ASP A O   1 
ATOM   316 C CB  . ASP A 1 68  ? 4.307   -6.497  14.911  1.00 16.11 ? 93  ASP A CB  1 
ATOM   317 C CG  . ASP A 1 68  ? 3.734   -6.251  16.263  1.00 23.36 ? 93  ASP A CG  1 
ATOM   318 O OD1 . ASP A 1 68  ? 3.066   -5.208  16.449  1.00 30.08 ? 93  ASP A OD1 1 
ATOM   319 O OD2 . ASP A 1 68  ? 3.924   -7.093  17.163  1.00 30.46 ? 93  ASP A OD2 1 
ATOM   320 N N   . GLU A 1 69  ? 4.431   -6.791  11.778  1.00 7.86  ? 94  GLU A N   1 
ATOM   321 C CA  . GLU A 1 69  ? 5.123   -6.723  10.525  1.00 9.40  ? 94  GLU A CA  1 
ATOM   322 C C   . GLU A 1 69  ? 4.442   -5.790  9.523   1.00 7.83  ? 94  GLU A C   1 
ATOM   323 O O   . GLU A 1 69  ? 5.104   -5.108  8.787   1.00 7.75  ? 94  GLU A O   1 
ATOM   324 C CB  . GLU A 1 69  ? 5.337   -8.121  9.945   1.00 9.70  ? 94  GLU A CB  1 
ATOM   325 C CG  . GLU A 1 69  ? 6.009   -8.092  8.583   1.00 8.76  ? 94  GLU A CG  1 
ATOM   326 C CD  . GLU A 1 69  ? 6.302   -9.460  7.986   1.00 10.92 ? 94  GLU A CD  1 
ATOM   327 O OE1 . GLU A 1 69  ? 6.077   -10.515 8.626   1.00 12.46 ? 94  GLU A OE1 1 
ATOM   328 O OE2 . GLU A 1 69  ? 6.778   -9.470  6.839   1.00 11.32 ? 94  GLU A OE2 1 
ATOM   329 N N   . ALA A 1 70  ? 3.116   -5.811  9.468   1.00 7.66  ? 95  ALA A N   1 
ATOM   330 C CA  . ALA A 1 70  ? 2.387   -4.968  8.525   1.00 9.73  ? 95  ALA A CA  1 
ATOM   331 C C   . ALA A 1 70  ? 2.683   -3.545  8.862   1.00 7.13  ? 95  ALA A C   1 
ATOM   332 O O   . ALA A 1 70  ? 2.961   -2.751  7.999   1.00 9.80  ? 95  ALA A O   1 
ATOM   333 C CB  . ALA A 1 70  ? 0.889   -5.268  8.606   1.00 6.24  ? 95  ALA A CB  1 
ATOM   334 N N   . LEU A 1 71  ? 2.620   -3.212  10.134  1.00 7.69  ? 96  LEU A N   1 
ATOM   335 C CA  . LEU A 1 71  ? 2.840   -1.866  10.563  1.00 8.63  ? 96  LEU A CA  1 
ATOM   336 C C   . LEU A 1 71  ? 4.208   -1.354  10.156  1.00 10.12 ? 96  LEU A C   1 
ATOM   337 O O   . LEU A 1 71  ? 4.336   -0.255  9.656   1.00 9.80  ? 96  LEU A O   1 
ATOM   338 C CB  . LEU A 1 71  ? 2.587   -1.729  12.073  1.00 9.12  ? 96  LEU A CB  1 
ATOM   339 C CG  . LEU A 1 71  ? 2.951   -0.356  12.650  1.00 10.52 ? 96  LEU A CG  1 
ATOM   340 C CD1 . LEU A 1 71  ? 2.079   0.747   12.112  1.00 15.06 ? 96  LEU A CD1 1 
ATOM   341 C CD2 . LEU A 1 71  ? 2.937   -0.357  14.176  1.00 14.71 ? 96  LEU A CD2 1 
ATOM   342 N N   . GLN A 1 72  ? 5.238   -2.157  10.350  1.00 9.10  ? 97  GLN A N   1 
ATOM   343 C CA  . GLN A 1 72  ? 6.585   -1.699  10.057  1.00 8.44  ? 97  GLN A CA  1 
ATOM   344 C C   . GLN A 1 72  ? 6.742   -1.572  8.580   1.00 8.21  ? 97  GLN A C   1 
ATOM   345 O O   . GLN A 1 72  ? 7.265   -0.609  8.110   1.00 11.02 ? 97  GLN A O   1 
ATOM   346 C CB  . GLN A 1 72  ? 7.616   -2.685  10.646  1.00 10.21 ? 97  GLN A CB  1 
ATOM   347 C CG  . GLN A 1 72  ? 9.037   -2.275  10.336  1.00 14.29 ? 97  GLN A CG  1 
ATOM   348 C CD  . GLN A 1 72  ? 9.383   -0.873  10.805  1.00 18.59 ? 97  GLN A CD  1 
ATOM   349 O OE1 . GLN A 1 72  ? 8.963   -0.446  11.889  1.00 17.82 ? 97  GLN A OE1 1 
ATOM   350 N NE2 . GLN A 1 72  ? 10.167  -0.142  10.002  1.00 18.23 ? 97  GLN A NE2 1 
ATOM   351 N N   . THR A 1 73  ? 6.251   -2.536  7.819   1.00 6.65  ? 98  THR A N   1 
ATOM   352 C CA  . THR A 1 73  ? 6.333   -2.506  6.368   1.00 8.12  ? 98  THR A CA  1 
ATOM   353 C C   . THR A 1 73  ? 5.655   -1.270  5.735   1.00 9.05  ? 98  THR A C   1 
ATOM   354 O O   . THR A 1 73  ? 6.212   -0.616  4.822   1.00 6.90  ? 98  THR A O   1 
ATOM   355 C CB  . THR A 1 73  ? 5.662   -3.776  5.822   1.00 13.45 ? 98  THR A CB  1 
ATOM   356 O OG1 . THR A 1 73  ? 6.367   -4.912  6.356   1.00 9.31  ? 98  THR A OG1 1 
ATOM   357 C CG2 . THR A 1 73  ? 5.728   -3.772  4.299   1.00 7.77  ? 98  THR A CG2 1 
ATOM   358 N N   . LEU A 1 74  ? 4.455   -0.964  6.247   1.00 4.86  ? 99  LEU A N   1 
ATOM   359 C CA  . LEU A 1 74  ? 3.680   0.175   5.772   1.00 5.05  ? 99  LEU A CA  1 
ATOM   360 C C   . LEU A 1 74  ? 4.351   1.490   6.118   1.00 8.13  ? 99  LEU A C   1 
ATOM   361 O O   . LEU A 1 74  ? 4.373   2.427   5.306   1.00 4.74  ? 99  LEU A O   1 
ATOM   362 C CB  . LEU A 1 74  ? 2.251   0.096   6.344   1.00 5.77  ? 99  LEU A CB  1 
ATOM   363 C CG  . LEU A 1 74  ? 1.453   -1.095  5.850   1.00 6.22  ? 99  LEU A CG  1 
ATOM   364 C CD1 . LEU A 1 74  ? 0.148   -1.269  6.575   1.00 5.79  ? 99  LEU A CD1 1 
ATOM   365 C CD2 . LEU A 1 74  ? 1.248   -0.946  4.354   1.00 5.84  ? 99  LEU A CD2 1 
ATOM   366 N N   . LYS A 1 75  ? 4.859   1.592   7.348   1.00 6.67  ? 100 LYS A N   1 
ATOM   367 C CA  . LYS A 1 75  ? 5.548   2.820   7.771   1.00 6.41  ? 100 LYS A CA  1 
ATOM   368 C C   . LYS A 1 75  ? 6.868   3.089   7.000   1.00 7.47  ? 100 LYS A C   1 
ATOM   369 O O   . LYS A 1 75  ? 7.088   4.207   6.518   1.00 9.57  ? 100 LYS A O   1 
ATOM   370 C CB  . LYS A 1 75  ? 5.785   2.792   9.296   1.00 9.72  ? 100 LYS A CB  1 
ATOM   371 C CG  . LYS A 1 75  ? 6.086   4.142   9.846   1.00 11.87 ? 100 LYS A CG  1 
ATOM   372 C CD  . LYS A 1 75  ? 6.956   4.019   11.086  1.00 14.96 ? 100 LYS A CD  1 
ATOM   373 C CE  . LYS A 1 75  ? 6.132   3.904   12.339  1.00 19.30 ? 100 LYS A CE  1 
ATOM   374 N NZ  . LYS A 1 75  ? 7.050   4.068   13.504  1.00 22.66 ? 100 LYS A NZ  1 
ATOM   375 N N   . GLU A 1 76  ? 7.657   2.046   6.816   1.00 5.25  ? 101 GLU A N   1 
ATOM   376 C CA  . GLU A 1 76  ? 8.890   2.064   5.993   1.00 12.56 ? 101 GLU A CA  1 
ATOM   377 C C   . GLU A 1 76  ? 8.629   2.468   4.573   1.00 10.26 ? 101 GLU A C   1 
ATOM   378 O O   . GLU A 1 76  ? 9.357   3.298   4.079   1.00 12.70 ? 101 GLU A O   1 
ATOM   379 C CB  . GLU A 1 76  ? 9.480   0.692   5.868   1.00 14.05 ? 101 GLU A CB  1 
ATOM   380 C CG  . GLU A 1 76  ? 10.516  0.402   6.817   1.00 21.22 ? 101 GLU A CG  1 
ATOM   381 C CD  . GLU A 1 76  ? 10.845  -1.066  6.791   1.00 20.57 ? 101 GLU A CD  1 
ATOM   382 O OE1 . GLU A 1 76  ? 10.212  -1.935  6.096   1.00 20.65 ? 101 GLU A OE1 1 
ATOM   383 O OE2 . GLU A 1 76  ? 11.714  -1.322  7.555   1.00 23.75 ? 101 GLU A OE2 1 
ATOM   384 N N   . PHE A 1 77  ? 7.605   1.919   3.941   1.00 6.68  ? 102 PHE A N   1 
ATOM   385 C CA  . PHE A 1 77  ? 7.127   2.379   2.644   1.00 3.99  ? 102 PHE A CA  1 
ATOM   386 C C   . PHE A 1 77  ? 6.767   3.856   2.623   1.00 8.40  ? 102 PHE A C   1 
ATOM   387 O O   . PHE A 1 77  ? 7.263   4.599   1.761   1.00 9.26  ? 102 PHE A O   1 
ATOM   388 C CB  . PHE A 1 77  ? 5.883   1.576   2.223   1.00 6.78  ? 102 PHE A CB  1 
ATOM   389 C CG  . PHE A 1 77  ? 5.100   2.230   1.140   1.00 6.91  ? 102 PHE A CG  1 
ATOM   390 C CD1 . PHE A 1 77  ? 5.602   2.258   -0.147  1.00 7.73  ? 102 PHE A CD1 1 
ATOM   391 C CD2 . PHE A 1 77  ? 3.843   2.839   1.395   1.00 5.91  ? 102 PHE A CD2 1 
ATOM   392 C CE1 . PHE A 1 77  ? 4.872   2.869   -1.158  1.00 6.00  ? 102 PHE A CE1 1 
ATOM   393 C CE2 . PHE A 1 77  ? 3.116   3.429   0.360   1.00 7.02  ? 102 PHE A CE2 1 
ATOM   394 C CZ  . PHE A 1 77  ? 3.642   3.454   -0.896  1.00 6.28  ? 102 PHE A CZ  1 
ATOM   395 N N   . TYR A 1 78  ? 5.950   4.300   3.580   1.00 5.32  ? 103 TYR A N   1 
ATOM   396 C CA  . TYR A 1 78  ? 5.500   5.682   3.628   1.00 8.38  ? 103 TYR A CA  1 
ATOM   397 C C   . TYR A 1 78  ? 6.595   6.679   3.621   1.00 10.70 ? 103 TYR A C   1 
ATOM   398 O O   . TYR A 1 78  ? 6.465   7.684   2.917   1.00 9.26  ? 103 TYR A O   1 
ATOM   399 C CB  . TYR A 1 78  ? 4.504   5.966   4.787   1.00 6.94  ? 103 TYR A CB  1 
ATOM   400 C CG  . TYR A 1 78  ? 3.977   7.373   4.725   1.00 7.95  ? 103 TYR A CG  1 
ATOM   401 C CD1 . TYR A 1 78  ? 2.916   7.724   3.908   1.00 5.46  ? 103 TYR A CD1 1 
ATOM   402 C CD2 . TYR A 1 78  ? 4.611   8.391   5.450   1.00 10.08 ? 103 TYR A CD2 1 
ATOM   403 C CE1 . TYR A 1 78  ? 2.485   9.051   3.838   1.00 8.78  ? 103 TYR A CE1 1 
ATOM   404 C CE2 . TYR A 1 78  ? 4.226   9.708   5.356   1.00 10.78 ? 103 TYR A CE2 1 
ATOM   405 C CZ  . TYR A 1 78  ? 3.162   10.050  4.542   1.00 11.11 ? 103 TYR A CZ  1 
ATOM   406 O OH  . TYR A 1 78  ? 2.767   11.367  4.487   1.00 15.64 ? 103 TYR A OH  1 
ATOM   407 N N   . TYR A 1 79  ? 7.661   6.458   4.416   1.00 6.90  ? 104 TYR A N   1 
ATOM   408 C CA  . TYR A 1 79  ? 8.729   7.420   4.541   1.00 10.59 ? 104 TYR A CA  1 
ATOM   409 C C   . TYR A 1 79  ? 9.870   7.245   3.491   1.00 15.43 ? 104 TYR A C   1 
ATOM   410 O O   . TYR A 1 79  ? 10.922  7.859   3.584   1.00 15.31 ? 104 TYR A O   1 
ATOM   411 C CB  . TYR A 1 79  ? 9.239   7.468   5.982   1.00 8.69  ? 104 TYR A CB  1 
ATOM   412 C CG  . TYR A 1 79  ? 8.226   7.989   6.972   1.00 7.72  ? 104 TYR A CG  1 
ATOM   413 C CD1 . TYR A 1 79  ? 7.820   9.314   6.939   1.00 8.46  ? 104 TYR A CD1 1 
ATOM   414 C CD2 . TYR A 1 79  ? 7.683   7.168   7.966   1.00 10.51 ? 104 TYR A CD2 1 
ATOM   415 C CE1 . TYR A 1 79  ? 6.896   9.836   7.881   1.00 12.33 ? 104 TYR A CE1 1 
ATOM   416 C CE2 . TYR A 1 79  ? 6.733   7.693   8.885   1.00 7.48  ? 104 TYR A CE2 1 
ATOM   417 C CZ  . TYR A 1 79  ? 6.371   9.022   8.832   1.00 9.21  ? 104 TYR A CZ  1 
ATOM   418 O OH  . TYR A 1 79  ? 5.456   9.603   9.683   1.00 13.65 ? 104 TYR A OH  1 
ATOM   419 N N   . LYS A 1 80  ? 9.649   6.449   2.466   1.00 14.43 ? 105 LYS A N   1 
ATOM   420 C CA  . LYS A 1 80  ? 10.553  6.504   1.322   1.00 22.45 ? 105 LYS A CA  1 
ATOM   421 C C   . LYS A 1 80  ? 10.599  7.896   0.708   1.00 20.03 ? 105 LYS A C   1 
ATOM   422 O O   . LYS A 1 80  ? 11.586  8.256   0.104   1.00 28.27 ? 105 LYS A O   1 
ATOM   423 C CB  . LYS A 1 80  ? 10.186  5.477   0.238   1.00 16.52 ? 105 LYS A CB  1 
ATOM   424 C CG  . LYS A 1 80  ? 10.198  4.060   0.707   1.00 15.17 ? 105 LYS A CG  1 
ATOM   425 C CD  . LYS A 1 80  ? 11.557  3.693   1.163   1.00 22.31 ? 105 LYS A CD  1 
ATOM   426 C CE  . LYS A 1 80  ? 11.988  2.439   0.495   1.00 28.45 ? 105 LYS A CE  1 
ATOM   427 N NZ  . LYS A 1 80  ? 13.091  1.797   1.255   1.00 39.58 ? 105 LYS A NZ  1 
ATOM   428 N N   . LEU A 1 81  ? 9.539   8.695   0.865   1.00 26.45 ? 106 LEU A N   1 
ATOM   429 C CA  . LEU A 1 81  ? 9.554   10.091  0.361   1.00 30.05 ? 106 LEU A CA  1 
ATOM   430 C C   . LEU A 1 81  ? 10.390  11.090  1.181   1.00 38.25 ? 106 LEU A C   1 
ATOM   431 O O   . LEU A 1 81  ? 11.187  11.831  0.593   1.00 41.50 ? 106 LEU A O   1 
ATOM   432 C CB  . LEU A 1 81  ? 8.124   10.634  0.187   1.00 29.98 ? 106 LEU A CB  1 
ATOM   433 C CG  . LEU A 1 81  ? 7.820   11.646  -0.938  1.00 29.53 ? 106 LEU A CG  1 
ATOM   434 C CD1 . LEU A 1 81  ? 8.767   12.806  -0.881  1.00 38.24 ? 106 LEU A CD1 1 
ATOM   435 C CD2 . LEU A 1 81  ? 7.930   11.049  -2.332  1.00 37.24 ? 106 LEU A CD2 1 
ATOM   436 N N   . GLN A 1 82  ? 10.197  11.129  2.508   1.00 38.14 ? 107 GLN A N   1 
ATOM   437 C CA  . GLN A 1 82  ? 10.721  12.235  3.420   1.00 40.35 ? 107 GLN A CA  1 
ATOM   438 C C   . GLN A 1 82  ? 10.042  13.594  3.348   1.00 39.85 ? 107 GLN A C   1 
ATOM   439 O O   . GLN A 1 82  ? 10.540  14.540  3.970   1.00 41.17 ? 107 GLN A O   1 
ATOM   440 C CB  . GLN A 1 82  ? 12.277  12.487  3.484   1.00 36.83 ? 107 GLN A CB  1 
ATOM   441 C CG  . GLN A 1 82  ? 13.218  12.009  2.392   1.00 38.19 ? 107 GLN A CG  1 
ATOM   442 C CD  . GLN A 1 82  ? 14.672  12.266  2.773   1.00 44.00 ? 107 GLN A CD  1 
ATOM   443 O OE1 . GLN A 1 82  ? 15.566  11.479  2.432   1.00 51.19 ? 107 GLN A OE1 1 
ATOM   444 N NE2 . GLN A 1 82  ? 14.918  13.365  3.496   1.00 34.65 ? 107 GLN A NE2 1 
ATOM   445 N N   . SER A 1 83  ? 8.947   13.727  2.601   1.00 34.61 ? 108 SER A N   1 
ATOM   446 C CA  . SER A 1 83  ? 8.022   14.768  2.928   1.00 31.80 ? 108 SER A CA  1 
ATOM   447 C C   . SER A 1 83  ? 6.805   13.960  3.332   1.00 29.87 ? 108 SER A C   1 
ATOM   448 O O   . SER A 1 83  ? 6.324   13.102  2.620   1.00 24.98 ? 108 SER A O   1 
ATOM   449 C CB  . SER A 1 83  ? 7.746   15.736  1.786   1.00 40.19 ? 108 SER A CB  1 
ATOM   450 O OG  . SER A 1 83  ? 6.881   15.141  0.845   1.00 41.67 ? 108 SER A OG  1 
ATOM   451 N N   . GLY A 1 84  ? 6.376   14.211  4.543   1.00 20.16 ? 109 GLY A N   1 
ATOM   452 C CA  . GLY A 1 84  ? 5.035   13.965  4.927   1.00 24.99 ? 109 GLY A CA  1 
ATOM   453 C C   . GLY A 1 84  ? 5.026   13.230  6.245   1.00 18.01 ? 109 GLY A C   1 
ATOM   454 O O   . GLY A 1 84  ? 6.023   12.813  6.740   1.00 19.82 ? 109 GLY A O   1 
ATOM   455 N N   . LYS A 1 85  ? 3.854   13.081  6.796   1.00 15.63 ? 110 LYS A N   1 
ATOM   456 C CA  . LYS A 1 85  ? 3.742   12.314  7.973   1.00 14.91 ? 110 LYS A CA  1 
ATOM   457 C C   . LYS A 1 85  ? 2.522   11.396  8.004   1.00 16.32 ? 110 LYS A C   1 
ATOM   458 O O   . LYS A 1 85  ? 1.467   11.703  7.472   1.00 14.94 ? 110 LYS A O   1 
ATOM   459 C CB  . LYS A 1 85  ? 3.727   13.226  9.144   1.00 14.53 ? 110 LYS A CB  1 
ATOM   460 C CG  . LYS A 1 85  ? 2.463   14.024  9.204   1.00 25.76 ? 110 LYS A CG  1 
ATOM   461 C CD  . LYS A 1 85  ? 2.202   14.369  10.650  1.00 31.46 ? 110 LYS A CD  1 
ATOM   462 C CE  . LYS A 1 85  ? 1.000   15.253  10.812  1.00 28.83 ? 110 LYS A CE  1 
ATOM   463 N NZ  . LYS A 1 85  ? 1.454   16.697  10.933  1.00 33.60 ? 110 LYS A NZ  1 
ATOM   464 N N   . VAL A 1 86  ? 2.728   10.257  8.634   1.00 11.96 ? 111 VAL A N   1 
ATOM   465 C CA  . VAL A 1 86  ? 1.670   9.299   8.888   1.00 12.75 ? 111 VAL A CA  1 
ATOM   466 C C   . VAL A 1 86  ? 1.624   8.938   10.413  1.00 10.99 ? 111 VAL A C   1 
ATOM   467 O O   . VAL A 1 86  ? 2.669   8.769   11.048  1.00 12.02 ? 111 VAL A O   1 
ATOM   468 C CB  . VAL A 1 86  ? 1.807   8.033   7.976   1.00 11.89 ? 111 VAL A CB  1 
ATOM   469 C CG1 . VAL A 1 86  ? 2.991   7.122   8.411   1.00 9.69  ? 111 VAL A CG1 1 
ATOM   470 C CG2 . VAL A 1 86  ? 0.507   7.256   8.043   1.00 10.48 ? 111 VAL A CG2 1 
ATOM   471 N N   . TYR A 1 87  ? 0.404   8.836   10.969  1.00 17.32 ? 112 TYR A N   1 
ATOM   472 C CA  . TYR A 1 87  ? 0.124   8.368   12.348  1.00 20.16 ? 112 TYR A CA  1 
ATOM   473 C C   . TYR A 1 87  ? 0.157   6.869   12.457  1.00 17.37 ? 112 TYR A C   1 
ATOM   474 O O   . TYR A 1 87  ? -0.478  6.165   11.646  1.00 9.40  ? 112 TYR A O   1 
ATOM   475 C CB  . TYR A 1 87  ? -1.295  8.833   12.787  1.00 19.70 ? 112 TYR A CB  1 
ATOM   476 C CG  . TYR A 1 87  ? -1.457  10.323  12.985  1.00 30.49 ? 112 TYR A CG  1 
ATOM   477 C CD1 . TYR A 1 87  ? -1.514  10.896  14.279  1.00 38.51 ? 112 TYR A CD1 1 
ATOM   478 C CD2 . TYR A 1 87  ? -1.562  11.192  11.886  1.00 35.13 ? 112 TYR A CD2 1 
ATOM   479 C CE1 . TYR A 1 87  ? -1.697  12.280  14.450  1.00 38.92 ? 112 TYR A CE1 1 
ATOM   480 C CE2 . TYR A 1 87  ? -1.722  12.574  12.061  1.00 34.44 ? 112 TYR A CE2 1 
ATOM   481 C CZ  . TYR A 1 87  ? -1.820  13.113  13.330  1.00 30.98 ? 112 TYR A CZ  1 
ATOM   482 O OH  . TYR A 1 87  ? -1.994  14.487  13.460  1.00 33.92 ? 112 TYR A OH  1 
ATOM   483 N N   . GLU A 1 88  ? 0.846   6.376   13.477  1.00 14.46 ? 113 GLU A N   1 
ATOM   484 C CA  . GLU A 1 88  ? 0.782   4.970   13.805  1.00 16.41 ? 113 GLU A CA  1 
ATOM   485 C C   . GLU A 1 88  ? -0.655  4.550   14.111  1.00 15.49 ? 113 GLU A C   1 
ATOM   486 O O   . GLU A 1 88  ? -1.035  3.471   13.793  1.00 13.86 ? 113 GLU A O   1 
ATOM   487 C CB  . GLU A 1 88  ? 1.657   4.583   14.970  1.00 17.52 ? 113 GLU A CB  1 
ATOM   488 C CG  . GLU A 1 88  ? 3.085   4.329   14.525  1.00 24.87 ? 113 GLU A CG  1 
ATOM   489 C CD  . GLU A 1 88  ? 3.940   3.662   15.594  1.00 25.16 ? 113 GLU A CD  1 
ATOM   490 O OE1 . GLU A 1 88  ? 3.421   3.256   16.651  1.00 27.28 ? 113 GLU A OE1 1 
ATOM   491 O OE2 . GLU A 1 88  ? 5.139   3.552   15.352  1.00 20.82 ? 113 GLU A OE2 1 
ATOM   492 N N   . SER A 1 89  ? -1.402  5.402   14.769  1.00 12.55 ? 114 SER A N   1 
ATOM   493 C CA  . SER A 1 89  ? -2.768  5.063   15.140  1.00 18.25 ? 114 SER A CA  1 
ATOM   494 C C   . SER A 1 89  ? -3.607  4.853   13.840  1.00 12.43 ? 114 SER A C   1 
ATOM   495 O O   . SER A 1 89  ? -4.426  3.909   13.759  1.00 11.33 ? 114 SER A O   1 
ATOM   496 C CB  . SER A 1 89  ? -3.340  6.148   16.059  1.00 17.21 ? 114 SER A CB  1 
ATOM   497 O OG  . SER A 1 89  ? -3.759  7.245   15.273  1.00 17.19 ? 114 SER A OG  1 
ATOM   498 N N   . TRP A 1 90  ? -3.364  5.672   12.808  1.00 8.61  ? 115 TRP A N   1 
ATOM   499 C CA  . TRP A 1 90  ? -4.024  5.462   11.516  1.00 8.67  ? 115 TRP A CA  1 
ATOM   500 C C   . TRP A 1 90  ? -3.627  4.073   10.938  1.00 9.00  ? 115 TRP A C   1 
ATOM   501 O O   . TRP A 1 90  ? -4.470  3.295   10.560  1.00 10.01 ? 115 TRP A O   1 
ATOM   502 C CB  . TRP A 1 90  ? -3.674  6.577   10.540  1.00 8.81  ? 115 TRP A CB  1 
ATOM   503 C CG  . TRP A 1 90  ? -4.395  6.538   9.289   1.00 11.57 ? 115 TRP A CG  1 
ATOM   504 C CD1 . TRP A 1 90  ? -5.670  7.041   9.061   1.00 9.74  ? 115 TRP A CD1 1 
ATOM   505 C CD2 . TRP A 1 90  ? -3.926  6.069   8.029   1.00 6.64  ? 115 TRP A CD2 1 
ATOM   506 N NE1 . TRP A 1 90  ? -6.012  6.877   7.750   1.00 12.97 ? 115 TRP A NE1 1 
ATOM   507 C CE2 . TRP A 1 90  ? -4.961  6.282   7.087   1.00 10.89 ? 115 TRP A CE2 1 
ATOM   508 C CE3 . TRP A 1 90  ? -2.736  5.515   7.583   1.00 9.07  ? 115 TRP A CE3 1 
ATOM   509 C CZ2 . TRP A 1 90  ? -4.830  5.946   5.751   1.00 9.59  ? 115 TRP A CZ2 1 
ATOM   510 C CZ3 . TRP A 1 90  ? -2.632  5.166   6.231   1.00 10.24 ? 115 TRP A CZ3 1 
ATOM   511 C CH2 . TRP A 1 90  ? -3.655  5.409   5.345   1.00 8.04  ? 115 TRP A CH2 1 
ATOM   512 N N   . LEU A 1 91  ? -2.343  3.789   10.910  1.00 6.63  ? 116 LEU A N   1 
ATOM   513 C CA  . LEU A 1 91  ? -1.833  2.529   10.322  1.00 7.22  ? 116 LEU A CA  1 
ATOM   514 C C   . LEU A 1 91  ? -2.366  1.300   11.031  1.00 9.90  ? 116 LEU A C   1 
ATOM   515 O O   . LEU A 1 91  ? -2.785  0.371   10.389  1.00 7.83  ? 116 LEU A O   1 
ATOM   516 C CB  . LEU A 1 91  ? -0.326  2.522   10.285  1.00 5.51  ? 116 LEU A CB  1 
ATOM   517 C CG  . LEU A 1 91  ? 0.303   3.519   9.306   1.00 7.08  ? 116 LEU A CG  1 
ATOM   518 C CD1 . LEU A 1 91  ? 1.822   3.659   9.503   1.00 7.79  ? 116 LEU A CD1 1 
ATOM   519 C CD2 . LEU A 1 91  ? -0.003  3.127   7.858   1.00 4.60  ? 116 LEU A CD2 1 
ATOM   520 N N   . LYS A 1 92  ? -2.353  1.321   12.359  1.00 7.11  ? 117 LYS A N   1 
ATOM   521 C CA  . LYS A 1 92  ? -2.883  0.243   13.129  1.00 10.69 ? 117 LYS A CA  1 
ATOM   522 C C   . LYS A 1 92  ? -4.375  0.072   12.884  1.00 10.58 ? 117 LYS A C   1 
ATOM   523 O O   . LYS A 1 92  ? -4.853  -1.054  12.694  1.00 7.90  ? 117 LYS A O   1 
ATOM   524 C CB  . LYS A 1 92  ? -2.663  0.440   14.623  1.00 9.29  ? 117 LYS A CB  1 
ATOM   525 C CG  . LYS A 1 92  ? -1.222  0.581   15.016  1.00 15.22 ? 117 LYS A CG  1 
ATOM   526 C CD  . LYS A 1 92  ? -1.133  0.701   16.547  1.00 22.09 ? 117 LYS A CD  1 
ATOM   527 C CE  . LYS A 1 92  ? 0.297   0.617   17.052  1.00 22.21 ? 117 LYS A CE  1 
ATOM   528 N NZ  . LYS A 1 92  ? 0.261   1.107   18.465  1.00 31.66 ? 117 LYS A NZ  1 
ATOM   529 N N   . SER A 1 93  ? -5.116  1.176   12.858  1.00 9.35  ? 118 SER A N   1 
ATOM   530 C CA  . SER A 1 93  ? -6.543  1.104   12.510  1.00 9.30  ? 118 SER A CA  1 
ATOM   531 C C   . SER A 1 93  ? -6.827  0.521   11.104  1.00 8.56  ? 118 SER A C   1 
ATOM   532 O O   . SER A 1 93  ? -7.722  -0.302  10.922  1.00 10.21 ? 118 SER A O   1 
ATOM   533 C CB  . SER A 1 93  ? -7.187  2.459   12.640  1.00 13.29 ? 118 SER A CB  1 
ATOM   534 O OG  . SER A 1 93  ? -8.554  2.393   12.192  1.00 15.70 ? 118 SER A OG  1 
ATOM   535 N N   . VAL A 1 94  ? -6.098  0.962   10.092  1.00 6.67  ? 119 VAL A N   1 
ATOM   536 C CA  . VAL A 1 94  ? -6.237  0.359   8.773   1.00 5.52  ? 119 VAL A CA  1 
ATOM   537 C C   . VAL A 1 94  ? -6.019  -1.148  8.778   1.00 5.87  ? 119 VAL A C   1 
ATOM   538 O O   . VAL A 1 94  ? -6.793  -1.898  8.182   1.00 6.92  ? 119 VAL A O   1 
ATOM   539 C CB  . VAL A 1 94  ? -5.238  0.996   7.800   1.00 3.95  ? 119 VAL A CB  1 
ATOM   540 C CG1 . VAL A 1 94  ? -5.284  0.285   6.454   1.00 5.78  ? 119 VAL A CG1 1 
ATOM   541 C CG2 . VAL A 1 94  ? -5.496  2.498   7.623   1.00 5.45  ? 119 VAL A CG2 1 
ATOM   542 N N   . ILE A 1 95  ? -4.886  -1.574  9.348   1.00 4.99  ? 120 ILE A N   1 
ATOM   543 C CA  . ILE A 1 95  ? -4.487  -2.974  9.409   1.00 7.31  ? 120 ILE A CA  1 
ATOM   544 C C   . ILE A 1 95  ? -5.588  -3.771  10.108  1.00 7.30  ? 120 ILE A C   1 
ATOM   545 O O   . ILE A 1 95  ? -5.995  -4.789  9.591   1.00 6.02  ? 120 ILE A O   1 
ATOM   546 C CB  . ILE A 1 95  ? -3.151  -3.174  10.168  1.00 6.82  ? 120 ILE A CB  1 
ATOM   547 C CG1 . ILE A 1 95  ? -1.986  -2.583  9.358   1.00 6.53  ? 120 ILE A CG1 1 
ATOM   548 C CG2 . ILE A 1 95  ? -2.921  -4.648  10.524  1.00 11.80 ? 120 ILE A CG2 1 
ATOM   549 C CD1 . ILE A 1 95  ? -0.799  -2.303  10.253  1.00 9.61  ? 120 ILE A CD1 1 
ATOM   550 N N   . ASN A 1 96  ? -6.068  -3.282  11.258  1.00 5.72  ? 121 ASN A N   1 
ATOM   551 C CA  . ASN A 1 96  ? -7.149  -3.991  11.949  1.00 8.50  ? 121 ASN A CA  1 
ATOM   552 C C   . ASN A 1 96  ? -8.400  -4.045  11.112  1.00 7.96  ? 121 ASN A C   1 
ATOM   553 O O   . ASN A 1 96  ? -9.006  -5.102  11.023  1.00 8.81  ? 121 ASN A O   1 
ATOM   554 C CB  . ASN A 1 96  ? -7.476  -3.288  13.257  1.00 17.31 ? 121 ASN A CB  1 
ATOM   555 C CG  . ASN A 1 96  ? -8.494  -4.070  14.079  1.00 24.20 ? 121 ASN A CG  1 
ATOM   556 O OD1 . ASN A 1 96  ? -8.141  -5.083  14.676  1.00 31.26 ? 121 ASN A OD1 1 
ATOM   557 N ND2 . ASN A 1 96  ? -9.728  -3.602  14.130  1.00 22.77 ? 121 ASN A ND2 1 
ATOM   558 N N   . GLY A 1 97  ? -8.807  -2.903  10.508  1.00 7.48  ? 122 GLY A N   1 
ATOM   559 C CA  . GLY A 1 97  ? -10.049 -2.855  9.693   1.00 5.59  ? 122 GLY A CA  1 
ATOM   560 C C   . GLY A 1 97  ? -10.040 -3.788  8.485   1.00 7.05  ? 122 GLY A C   1 
ATOM   561 O O   . GLY A 1 97  ? -11.044 -4.453  8.179   1.00 6.93  ? 122 GLY A O   1 
ATOM   562 N N   . VAL A 1 98  ? -8.928  -3.799  7.736   1.00 10.82 ? 123 VAL A N   1 
ATOM   563 C CA  . VAL A 1 98  ? -8.830  -4.653  6.542   1.00 6.91  ? 123 VAL A CA  1 
ATOM   564 C C   . VAL A 1 98  ? -8.777  -6.091  6.929   1.00 7.29  ? 123 VAL A C   1 
ATOM   565 O O   . VAL A 1 98  ? -9.308  -6.951  6.194   1.00 9.58  ? 123 VAL A O   1 
ATOM   566 C CB  . VAL A 1 98  ? -7.650  -4.335  5.607   1.00 8.76  ? 123 VAL A CB  1 
ATOM   567 C CG1 . VAL A 1 98  ? -7.714  -2.922  5.129   1.00 6.09  ? 123 VAL A CG1 1 
ATOM   568 C CG2 . VAL A 1 98  ? -6.260  -4.725  6.134   1.00 4.72  ? 123 VAL A CG2 1 
ATOM   569 N N   . LYS A 1 99  ? -8.128  -6.400  8.051   1.00 7.59  ? 124 LYS A N   1 
ATOM   570 C CA  . LYS A 1 99  ? -8.108  -7.773  8.565   1.00 6.25  ? 124 LYS A CA  1 
ATOM   571 C C   . LYS A 1 99  ? -9.483  -8.241  8.959   1.00 11.08 ? 124 LYS A C   1 
ATOM   572 O O   . LYS A 1 99  ? -9.852  -9.392  8.675   1.00 13.89 ? 124 LYS A O   1 
ATOM   573 C CB  . LYS A 1 99  ? -7.168  -7.904  9.775   1.00 11.13 ? 124 LYS A CB  1 
ATOM   574 C CG  . LYS A 1 99  ? -7.010  -9.355  10.297  1.00 17.39 ? 124 LYS A CG  1 
ATOM   575 C CD  . LYS A 1 99  ? -5.997  -9.444  11.429  1.00 15.43 ? 124 LYS A CD  1 
ATOM   576 C CE  . LYS A 1 99  ? -5.683  -10.875 11.847  1.00 26.38 ? 124 LYS A CE  1 
ATOM   577 N NZ  . LYS A 1 99  ? -4.814  -11.598 10.857  1.00 22.13 ? 124 LYS A NZ  1 
ATOM   578 N N   . LYS A 1 100 ? -10.217 -7.405  9.664   1.00 8.88  ? 125 LYS A N   1 
ATOM   579 C CA  . LYS A 1 100 ? -11.564 -7.781  10.098  1.00 11.41 ? 125 LYS A CA  1 
ATOM   580 C C   . LYS A 1 100 ? -12.523 -8.041  8.928   1.00 16.62 ? 125 LYS A C   1 
ATOM   581 O O   . LYS A 1 100 ? -13.295 -9.017  8.965   1.00 15.38 ? 125 LYS A O   1 
ATOM   582 C CB  . LYS A 1 100 ? -12.149 -6.705  11.017  1.00 9.58  ? 125 LYS A CB  1 
ATOM   583 C CG  . LYS A 1 100 ? -11.640 -6.805  12.417  1.00 16.36 ? 125 LYS A CG  1 
ATOM   584 C CD  . LYS A 1 100 ? -12.608 -6.281  13.454  1.00 25.76 ? 125 LYS A CD  1 
ATOM   585 C CE  . LYS A 1 100 ? -11.888 -6.076  14.782  1.00 22.45 ? 125 LYS A CE  1 
ATOM   586 N NZ  . LYS A 1 100 ? -12.888 -6.292  15.839  1.00 42.83 ? 125 LYS A NZ  1 
ATOM   587 N N   . LYS A 1 101 ? -12.507 -7.156  7.904   1.00 10.87 ? 126 LYS A N   1 
ATOM   588 C CA  . LYS A 1 101 ? -13.422 -7.270  6.790   1.00 11.36 ? 126 LYS A CA  1 
ATOM   589 C C   . LYS A 1 101 ? -12.935 -8.186  5.672   1.00 14.52 ? 126 LYS A C   1 
ATOM   590 O O   . LYS A 1 101 ? -13.701 -8.518  4.739   1.00 12.75 ? 126 LYS A O   1 
ATOM   591 C CB  . LYS A 1 101 ? -13.825 -5.869  6.281   1.00 13.02 ? 126 LYS A CB  1 
ATOM   592 C CG  . LYS A 1 101 ? -14.571 -5.007  7.319   1.00 12.14 ? 126 LYS A CG  1 
ATOM   593 C CD  . LYS A 1 101 ? -14.780 -3.547  6.882   1.00 12.87 ? 126 LYS A CD  1 
ATOM   594 C CE  . LYS A 1 101 ? -13.603 -2.646  7.205   1.00 11.61 ? 126 LYS A CE  1 
ATOM   595 N NZ  . LYS A 1 101 ? -13.226 -2.769  8.613   1.00 11.06 ? 126 LYS A NZ  1 
ATOM   596 N N   . GLY A 1 102 ? -11.701 -8.651  5.762   1.00 8.96  ? 127 GLY A N   1 
ATOM   597 C CA  . GLY A 1 102 ? -11.118 -9.462  4.730   1.00 6.63  ? 127 GLY A CA  1 
ATOM   598 C C   . GLY A 1 102 ? -10.999 -8.779  3.359   1.00 10.69 ? 127 GLY A C   1 
ATOM   599 O O   . GLY A 1 102 ? -11.079 -9.424  2.326   1.00 9.81  ? 127 GLY A O   1 
ATOM   600 N N   . LEU A 1 103 ? -10.769 -7.489  3.345   1.00 8.59  ? 128 LEU A N   1 
ATOM   601 C CA  . LEU A 1 103 ? -10.778 -6.733  2.104   1.00 8.71  ? 128 LEU A CA  1 
ATOM   602 C C   . LEU A 1 103 ? -9.605  -7.075  1.265   1.00 10.37 ? 128 LEU A C   1 
ATOM   603 O O   . LEU A 1 103 ? -8.516  -7.318  1.783   1.00 8.07  ? 128 LEU A O   1 
ATOM   604 C CB  . LEU A 1 103 ? -10.824 -5.239  2.366   1.00 6.88  ? 128 LEU A CB  1 
ATOM   605 C CG  . LEU A 1 103 ? -11.935 -4.637  3.210   1.00 9.61  ? 128 LEU A CG  1 
ATOM   606 C CD1 . LEU A 1 103 ? -11.884 -3.130  3.223   1.00 7.03  ? 128 LEU A CD1 1 
ATOM   607 C CD2 . LEU A 1 103 ? -13.300 -5.118  2.827   1.00 15.39 ? 128 LEU A CD2 1 
ATOM   608 N N   . LEU A 1 104 ? -9.861  -7.160  -0.048  1.00 9.71  ? 129 LEU A N   1 
ATOM   609 C CA  . LEU A 1 104 ? -8.863  -7.483  -1.040  1.00 10.42 ? 129 LEU A CA  1 
ATOM   610 C C   . LEU A 1 104 ? -8.218  -6.270  -1.717  1.00 6.58  ? 129 LEU A C   1 
ATOM   611 O O   . LEU A 1 104 ? -8.881  -5.292  -2.013  1.00 8.05  ? 129 LEU A O   1 
ATOM   612 C CB  . LEU A 1 104 ? -9.491  -8.288  -2.154  1.00 10.36 ? 129 LEU A CB  1 
ATOM   613 C CG  . LEU A 1 104 ? -10.112 -9.601  -1.729  1.00 15.33 ? 129 LEU A CG  1 
ATOM   614 C CD1 . LEU A 1 104 ? -11.083 -10.073 -2.824  1.00 17.15 ? 129 LEU A CD1 1 
ATOM   615 C CD2 . LEU A 1 104 ? -9.021  -10.614 -1.510  1.00 12.93 ? 129 LEU A CD2 1 
ATOM   616 N N   . PRO A 1 105 ? -6.905  -6.344  -1.981  1.00 5.88  ? 130 PRO A N   1 
ATOM   617 C CA  . PRO A 1 105 ? -6.244  -5.175  -2.584  1.00 6.65  ? 130 PRO A CA  1 
ATOM   618 C C   . PRO A 1 105 ? -6.912  -4.813  -3.908  1.00 7.88  ? 130 PRO A C   1 
ATOM   619 O O   . PRO A 1 105 ? -7.327  -5.703  -4.632  1.00 7.71  ? 130 PRO A O   1 
ATOM   620 C CB  . PRO A 1 105 ? -4.820  -5.649  -2.778  1.00 6.30  ? 130 PRO A CB  1 
ATOM   621 C CG  . PRO A 1 105 ? -4.929  -7.117  -2.900  1.00 8.00  ? 130 PRO A CG  1 
ATOM   622 C CD  . PRO A 1 105 ? -5.994  -7.494  -1.919  1.00 8.06  ? 130 PRO A CD  1 
ATOM   623 N N   . TRP A 1 106 ? -7.100  -3.529  -4.206  1.00 7.65  ? 131 TRP A N   1 
ATOM   624 C CA  . TRP A 1 106 ? -7.543  -3.140  -5.556  1.00 7.40  ? 131 TRP A CA  1 
ATOM   625 C C   . TRP A 1 106 ? -6.584  -3.669  -6.668  1.00 8.63  ? 131 TRP A C   1 
ATOM   626 O O   . TRP A 1 106 ? -5.351  -3.658  -6.550  1.00 7.07  ? 131 TRP A O   1 
ATOM   627 C CB  . TRP A 1 106 ? -7.560  -1.636  -5.634  1.00 5.99  ? 131 TRP A CB  1 
ATOM   628 C CG  . TRP A 1 106 ? -8.671  -0.932  -4.996  1.00 6.69  ? 131 TRP A CG  1 
ATOM   629 C CD1 . TRP A 1 106 ? -9.585  -1.418  -4.066  1.00 3.66  ? 131 TRP A CD1 1 
ATOM   630 C CD2 . TRP A 1 106 ? -9.005  0.427   -5.214  1.00 5.86  ? 131 TRP A CD2 1 
ATOM   631 N NE1 . TRP A 1 106 ? -10.461 -0.457  -3.753  1.00 8.85  ? 131 TRP A NE1 1 
ATOM   632 C CE2 . TRP A 1 106 ? -10.130 0.710   -4.409  1.00 10.05 ? 131 TRP A CE2 1 
ATOM   633 C CE3 . TRP A 1 106 ? -8.449  1.447   -5.984  1.00 6.59  ? 131 TRP A CE3 1 
ATOM   634 C CZ2 . TRP A 1 106 ? -10.711 1.984   -4.352  1.00 7.20  ? 131 TRP A CZ2 1 
ATOM   635 C CZ3 . TRP A 1 106 ? -9.046  2.684   -5.957  1.00 4.34  ? 131 TRP A CZ3 1 
ATOM   636 C CH2 . TRP A 1 106 ? -10.165 2.938   -5.138  1.00 9.23  ? 131 TRP A CH2 1 
ATOM   637 N N   . SER A 1 107 ? -7.155  -4.214  -7.732  1.00 7.43  ? 132 SER A N   1 
ATOM   638 C CA  . SER A 1 107 ? -6.390  -4.640  -8.867  1.00 9.71  ? 132 SER A CA  1 
ATOM   639 C C   . SER A 1 107 ? -5.767  -3.449  -9.587  1.00 9.19  ? 132 SER A C   1 
ATOM   640 O O   . SER A 1 107 ? -6.173  -2.376  -9.418  1.00 6.32  ? 132 SER A O   1 
ATOM   641 C CB  . SER A 1 107 ? -7.292  -5.435  -9.834  1.00 9.10  ? 132 SER A CB  1 
ATOM   642 O OG  . SER A 1 107 ? -8.273  -4.606  -10.403 1.00 8.64  ? 132 SER A OG  1 
ATOM   643 N N   . LEU A 1 108 ? -4.787  -3.699  -10.419 1.00 9.01  ? 133 LEU A N   1 
ATOM   644 C CA  . LEU A 1 108 ? -4.282  -2.674  -11.296 1.00 9.05  ? 133 LEU A CA  1 
ATOM   645 C C   . LEU A 1 108 ? -5.371  -2.151  -12.167 1.00 8.64  ? 133 LEU A C   1 
ATOM   646 O O   . LEU A 1 108 ? -5.417  -0.980  -12.438 1.00 9.42  ? 133 LEU A O   1 
ATOM   647 C CB  . LEU A 1 108 ? -3.136  -3.218  -12.142 1.00 7.87  ? 133 LEU A CB  1 
ATOM   648 C CG  . LEU A 1 108 ? -1.894  -3.386  -11.304 1.00 9.00  ? 133 LEU A CG  1 
ATOM   649 C CD1 . LEU A 1 108 ? -1.043  -4.510  -11.826 1.00 9.28  ? 133 LEU A CD1 1 
ATOM   650 C CD2 . LEU A 1 108 ? -1.134  -2.098  -11.294 1.00 9.49  ? 133 LEU A CD2 1 
ATOM   651 N N   . LYS A 1 109 ? -6.227  -3.036  -12.657 1.00 10.39 ? 134 LYS A N   1 
ATOM   652 C CA  . LYS A 1 109 ? -7.384  -2.608  -13.476 1.00 10.76 ? 134 LYS A CA  1 
ATOM   653 C C   . LYS A 1 109 ? -8.306  -1.594  -12.755 1.00 8.29  ? 134 LYS A C   1 
ATOM   654 O O   . LYS A 1 109 ? -8.681  -0.575  -13.307 1.00 7.81  ? 134 LYS A O   1 
ATOM   655 C CB  . LYS A 1 109 ? -8.201  -3.845  -13.931 1.00 9.98  ? 134 LYS A CB  1 
ATOM   656 C CG  . LYS A 1 109 ? -9.089  -3.601  -15.142 1.00 18.87 ? 134 LYS A CG  1 
ATOM   657 C CD  . LYS A 1 109 ? -8.309  -3.065  -16.351 1.00 13.37 ? 134 LYS A CD  1 
ATOM   658 C CE  . LYS A 1 109 ? -9.202  -2.505  -17.466 1.00 22.29 ? 134 LYS A CE  1 
ATOM   659 N NZ  . LYS A 1 109 ? -10.302 -3.429  -17.817 1.00 20.75 ? 134 LYS A NZ  1 
ATOM   660 N N   . ARG A 1 110 ? -8.709  -1.893  -11.528 1.00 7.71  ? 135 ARG A N   1 
ATOM   661 C CA  . ARG A 1 110 ? -9.547  -0.994  -10.768 1.00 9.67  ? 135 ARG A CA  1 
ATOM   662 C C   . ARG A 1 110 ? -8.803  0.298   -10.471 1.00 5.48  ? 135 ARG A C   1 
ATOM   663 O O   . ARG A 1 110 ? -9.358  1.359   -10.553 1.00 7.20  ? 135 ARG A O   1 
ATOM   664 C CB  . ARG A 1 110 ? -10.007 -1.653  -9.485  1.00 8.90  ? 135 ARG A CB  1 
ATOM   665 C CG  . ARG A 1 110 ? -10.731 -0.749  -8.514  1.00 5.82  ? 135 ARG A CG  1 
ATOM   666 C CD  . ARG A 1 110 ? -11.290 -1.476  -7.280  1.00 11.25 ? 135 ARG A CD  1 
ATOM   667 N NE  . ARG A 1 110 ? -12.463 -2.282  -7.641  1.00 11.03 ? 135 ARG A NE  1 
ATOM   668 C CZ  . ARG A 1 110 ? -13.280 -2.824  -6.764  1.00 12.90 ? 135 ARG A CZ  1 
ATOM   669 N NH1 . ARG A 1 110 ? -13.001 -2.728  -5.500  1.00 10.95 ? 135 ARG A NH1 1 
ATOM   670 N NH2 . ARG A 1 110 ? -14.351 -3.496  -7.163  1.00 13.54 ? 135 ARG A NH2 1 
ATOM   671 N N   . ILE A 1 111 ? -7.562  0.199   -10.067 1.00 4.98  ? 136 ILE A N   1 
ATOM   672 C CA  . ILE A 1 111 ? -6.767  1.397   -9.837  1.00 6.56  ? 136 ILE A CA  1 
ATOM   673 C C   . ILE A 1 111 ? -6.738  2.282   -11.105 1.00 8.30  ? 136 ILE A C   1 
ATOM   674 O O   . ILE A 1 111 ? -6.932  3.506   -10.994 1.00 9.47  ? 136 ILE A O   1 
ATOM   675 C CB  . ILE A 1 111 ? -5.345  1.053   -9.345  1.00 6.59  ? 136 ILE A CB  1 
ATOM   676 C CG1 . ILE A 1 111 ? -5.384  0.444   -7.929  1.00 7.91  ? 136 ILE A CG1 1 
ATOM   677 C CG2 . ILE A 1 111 ? -4.429  2.276   -9.359  1.00 5.21  ? 136 ILE A CG2 1 
ATOM   678 C CD1 . ILE A 1 111 ? -4.241  -0.515  -7.683  1.00 9.72  ? 136 ILE A CD1 1 
ATOM   679 N N   . GLU A 1 112 ? -6.489  1.696   -12.292 1.00 6.19  ? 137 GLU A N   1 
ATOM   680 C CA  . GLU A 1 112 ? -6.606  2.449   -13.534 1.00 5.29  ? 137 GLU A CA  1 
ATOM   681 C C   . GLU A 1 112 ? -7.961  3.168   -13.683 1.00 8.35  ? 137 GLU A C   1 
ATOM   682 O O   . GLU A 1 112 ? -8.036  4.322   -14.066 1.00 4.24  ? 137 GLU A O   1 
ATOM   683 C CB  . GLU A 1 112 ? -6.371  1.538   -14.741 1.00 8.46  ? 137 GLU A CB  1 
ATOM   684 C CG  . GLU A 1 112 ? -5.907  2.283   -15.982 1.00 6.61  ? 137 GLU A CG  1 
ATOM   685 C CD  . GLU A 1 112 ? -7.042  3.010   -16.703 1.00 12.40 ? 137 GLU A CD  1 
ATOM   686 O OE1 . GLU A 1 112 ? -8.207  2.491   -16.706 1.00 8.95  ? 137 GLU A OE1 1 
ATOM   687 O OE2 . GLU A 1 112 ? -6.787  4.129   -17.252 1.00 10.54 ? 137 GLU A OE2 1 
ATOM   688 N N   . GLU A 1 113 ? -9.009  2.430   -13.400 1.00 6.61  ? 138 GLU A N   1 
ATOM   689 C CA  . GLU A 1 113 ? -10.379 2.893   -13.563 1.00 8.43  ? 138 GLU A CA  1 
ATOM   690 C C   . GLU A 1 113 ? -10.790 3.993   -12.576 1.00 9.64  ? 138 GLU A C   1 
ATOM   691 O O   . GLU A 1 113 ? -11.506 4.911   -12.949 1.00 8.25  ? 138 GLU A O   1 
ATOM   692 C CB  . GLU A 1 113 ? -11.364 1.722   -13.485 1.00 9.28  ? 138 GLU A CB  1 
ATOM   693 C CG  . GLU A 1 113 ? -11.395 0.877   -14.775 1.00 17.86 ? 138 GLU A CG  1 
ATOM   694 C CD  . GLU A 1 113 ? -12.342 -0.354  -14.733 1.00 25.51 ? 138 GLU A CD  1 
ATOM   695 O OE1 . GLU A 1 113 ? -11.993 -1.469  -15.194 1.00 20.13 ? 138 GLU A OE1 1 
ATOM   696 O OE2 . GLU A 1 113 ? -13.504 -0.203  -14.243 1.00 28.12 ? 138 GLU A OE2 1 
ATOM   697 N N   . ARG A 1 114 ? -10.333 3.891   -11.327 1.00 8.95  ? 139 ARG A N   1 
ATOM   698 C CA  . ARG A 1 114 ? -10.768 4.755   -10.261 1.00 7.52  ? 139 ARG A CA  1 
ATOM   699 C C   . ARG A 1 114 ? -9.731  5.826   -9.852  1.00 9.82  ? 139 ARG A C   1 
ATOM   700 O O   . ARG A 1 114 ? -10.096 6.836   -9.309  1.00 11.23 ? 139 ARG A O   1 
ATOM   701 C CB  . ARG A 1 114 ? -11.045 3.891   -9.038  1.00 11.45 ? 139 ARG A CB  1 
ATOM   702 C CG  . ARG A 1 114 ? -12.180 2.891   -9.216  1.00 13.98 ? 139 ARG A CG  1 
ATOM   703 C CD  . ARG A 1 114 ? -12.577 2.334   -7.895  1.00 14.99 ? 139 ARG A CD  1 
ATOM   704 N NE  . ARG A 1 114 ? -13.699 1.391   -7.933  1.00 11.97 ? 139 ARG A NE  1 
ATOM   705 C CZ  . ARG A 1 114 ? -14.217 0.834   -6.864  1.00 12.53 ? 139 ARG A CZ  1 
ATOM   706 N NH1 . ARG A 1 114 ? -13.693 1.084   -5.677  1.00 9.36  ? 139 ARG A NH1 1 
ATOM   707 N NH2 . ARG A 1 114 ? -15.227 0.003   -6.986  1.00 12.42 ? 139 ARG A NH2 1 
ATOM   708 N N   . ASP A 1 115 ? -8.448  5.551   -10.060 1.00 6.14  ? 140 ASP A N   1 
ATOM   709 C CA  . ASP A 1 115 ? -7.415  6.379   -9.465  1.00 6.85  ? 140 ASP A CA  1 
ATOM   710 C C   . ASP A 1 115 ? -6.207  6.432   -10.372 1.00 6.57  ? 140 ASP A C   1 
ATOM   711 O O   . ASP A 1 115 ? -5.189  5.834   -10.106 1.00 9.86  ? 140 ASP A O   1 
ATOM   712 C CB  . ASP A 1 115 ? -7.100  5.842   -8.078  1.00 8.72  ? 140 ASP A CB  1 
ATOM   713 C CG  . ASP A 1 115 ? -6.254  6.780   -7.220  1.00 8.90  ? 140 ASP A CG  1 
ATOM   714 O OD1 . ASP A 1 115 ? -5.667  7.796   -7.658  1.00 8.49  ? 140 ASP A OD1 1 
ATOM   715 O OD2 . ASP A 1 115 ? -6.155  6.407   -6.025  1.00 10.68 ? 140 ASP A OD2 1 
ATOM   716 N N   . LYS A 1 116 ? -6.345  7.176   -11.452 1.00 5.49  ? 141 LYS A N   1 
ATOM   717 C CA  . LYS A 1 116 ? -5.232  7.348   -12.375 1.00 7.57  ? 141 LYS A CA  1 
ATOM   718 C C   . LYS A 1 116 ? -4.047  8.022   -11.752 1.00 6.59  ? 141 LYS A C   1 
ATOM   719 O O   . LYS A 1 116 ? -2.956  7.762   -12.157 1.00 7.57  ? 141 LYS A O   1 
ATOM   720 C CB  . LYS A 1 116 ? -5.679  8.046   -13.641 1.00 6.73  ? 141 LYS A CB  1 
ATOM   721 C CG  . LYS A 1 116 ? -6.679  7.263   -14.474 1.00 9.51  ? 141 LYS A CG  1 
ATOM   722 C CD  . LYS A 1 116 ? -7.260  8.096   -15.598 1.00 9.38  ? 141 LYS A CD  1 
ATOM   723 C CE  . LYS A 1 116 ? -7.971  7.197   -16.597 1.00 18.16 ? 141 LYS A CE  1 
ATOM   724 N NZ  . LYS A 1 116 ? -8.933  6.270   -15.987 1.00 13.52 ? 141 LYS A NZ  1 
ATOM   725 N N   . GLU A 1 117 ? -4.230  8.887   -10.773 1.00 6.64  ? 142 GLU A N   1 
ATOM   726 C CA  . GLU A 1 117 ? -3.054  9.489   -10.100 1.00 7.87  ? 142 GLU A CA  1 
ATOM   727 C C   . GLU A 1 117 ? -2.173  8.409   -9.478  1.00 6.20  ? 142 GLU A C   1 
ATOM   728 O O   . GLU A 1 117 ? -0.971  8.350   -9.680  1.00 5.88  ? 142 GLU A O   1 
ATOM   729 C CB  . GLU A 1 117 ? -3.491  10.555  -9.079  1.00 5.29  ? 142 GLU A CB  1 
ATOM   730 C CG  . GLU A 1 117 ? -2.317  11.121  -8.283  1.00 8.62  ? 142 GLU A CG  1 
ATOM   731 C CD  . GLU A 1 117 ? -2.751  12.100  -7.207  1.00 11.22 ? 142 GLU A CD  1 
ATOM   732 O OE1 . GLU A 1 117 ? -3.074  11.659  -6.115  1.00 8.05  ? 142 GLU A OE1 1 
ATOM   733 O OE2 . GLU A 1 117 ? -2.700  13.318  -7.444  1.00 9.25  ? 142 GLU A OE2 1 
ATOM   734 N N   . MET A 1 118 ? -2.804  7.518   -8.728  1.00 6.73  ? 143 MET A N   1 
ATOM   735 C CA  . MET A 1 118 ? -2.082  6.444   -8.088  1.00 5.47  ? 143 MET A CA  1 
ATOM   736 C C   . MET A 1 118 ? -1.546  5.494   -9.161  1.00 6.93  ? 143 MET A C   1 
ATOM   737 O O   . MET A 1 118 ? -0.441  4.944   -9.071  1.00 5.24  ? 143 MET A O   1 
ATOM   738 C CB  . MET A 1 118 ? -3.016  5.694   -7.131  1.00 6.08  ? 143 MET A CB  1 
ATOM   739 C CG  . MET A 1 118 ? -2.418  4.411   -6.537  1.00 7.85  ? 143 MET A CG  1 
ATOM   740 S SD  . MET A 1 118 ? -3.442  3.666   -5.251  1.00 15.99 ? 143 MET A SD  1 
ATOM   741 C CE  . MET A 1 118 ? -3.440  2.014   -5.775  1.00 21.72 ? 143 MET A CE  1 
ATOM   742 N N   . TYR A 1 119 ? -2.344  5.245   -10.182 1.00 6.84  ? 144 TYR A N   1 
ATOM   743 C CA  . TYR A 1 119 ? -1.947  4.286   -11.222 1.00 5.42  ? 144 TYR A CA  1 
ATOM   744 C C   . TYR A 1 119 ? -0.644  4.784   -11.842 1.00 6.13  ? 144 TYR A C   1 
ATOM   745 O O   . TYR A 1 119 ? 0.275   4.034   -12.003 1.00 4.49  ? 144 TYR A O   1 
ATOM   746 C CB  . TYR A 1 119 ? -2.993  4.179   -12.294 1.00 7.17  ? 144 TYR A CB  1 
ATOM   747 C CG  . TYR A 1 119 ? -2.779  3.098   -13.266 1.00 8.04  ? 144 TYR A CG  1 
ATOM   748 C CD1 . TYR A 1 119 ? -3.020  1.794   -12.936 1.00 9.19  ? 144 TYR A CD1 1 
ATOM   749 C CD2 . TYR A 1 119 ? -2.351  3.402   -14.579 1.00 9.40  ? 144 TYR A CD2 1 
ATOM   750 C CE1 . TYR A 1 119 ? -2.810  0.775   -13.869 1.00 10.28 ? 144 TYR A CE1 1 
ATOM   751 C CE2 . TYR A 1 119 ? -2.190  2.399   -15.516 1.00 10.33 ? 144 TYR A CE2 1 
ATOM   752 C CZ  . TYR A 1 119 ? -2.427  1.087   -15.141 1.00 8.42  ? 144 TYR A CZ  1 
ATOM   753 O OH  . TYR A 1 119 ? -2.258  0.067   -16.055 1.00 10.90 ? 144 TYR A OH  1 
ATOM   754 N N   . ASN A 1 120 ? -0.601  6.040   -12.237 1.00 8.67  ? 145 ASN A N   1 
ATOM   755 C CA  . ASN A 1 120 ? 0.646   6.562   -12.813 1.00 9.12  ? 145 ASN A CA  1 
ATOM   756 C C   . ASN A 1 120 ? 1.829   6.452   -11.836 1.00 7.33  ? 145 ASN A C   1 
ATOM   757 O O   . ASN A 1 120 ? 2.872   6.100   -12.243 1.00 7.40  ? 145 ASN A O   1 
ATOM   758 C CB  . ASN A 1 120 ? 0.459   7.990   -13.274 1.00 9.30  ? 145 ASN A CB  1 
ATOM   759 C CG  . ASN A 1 120 ? -0.293  8.068   -14.586 1.00 12.14 ? 145 ASN A CG  1 
ATOM   760 O OD1 . ASN A 1 120 ? -0.502  7.045   -15.243 1.00 13.26 ? 145 ASN A OD1 1 
ATOM   761 N ND2 . ASN A 1 120 ? -0.722  9.236   -14.972 1.00 13.37 ? 145 ASN A ND2 1 
ATOM   762 N N   . GLU A 1 121 ? 1.644   6.736   -10.551 1.00 5.47  ? 146 GLU A N   1 
ATOM   763 C CA  . GLU A 1 121 ? 2.742   6.627   -9.620  1.00 7.13  ? 146 GLU A CA  1 
ATOM   764 C C   . GLU A 1 121 ? 3.294   5.165   -9.519  1.00 7.86  ? 146 GLU A C   1 
ATOM   765 O O   . GLU A 1 121 ? 4.506   4.928   -9.423  1.00 6.09  ? 146 GLU A O   1 
ATOM   766 C CB  . GLU A 1 121 ? 2.348   7.220   -8.275  1.00 7.68  ? 146 GLU A CB  1 
ATOM   767 C CG  . GLU A 1 121 ? 2.071   8.729   -8.310  1.00 9.84  ? 146 GLU A CG  1 
ATOM   768 C CD  . GLU A 1 121 ? 1.899   9.334   -6.921  1.00 6.55  ? 146 GLU A CD  1 
ATOM   769 O OE1 . GLU A 1 121 ? 1.826   8.581   -5.944  1.00 5.65  ? 146 GLU A OE1 1 
ATOM   770 O OE2 . GLU A 1 121 ? 1.858   10.553  -6.839  1.00 8.20  ? 146 GLU A OE2 1 
ATOM   771 N N   . ILE A 1 122 ? 2.370   4.205   -9.526  1.00 7.06  ? 147 ILE A N   1 
ATOM   772 C CA  . ILE A 1 122 ? 2.674   2.767   -9.466  1.00 8.22  ? 147 ILE A CA  1 
ATOM   773 C C   . ILE A 1 122 ? 3.442   2.319   -10.706 1.00 7.85  ? 147 ILE A C   1 
ATOM   774 O O   . ILE A 1 122 ? 4.508   1.744   -10.623 1.00 8.56  ? 147 ILE A O   1 
ATOM   775 C CB  . ILE A 1 122 ? 1.362   1.968   -9.341  1.00 5.77  ? 147 ILE A CB  1 
ATOM   776 C CG1 . ILE A 1 122 ? 0.785   2.138   -7.931  1.00 6.34  ? 147 ILE A CG1 1 
ATOM   777 C CG2 . ILE A 1 122 ? 1.562   0.489   -9.661  1.00 7.61  ? 147 ILE A CG2 1 
ATOM   778 C CD1 . ILE A 1 122 ? -0.626  1.609   -7.801  1.00 2.97  ? 147 ILE A CD1 1 
ATOM   779 N N   . ILE A 1 123 ? 2.844   2.585   -11.844 1.00 5.77  ? 148 ILE A N   1 
ATOM   780 C CA  . ILE A 1 123 ? 3.401   2.229   -13.128 1.00 8.94  ? 148 ILE A CA  1 
ATOM   781 C C   . ILE A 1 123 ? 4.789   2.817   -13.307 1.00 11.05 ? 148 ILE A C   1 
ATOM   782 O O   . ILE A 1 123 ? 5.660   2.165   -13.845 1.00 13.47 ? 148 ILE A O   1 
ATOM   783 C CB  . ILE A 1 123 ? 2.463   2.764   -14.248 1.00 14.27 ? 148 ILE A CB  1 
ATOM   784 C CG1 . ILE A 1 123 ? 1.195   1.974   -14.344 1.00 11.54 ? 148 ILE A CG1 1 
ATOM   785 C CG2 . ILE A 1 123 ? 3.129   2.790   -15.592 1.00 22.62 ? 148 ILE A CG2 1 
ATOM   786 C CD1 . ILE A 1 123 ? 1.355   0.500   -14.326 1.00 15.73 ? 148 ILE A CD1 1 
ATOM   787 N N   . ARG A 1 124 ? 4.968   4.071   -12.901 1.00 13.56 ? 149 ARG A N   1 
ATOM   788 C CA  . ARG A 1 124 ? 6.258   4.790   -13.089 1.00 17.52 ? 149 ARG A CA  1 
ATOM   789 C C   . ARG A 1 124 ? 7.361   4.129   -12.308 1.00 17.70 ? 149 ARG A C   1 
ATOM   790 O O   . ARG A 1 124 ? 8.511   4.009   -12.826 1.00 14.64 ? 149 ARG A O   1 
ATOM   791 C CB  . ARG A 1 124 ? 6.151   6.268   -12.728 1.00 15.54 ? 149 ARG A CB  1 
ATOM   792 C CG  . ARG A 1 124 ? 5.308   6.975   -13.792 1.00 14.44 ? 149 ARG A CG  1 
ATOM   793 C CD  . ARG A 1 124 ? 5.027   8.428   -13.439 1.00 18.74 ? 149 ARG A CD  1 
ATOM   794 N NE  . ARG A 1 124 ? 4.290   9.134   -14.505 1.00 23.03 ? 149 ARG A NE  1 
ATOM   795 C CZ  . ARG A 1 124 ? 3.541   10.220  -14.300 1.00 21.62 ? 149 ARG A CZ  1 
ATOM   796 N NH1 . ARG A 1 124 ? 3.440   10.718  -13.080 1.00 24.18 ? 149 ARG A NH1 1 
ATOM   797 N NH2 . ARG A 1 124 ? 2.889   10.810  -15.306 1.00 20.46 ? 149 ARG A NH2 1 
ATOM   798 N N   . VAL A 1 125 ? 6.991   3.614   -11.123 1.00 11.43 ? 150 VAL A N   1 
ATOM   799 C CA  . VAL A 1 125 ? 7.933   2.798   -10.339 1.00 16.08 ? 150 VAL A CA  1 
ATOM   800 C C   . VAL A 1 125 ? 8.224   1.465   -11.004 1.00 16.84 ? 150 VAL A C   1 
ATOM   801 O O   . VAL A 1 125 ? 9.367   1.029   -11.037 1.00 25.45 ? 150 VAL A O   1 
ATOM   802 C CB  . VAL A 1 125 ? 7.368   2.549   -8.911  1.00 18.36 ? 150 VAL A CB  1 
ATOM   803 C CG1 . VAL A 1 125 ? 8.097   1.411   -8.179  1.00 18.57 ? 150 VAL A CG1 1 
ATOM   804 C CG2 . VAL A 1 125 ? 7.424   3.839   -8.146  1.00 14.45 ? 150 VAL A CG2 1 
ATOM   805 N N   . LEU A 1 126 ? 7.176   0.789   -11.492 1.00 17.29 ? 151 LEU A N   1 
ATOM   806 C CA  . LEU A 1 126 ? 7.343   -0.549  -12.096 1.00 19.21 ? 151 LEU A CA  1 
ATOM   807 C C   . LEU A 1 126 ? 8.173   -0.402  -13.370 1.00 24.10 ? 151 LEU A C   1 
ATOM   808 O O   . LEU A 1 126 ? 9.069   -1.237  -13.660 1.00 22.89 ? 151 LEU A O   1 
ATOM   809 C CB  . LEU A 1 126 ? 5.992   -1.174  -12.391 1.00 15.09 ? 151 LEU A CB  1 
ATOM   810 C CG  . LEU A 1 126 ? 5.101   -1.387  -11.175 1.00 14.66 ? 151 LEU A CG  1 
ATOM   811 C CD1 . LEU A 1 126 ? 3.808   -2.039  -11.647 1.00 9.52  ? 151 LEU A CD1 1 
ATOM   812 C CD2 . LEU A 1 126 ? 5.854   -2.210  -10.137 1.00 11.09 ? 151 LEU A CD2 1 
ATOM   813 N N   . LYS A 1 127 ? 7.885   0.709   -14.075 1.00 18.57 ? 152 LYS A N   1 
ATOM   814 C CA  . LYS A 1 127 ? 8.410   0.968   -15.376 1.00 19.58 ? 152 LYS A CA  1 
ATOM   815 C C   . LYS A 1 127 ? 9.848   1.386   -15.333 1.00 26.20 ? 152 LYS A C   1 
ATOM   816 O O   . LYS A 1 127 ? 10.668  0.852   -16.130 1.00 20.02 ? 152 LYS A O   1 
ATOM   817 C CB  . LYS A 1 127 ? 7.569   1.996   -16.113 1.00 15.38 ? 152 LYS A CB  1 
ATOM   818 C CG  . LYS A 1 127 ? 6.310   1.378   -16.659 1.00 13.34 ? 152 LYS A CG  1 
ATOM   819 C CD  . LYS A 1 127 ? 5.678   2.399   -17.517 1.00 18.44 ? 152 LYS A CD  1 
ATOM   820 C CE  . LYS A 1 127 ? 4.325   1.853   -17.942 1.00 31.97 ? 152 LYS A CE  1 
ATOM   821 N NZ  . LYS A 1 127 ? 4.258   0.945   -19.142 1.00 24.38 ? 152 LYS A NZ  1 
ATOM   822 N N   . ASN A 1 128 ? 10.202  2.276   -14.405 1.00 19.88 ? 153 ASN A N   1 
ATOM   823 C CA  . ASN A 1 128 ? 11.618  2.708   -14.391 1.00 21.86 ? 153 ASN A CA  1 
ATOM   824 C C   . ASN A 1 128 ? 12.543  1.667   -13.837 1.00 25.06 ? 153 ASN A C   1 
ATOM   825 O O   . ASN A 1 128 ? 13.753  1.815   -13.951 1.00 34.36 ? 153 ASN A O   1 
ATOM   826 C CB  . ASN A 1 128 ? 11.850  4.025   -13.672 1.00 23.80 ? 153 ASN A CB  1 
ATOM   827 C CG  . ASN A 1 128 ? 11.617  3.920   -12.217 1.00 28.02 ? 153 ASN A CG  1 
ATOM   828 O OD1 . ASN A 1 128 ? 10.831  3.085   -11.774 1.00 32.88 ? 153 ASN A OD1 1 
ATOM   829 N ND2 . ASN A 1 128 ? 12.314  4.752   -11.435 1.00 41.88 ? 153 ASN A ND2 1 
ATOM   830 N N   . SER A 1 129 ? 11.996  0.630   -13.217 1.00 22.89 ? 154 SER A N   1 
ATOM   831 C CA  . SER A 1 129 ? 12.827  -0.472  -12.823 1.00 19.41 ? 154 SER A CA  1 
ATOM   832 C C   . SER A 1 129 ? 13.217  -1.226  -14.074 1.00 19.33 ? 154 SER A C   1 
ATOM   833 O O   . SER A 1 129 ? 13.891  -2.269  -13.969 1.00 28.27 ? 154 SER A O   1 
ATOM   834 C CB  . SER A 1 129 ? 12.100  -1.348  -11.816 1.00 29.12 ? 154 SER A CB  1 
ATOM   835 O OG  . SER A 1 129 ? 11.930  -0.606  -10.605 1.00 34.68 ? 154 SER A OG  1 
HETATM 836 I I   . IOD B 2 .   ? -7.836  10.424  -10.575 0.98 11.75 ? 201 IOD A I   1 
HETATM 837 I I   . IOD C 2 .   ? -6.745  7.766   2.588   0.95 14.99 ? 202 IOD A I   1 
HETATM 838 I I   . IOD D 2 .   ? -0.020  10.756  0.767   0.28 14.20 ? 203 IOD A I   1 
HETATM 839 I I   . IOD E 2 .   ? -2.541  9.774   8.509   0.25 22.76 ? 204 IOD A I   1 
HETATM 840 I I   . IOD F 2 .   ? -11.974 6.752   -5.873  0.29 30.41 ? 205 IOD A I   1 
HETATM 841 O O   . HOH G 3 .   ? -11.558 -2.460  13.358  1.00 23.24 ? 301 HOH A O   1 
HETATM 842 O O   . HOH G 3 .   ? 1.601   10.342  -17.182 1.00 21.51 ? 302 HOH A O   1 
HETATM 843 O O   . HOH G 3 .   ? -8.350  -7.014  13.385  1.00 24.79 ? 303 HOH A O   1 
HETATM 844 O O   . HOH G 3 .   ? 0.890   -14.280 -3.455  1.00 18.79 ? 304 HOH A O   1 
HETATM 845 O O   . HOH G 3 .   ? 3.078   -0.723  -17.918 1.00 17.62 ? 305 HOH A O   1 
HETATM 846 O O   . HOH G 3 .   ? 4.658   7.567   11.631  1.00 19.39 ? 306 HOH A O   1 
HETATM 847 O O   . HOH G 3 .   ? -3.183  13.321  6.158   1.00 26.98 ? 307 HOH A O   1 
HETATM 848 O O   . HOH G 3 .   ? 10.641  6.494   -11.113 1.00 6.21  ? 308 HOH A O   1 
HETATM 849 O O   . HOH G 3 .   ? 8.394   6.089   -6.477  1.00 21.51 ? 309 HOH A O   1 
HETATM 850 O O   . HOH G 3 .   ? -13.197 4.280   0.203   1.00 6.83  ? 310 HOH A O   1 
HETATM 851 O O   . HOH G 3 .   ? 4.579   15.372  1.895   1.00 37.99 ? 311 HOH A O   1 
HETATM 852 O O   . HOH G 3 .   ? 13.724  0.168   7.014   1.00 27.06 ? 312 HOH A O   1 
HETATM 853 O O   . HOH G 3 .   ? -0.143  14.262  -8.359  1.00 9.08  ? 313 HOH A O   1 
HETATM 854 O O   . HOH G 3 .   ? 11.629  2.343   -9.415  1.00 28.67 ? 314 HOH A O   1 
HETATM 855 O O   . HOH G 3 .   ? 0.878   12.357  3.000   1.00 21.82 ? 315 HOH A O   1 
HETATM 856 O O   . HOH G 3 .   ? 6.501   -7.413  5.259   1.00 13.33 ? 316 HOH A O   1 
HETATM 857 O O   . HOH G 3 .   ? 8.839   -4.829  -0.716  1.00 21.15 ? 317 HOH A O   1 
HETATM 858 O O   . HOH G 3 .   ? 4.219   -11.440 10.233  1.00 12.71 ? 318 HOH A O   1 
HETATM 859 O O   . HOH G 3 .   ? -7.801  5.270   -4.322  1.00 12.06 ? 319 HOH A O   1 
HETATM 860 O O   . HOH G 3 .   ? -2.755  -11.868 13.047  1.00 29.12 ? 320 HOH A O   1 
HETATM 861 O O   . HOH G 3 .   ? -8.594  -11.400 7.499   1.00 10.79 ? 321 HOH A O   1 
HETATM 862 O O   . HOH G 3 .   ? -4.661  5.525   -18.002 1.00 13.16 ? 322 HOH A O   1 
HETATM 863 O O   . HOH G 3 .   ? 8.248   -1.473  3.353   1.00 14.40 ? 323 HOH A O   1 
HETATM 864 O O   . HOH G 3 .   ? 11.539  4.567   4.927   1.00 12.79 ? 324 HOH A O   1 
HETATM 865 O O   . HOH G 3 .   ? -3.813  -2.060  -15.646 1.00 8.97  ? 325 HOH A O   1 
HETATM 866 O O   . HOH G 3 .   ? 3.283   13.713  -1.869  1.00 22.44 ? 326 HOH A O   1 
HETATM 867 O O   . HOH G 3 .   ? -12.880 7.127   -12.294 1.00 17.66 ? 327 HOH A O   1 
HETATM 868 O O   . HOH G 3 .   ? 9.746   -2.106  -16.118 1.00 26.34 ? 328 HOH A O   1 
HETATM 869 O O   . HOH G 3 .   ? 6.577   4.493   17.447  1.00 18.06 ? 329 HOH A O   1 
HETATM 870 O O   . HOH G 3 .   ? -12.342 -2.825  -2.358  1.00 11.24 ? 330 HOH A O   1 
HETATM 871 O O   . HOH G 3 .   ? 9.918   0.221   2.042   1.00 19.15 ? 331 HOH A O   1 
HETATM 872 O O   . HOH G 3 .   ? -6.236  7.418   14.095  1.00 24.18 ? 332 HOH A O   1 
HETATM 873 O O   . HOH G 3 .   ? 1.847   4.401   18.598  1.00 26.76 ? 333 HOH A O   1 
HETATM 874 O O   . HOH G 3 .   ? 8.856   1.986   13.253  1.00 17.23 ? 334 HOH A O   1 
HETATM 875 O O   . HOH G 3 .   ? 11.659  9.866   5.356   1.00 28.80 ? 335 HOH A O   1 
HETATM 876 O O   . HOH G 3 .   ? -12.403 -11.595 8.421   1.00 23.37 ? 336 HOH A O   1 
HETATM 877 O O   . HOH G 3 .   ? 10.979  -5.510  -3.373  1.00 29.88 ? 337 HOH A O   1 
HETATM 878 O O   . HOH G 3 .   ? -10.928 -4.969  -3.905  1.00 15.84 ? 338 HOH A O   1 
HETATM 879 O O   . HOH G 3 .   ? -2.765  -11.795 8.549   1.00 14.15 ? 339 HOH A O   1 
HETATM 880 O O   . HOH G 3 .   ? 6.810   -13.124 7.846   1.00 15.89 ? 340 HOH A O   1 
HETATM 881 O O   . HOH G 3 .   ? -13.481 -1.056  -11.553 1.00 20.29 ? 341 HOH A O   1 
HETATM 882 O O   . HOH G 3 .   ? 11.950  14.523  6.431   1.00 21.16 ? 342 HOH A O   1 
HETATM 883 O O   . HOH G 3 .   ? -3.258  13.641  -4.088  1.00 25.91 ? 343 HOH A O   1 
HETATM 884 O O   . HOH G 3 .   ? 6.095   7.078   -8.434  1.00 22.17 ? 344 HOH A O   1 
HETATM 885 O O   . HOH G 3 .   ? -1.546  13.455  -1.074  1.00 29.17 ? 345 HOH A O   1 
HETATM 886 O O   . HOH G 3 .   ? 6.619   6.314   -0.446  1.00 10.87 ? 346 HOH A O   1 
HETATM 887 O O   . HOH G 3 .   ? 1.422   12.325  -9.080  1.00 6.63  ? 347 HOH A O   1 
HETATM 888 O O   . HOH G 3 .   ? 1.559   12.301  -0.044  1.00 26.04 ? 348 HOH A O   1 
HETATM 889 O O   . HOH G 3 .   ? 9.308   -4.696  6.297   1.00 24.51 ? 349 HOH A O   1 
HETATM 890 O O   . HOH G 3 .   ? -9.542  -11.898 2.497   1.00 7.97  ? 350 HOH A O   1 
HETATM 891 O O   . HOH G 3 .   ? -10.351 4.226   -17.660 1.00 13.33 ? 351 HOH A O   1 
HETATM 892 O O   . HOH G 3 .   ? -5.345  2.690   16.248  1.00 29.43 ? 352 HOH A O   1 
HETATM 893 O O   . HOH G 3 .   ? -9.540  -0.331  3.315   1.00 6.95  ? 353 HOH A O   1 
HETATM 894 O O   . HOH G 3 .   ? -12.616 -2.867  -19.538 1.00 27.27 ? 354 HOH A O   1 
HETATM 895 O O   . HOH G 3 .   ? -8.061  4.179   -19.908 1.00 17.94 ? 355 HOH A O   1 
HETATM 896 O O   . HOH G 3 .   ? 3.849   13.150  -9.697  1.00 22.93 ? 356 HOH A O   1 
HETATM 897 O O   . HOH G 3 .   ? -2.747  9.249   -0.850  1.00 11.48 ? 357 HOH A O   1 
HETATM 898 O O   . HOH G 3 .   ? 8.008   -11.818 5.411   1.00 26.60 ? 358 HOH A O   1 
HETATM 899 O O   . HOH G 3 .   ? -0.273  -3.088  13.796  1.00 19.42 ? 359 HOH A O   1 
HETATM 900 O O   . HOH G 3 .   ? -4.515  9.428   17.213  1.00 33.63 ? 360 HOH A O   1 
HETATM 901 O O   . HOH G 3 .   ? -12.682 -6.489  -0.939  1.00 8.33  ? 361 HOH A O   1 
HETATM 902 O O   . HOH G 3 .   ? -13.131 -2.951  -10.528 1.00 17.81 ? 362 HOH A O   1 
HETATM 903 O O   . HOH G 3 .   ? -4.421  9.485   13.265  1.00 31.48 ? 363 HOH A O   1 
HETATM 904 O O   . HOH G 3 .   ? 13.594  3.576   3.730   1.00 33.06 ? 364 HOH A O   1 
HETATM 905 O O   . HOH G 3 .   ? -5.318  -6.006  -13.039 1.00 7.20  ? 365 HOH A O   1 
HETATM 906 O O   . HOH G 3 .   ? -6.722  -12.478 8.533   1.00 26.85 ? 366 HOH A O   1 
HETATM 907 O O   . HOH G 3 .   ? -3.043  -3.224  14.090  1.00 18.21 ? 367 HOH A O   1 
HETATM 908 O O   . HOH G 3 .   ? 3.677   -9.531  13.141  1.00 17.82 ? 368 HOH A O   1 
HETATM 909 O O   . HOH G 3 .   ? 13.459  6.926   5.249   1.00 28.39 ? 369 HOH A O   1 
HETATM 910 O O   . HOH G 3 .   ? -10.111 -5.339  -7.428  1.00 6.92  ? 370 HOH A O   1 
HETATM 911 O O   . HOH G 3 .   ? 3.159   -8.738  -10.486 1.00 22.02 ? 371 HOH A O   1 
HETATM 912 O O   . HOH G 3 .   ? -15.870 -1.495  -9.851  1.00 21.54 ? 372 HOH A O   1 
HETATM 913 O O   . HOH G 3 .   ? 9.203   15.431  -7.548  1.00 29.70 ? 373 HOH A O   1 
HETATM 914 O O   . HOH G 3 .   ? 13.639  1.294   4.607   1.00 28.81 ? 374 HOH A O   1 
HETATM 915 O O   . HOH G 3 .   ? -8.437  -0.657  15.404  1.00 21.99 ? 375 HOH A O   1 
HETATM 916 O O   . HOH G 3 .   ? 1.370   -16.897 7.374   1.00 30.83 ? 376 HOH A O   1 
HETATM 917 O O   . HOH G 3 .   ? 10.881  -6.995  -5.187  1.00 29.62 ? 377 HOH A O   1 
HETATM 918 O O   . HOH G 3 .   ? 5.496   9.960   -10.159 1.00 16.53 ? 378 HOH A O   1 
HETATM 919 O O   . HOH G 3 .   ? 10.434  4.393   -17.259 1.00 14.83 ? 379 HOH A O   1 
HETATM 920 O O   . HOH G 3 .   ? 9.327   -10.129 -8.786  1.00 27.02 ? 380 HOH A O   1 
HETATM 921 O O   . HOH G 3 .   ? -12.429 -9.881  14.753  1.00 28.91 ? 381 HOH A O   1 
HETATM 922 O O   . HOH G 3 .   ? -6.343  0.147   16.370  1.00 15.26 ? 382 HOH A O   1 
HETATM 923 O O   . HOH G 3 .   ? -5.076  13.957  -1.893  1.00 29.34 ? 383 HOH A O   1 
HETATM 924 O O   . HOH G 3 .   ? 7.613   -6.195  -10.071 1.00 19.61 ? 384 HOH A O   1 
HETATM 925 O O   . HOH G 3 .   ? -11.835 -6.886  -5.393  1.00 23.44 ? 385 HOH A O   1 
HETATM 926 O O   . HOH G 3 .   ? -14.129 -8.363  -1.565  1.00 27.50 ? 386 HOH A O   1 
HETATM 927 O O   . HOH G 3 .   ? 5.605   -5.852  -12.413 1.00 21.73 ? 387 HOH A O   1 
# 
